data_7WDW
#
_entry.id   7WDW
#
_cell.length_a   88.103
_cell.length_b   69.292
_cell.length_c   104.340
_cell.angle_alpha   90.000
_cell.angle_beta   92.190
_cell.angle_gamma   90.000
#
_symmetry.space_group_name_H-M   'P 1 21 1'
#
loop_
_entity.id
_entity.type
_entity.pdbx_description
1 polymer DSYB
2 non-polymer S-ADENOSYL-L-HOMOCYSTEINE
3 non-polymer '4-methylsulfanyl-2-oxidanyl-butanoic acid'
4 non-polymer 2-AMINO-2-HYDROXYMETHYL-PROPANE-1,3-DIOL
5 water water
#
_entity_poly.entity_id   1
_entity_poly.type   'polypeptide(L)'
_entity_poly.pdbx_seq_one_letter_code
;MTLLTNAEEISDIAFGFMGSKALFAALHHGVFTCLADGPLSVEEMAAATGLHPDRVQTLLTALASLGVVSAVEGRFANSP
AAESFLVKGAKYDFGDYLRLQVDRQMYGLLDQIEDAIANNLPDDATSSYADWFSDPEQAKLYSNSQHAGSLGPARGLAKL
IDLSGGKKLLDVGGGTGAFAITLCKAFADLAATIVDFPNVAALGKGYVEKAGLSDRIEYVIGDALRTEWPREQDAILMSY
LFSGVAGDEHDSLLKRAYDHLVPGGRLLIHDFVVTADRTGPKLAALWQLQHTAFTPEARSLDDEWLAEQLKKTGFTDVKV
GPMIPGMTMLAEAVRPEHHHHHH
;
_entity_poly.pdbx_strand_id   A,B,C,D
#
loop_
_chem_comp.id
_chem_comp.type
_chem_comp.name
_chem_comp.formula
H9L non-polymer '4-methylsulfanyl-2-oxidanyl-butanoic acid' 'C5 H10 O3 S'
TRS non-polymer 2-AMINO-2-HYDROXYMETHYL-PROPANE-1,3-DIOL 'C4 H12 N O3 1'
#
# COMPACT_ATOMS: atom_id res chain seq x y z
N THR A 2 -4.63 0.19 7.96
CA THR A 2 -4.37 1.61 7.73
C THR A 2 -5.29 2.49 8.59
N LEU A 3 -4.76 3.61 9.04
CA LEU A 3 -5.52 4.63 9.75
C LEU A 3 -5.08 5.96 9.15
N LEU A 4 -6.04 6.75 8.69
CA LEU A 4 -5.74 7.94 7.90
C LEU A 4 -5.08 9.06 8.69
N THR A 5 -4.21 9.78 7.99
CA THR A 5 -3.39 10.84 8.58
C THR A 5 -3.44 12.15 7.77
N ASN A 6 -3.25 12.06 6.44
CA ASN A 6 -3.28 13.20 5.53
C ASN A 6 -4.71 13.61 5.17
N ALA A 7 -4.89 14.88 4.84
CA ALA A 7 -6.08 15.31 4.11
C ALA A 7 -6.13 14.66 2.70
N GLU A 8 -4.96 14.53 2.07
CA GLU A 8 -4.85 13.80 0.80
C GLU A 8 -5.31 12.36 0.90
N GLU A 9 -5.07 11.73 2.05
CA GLU A 9 -5.45 10.33 2.23
C GLU A 9 -6.96 10.22 2.30
N ILE A 10 -7.57 11.17 2.98
CA ILE A 10 -9.01 11.31 2.96
C ILE A 10 -9.47 11.52 1.53
N SER A 11 -8.73 12.32 0.77
CA SER A 11 -9.13 12.59 -0.61
C SER A 11 -9.07 11.32 -1.46
N ASP A 12 -8.12 10.44 -1.15
CA ASP A 12 -8.00 9.15 -1.83
C ASP A 12 -9.29 8.32 -1.71
N ILE A 13 -9.87 8.34 -0.53
CA ILE A 13 -11.13 7.63 -0.31
C ILE A 13 -12.30 8.43 -0.91
N ALA A 14 -12.40 9.70 -0.57
CA ALA A 14 -13.46 10.57 -1.09
C ALA A 14 -13.67 10.45 -2.60
N PHE A 15 -12.60 10.42 -3.37
CA PHE A 15 -12.75 10.43 -4.82
C PHE A 15 -12.49 9.10 -5.49
N GLY A 16 -12.62 8.02 -4.73
CA GLY A 16 -12.49 6.67 -5.26
C GLY A 16 -13.58 6.32 -6.26
N PHE A 17 -14.77 6.93 -6.12
CA PHE A 17 -15.86 6.68 -7.09
C PHE A 17 -15.45 7.10 -8.49
N MET A 18 -14.62 8.14 -8.56
CA MET A 18 -14.13 8.62 -9.84
C MET A 18 -13.30 7.58 -10.58
N GLY A 19 -12.38 6.91 -9.87
CA GLY A 19 -11.59 5.82 -10.46
C GLY A 19 -12.44 4.64 -10.91
N SER A 20 -13.40 4.24 -10.07
CA SER A 20 -14.37 3.18 -10.45
C SER A 20 -15.06 3.50 -11.77
N LYS A 21 -15.42 4.77 -11.94
CA LYS A 21 -16.12 5.19 -13.14
C LYS A 21 -15.19 5.34 -14.35
N ALA A 22 -13.92 5.62 -14.13
CA ALA A 22 -12.93 5.54 -15.21
C ALA A 22 -12.85 4.13 -15.79
N LEU A 23 -12.75 3.14 -14.92
CA LEU A 23 -12.74 1.76 -15.37
C LEU A 23 -14.04 1.46 -16.11
N PHE A 24 -15.17 1.79 -15.49
CA PHE A 24 -16.50 1.44 -16.03
C PHE A 24 -16.74 2.04 -17.41
N ALA A 25 -16.41 3.31 -17.56
CA ALA A 25 -16.57 3.98 -18.83
C ALA A 25 -15.70 3.32 -19.89
N ALA A 26 -14.45 3.01 -19.56
CA ALA A 26 -13.52 2.38 -20.50
C ALA A 26 -14.09 1.06 -20.96
N LEU A 27 -14.69 0.34 -20.02
CA LEU A 27 -15.35 -0.91 -20.34
C LEU A 27 -16.48 -0.72 -21.35
N HIS A 28 -17.38 0.24 -21.11
CA HIS A 28 -18.50 0.46 -22.02
C HIS A 28 -18.02 0.71 -23.44
N HIS A 29 -16.94 1.47 -23.56
CA HIS A 29 -16.40 1.81 -24.87
C HIS A 29 -15.31 0.88 -25.40
N GLY A 30 -15.22 -0.32 -24.81
CA GLY A 30 -14.32 -1.37 -25.25
C GLY A 30 -12.87 -0.96 -25.37
N VAL A 31 -12.39 -0.15 -24.43
CA VAL A 31 -11.04 0.40 -24.45
C VAL A 31 -9.95 -0.70 -24.38
N PHE A 32 -10.06 -1.57 -23.40
CA PHE A 32 -9.09 -2.62 -23.21
C PHE A 32 -9.09 -3.66 -24.35
N THR A 33 -10.24 -3.85 -24.99
CA THR A 33 -10.26 -4.70 -26.17
C THR A 33 -9.47 -4.09 -27.32
N CYS A 34 -9.51 -2.78 -27.49
CA CYS A 34 -8.83 -2.15 -28.60
C CYS A 34 -7.32 -2.16 -28.41
N LEU A 35 -6.89 -2.23 -27.17
CA LEU A 35 -5.46 -2.24 -26.86
C LEU A 35 -4.86 -3.65 -26.98
N ALA A 36 -5.73 -4.65 -27.14
CA ALA A 36 -5.30 -6.05 -27.11
C ALA A 36 -4.25 -6.37 -28.15
N ASP A 37 -4.24 -5.64 -29.25
CA ASP A 37 -3.26 -5.93 -30.30
C ASP A 37 -2.03 -5.04 -30.22
N GLY A 38 -1.80 -4.44 -29.06
CA GLY A 38 -0.60 -3.66 -28.84
C GLY A 38 -0.86 -2.20 -28.53
N PRO A 39 0.19 -1.48 -28.10
CA PRO A 39 0.11 -0.06 -27.75
C PRO A 39 -0.55 0.77 -28.84
N LEU A 40 -1.24 1.82 -28.42
CA LEU A 40 -1.92 2.74 -29.33
C LEU A 40 -1.76 4.18 -28.85
N SER A 41 -1.61 5.11 -29.80
CA SER A 41 -1.61 6.53 -29.49
C SER A 41 -3.03 6.97 -29.15
N VAL A 42 -3.12 8.12 -28.49
CA VAL A 42 -4.42 8.76 -28.26
C VAL A 42 -5.25 8.81 -29.53
N GLU A 43 -4.64 9.22 -30.63
CA GLU A 43 -5.35 9.35 -31.90
C GLU A 43 -5.77 7.99 -32.47
N GLU A 44 -4.91 6.99 -32.29
CA GLU A 44 -5.26 5.65 -32.74
C GLU A 44 -6.43 5.09 -31.94
N MET A 45 -6.51 5.45 -30.66
CA MET A 45 -7.64 5.03 -29.82
C MET A 45 -8.93 5.75 -30.24
N ALA A 46 -8.81 7.05 -30.52
CA ALA A 46 -9.97 7.84 -30.92
C ALA A 46 -10.60 7.21 -32.15
N ALA A 47 -9.75 6.80 -33.10
CA ALA A 47 -10.22 6.12 -34.31
C ALA A 47 -10.84 4.75 -34.03
N ALA A 48 -10.34 4.05 -33.02
CA ALA A 48 -10.78 2.68 -32.78
C ALA A 48 -12.08 2.58 -31.97
N THR A 49 -12.44 3.66 -31.28
CA THR A 49 -13.55 3.61 -30.37
C THR A 49 -14.64 4.62 -30.72
N GLY A 50 -14.33 5.52 -31.64
CA GLY A 50 -15.26 6.55 -32.03
C GLY A 50 -15.34 7.66 -31.02
N LEU A 51 -14.38 7.71 -30.10
CA LEU A 51 -14.32 8.79 -29.12
C LEU A 51 -13.42 9.93 -29.60
N HIS A 52 -13.72 11.14 -29.16
CA HIS A 52 -12.91 12.30 -29.48
C HIS A 52 -11.55 12.17 -28.81
N PRO A 53 -10.46 12.50 -29.53
CA PRO A 53 -9.10 12.37 -29.00
C PRO A 53 -8.91 12.97 -27.61
N ASP A 54 -9.42 14.18 -27.38
CA ASP A 54 -9.25 14.86 -26.09
C ASP A 54 -9.98 14.13 -24.98
N ARG A 55 -11.09 13.48 -25.31
CA ARG A 55 -11.79 12.70 -24.31
C ARG A 55 -11.05 11.41 -23.96
N VAL A 56 -10.44 10.76 -24.96
CA VAL A 56 -9.71 9.51 -24.71
C VAL A 56 -8.46 9.81 -23.90
N GLN A 57 -7.79 10.90 -24.24
CA GLN A 57 -6.63 11.33 -23.50
C GLN A 57 -7.01 11.45 -22.02
N THR A 58 -8.15 12.06 -21.73
CA THR A 58 -8.57 12.24 -20.35
C THR A 58 -8.96 10.93 -19.68
N LEU A 59 -9.62 10.06 -20.44
CA LEU A 59 -9.99 8.75 -19.93
C LEU A 59 -8.74 7.91 -19.63
N LEU A 60 -7.86 7.78 -20.63
CA LEU A 60 -6.65 6.98 -20.49
C LEU A 60 -5.71 7.53 -19.43
N THR A 61 -5.55 8.85 -19.39
CA THR A 61 -4.71 9.45 -18.36
C THR A 61 -5.18 8.98 -16.99
N ALA A 62 -6.48 8.92 -16.80
CA ALA A 62 -7.02 8.55 -15.51
C ALA A 62 -6.69 7.09 -15.26
N LEU A 63 -6.92 6.27 -16.29
CA LEU A 63 -6.59 4.85 -16.25
C LEU A 63 -5.12 4.61 -15.95
N ALA A 64 -4.23 5.34 -16.61
CA ALA A 64 -2.81 5.14 -16.43
C ALA A 64 -2.43 5.43 -14.98
N SER A 65 -3.06 6.46 -14.41
CA SER A 65 -2.72 6.86 -13.05
C SER A 65 -3.21 5.84 -12.02
N LEU A 66 -4.11 4.95 -12.43
CA LEU A 66 -4.58 3.89 -11.56
C LEU A 66 -3.84 2.59 -11.82
N GLY A 67 -2.90 2.63 -12.76
CA GLY A 67 -2.15 1.45 -13.11
C GLY A 67 -2.88 0.47 -14.01
N VAL A 68 -4.07 0.82 -14.46
CA VAL A 68 -4.85 -0.11 -15.29
C VAL A 68 -4.28 -0.19 -16.72
N VAL A 69 -3.59 0.85 -17.15
CA VAL A 69 -2.89 0.83 -18.43
C VAL A 69 -1.55 1.51 -18.25
N SER A 70 -0.63 1.24 -19.17
CA SER A 70 0.68 1.85 -19.17
C SER A 70 0.72 3.08 -20.08
N ALA A 71 1.56 4.04 -19.73
CA ALA A 71 1.66 5.26 -20.51
C ALA A 71 3.11 5.55 -20.84
N VAL A 72 3.53 5.16 -22.03
CA VAL A 72 4.93 5.29 -22.44
C VAL A 72 5.10 5.98 -23.80
N GLU A 73 5.69 7.18 -23.79
CA GLU A 73 5.91 7.98 -25.01
C GLU A 73 4.63 8.20 -25.80
N GLY A 74 3.62 8.75 -25.14
CA GLY A 74 2.34 9.00 -25.75
C GLY A 74 1.62 7.79 -26.32
N ARG A 75 2.05 6.58 -25.95
CA ARG A 75 1.30 5.39 -26.38
C ARG A 75 0.88 4.57 -25.18
N PHE A 76 -0.39 4.19 -25.15
CA PHE A 76 -0.95 3.47 -24.02
C PHE A 76 -1.04 2.00 -24.36
N ALA A 77 -0.96 1.16 -23.32
CA ALA A 77 -1.08 -0.30 -23.45
C ALA A 77 -1.73 -0.90 -22.21
N ASN A 78 -2.36 -2.06 -22.40
CA ASN A 78 -2.96 -2.81 -21.30
C ASN A 78 -1.97 -3.26 -20.22
N SER A 79 -2.36 -3.11 -18.97
CA SER A 79 -1.64 -3.73 -17.88
C SER A 79 -1.87 -5.24 -18.02
N PRO A 80 -0.99 -6.06 -17.42
CA PRO A 80 -1.22 -7.50 -17.51
C PRO A 80 -2.63 -7.84 -17.01
N ALA A 81 -3.06 -7.16 -15.95
CA ALA A 81 -4.40 -7.41 -15.38
C ALA A 81 -5.54 -7.05 -16.33
N ALA A 82 -5.31 -6.07 -17.18
CA ALA A 82 -6.30 -5.66 -18.16
C ALA A 82 -6.43 -6.70 -19.26
N GLU A 83 -5.29 -7.17 -19.78
CA GLU A 83 -5.29 -8.27 -20.75
C GLU A 83 -6.00 -9.51 -20.25
N SER A 84 -5.79 -9.86 -18.98
CA SER A 84 -6.34 -11.08 -18.40
C SER A 84 -7.85 -10.98 -18.17
N PHE A 85 -8.27 -9.86 -17.58
CA PHE A 85 -9.60 -9.80 -16.99
C PHE A 85 -10.58 -8.84 -17.65
N LEU A 86 -10.09 -7.97 -18.53
CA LEU A 86 -10.91 -6.88 -19.04
C LEU A 86 -11.11 -6.96 -20.55
N VAL A 87 -10.29 -7.76 -21.21
CA VAL A 87 -10.37 -7.87 -22.67
C VAL A 87 -11.41 -8.92 -23.04
N LYS A 88 -12.34 -8.52 -23.91
CA LYS A 88 -13.45 -9.38 -24.33
C LYS A 88 -12.96 -10.67 -24.97
N GLY A 89 -13.33 -11.80 -24.38
CA GLY A 89 -12.89 -13.09 -24.91
C GLY A 89 -11.83 -13.79 -24.06
N ALA A 90 -11.18 -13.05 -23.17
CA ALA A 90 -10.16 -13.64 -22.32
C ALA A 90 -10.82 -14.70 -21.46
N LYS A 91 -10.10 -15.80 -21.24
CA LYS A 91 -10.62 -16.91 -20.46
C LYS A 91 -11.18 -16.39 -19.15
N TYR A 92 -10.51 -15.37 -18.62
CA TYR A 92 -10.87 -14.85 -17.31
C TYR A 92 -11.53 -13.48 -17.34
N ASP A 93 -11.89 -13.03 -18.55
CA ASP A 93 -12.61 -11.77 -18.74
C ASP A 93 -13.80 -11.62 -17.80
N PHE A 94 -13.98 -10.43 -17.26
CA PHE A 94 -15.20 -10.12 -16.51
C PHE A 94 -15.55 -8.63 -16.53
N GLY A 95 -15.19 -7.96 -17.61
CA GLY A 95 -15.55 -6.58 -17.82
C GLY A 95 -17.06 -6.42 -17.85
N ASP A 96 -17.74 -7.46 -18.34
CA ASP A 96 -19.19 -7.41 -18.45
C ASP A 96 -19.90 -7.46 -17.09
N TYR A 97 -19.41 -8.25 -16.15
CA TYR A 97 -19.97 -8.19 -14.80
C TYR A 97 -19.80 -6.78 -14.24
N LEU A 98 -18.68 -6.14 -14.57
CA LEU A 98 -18.35 -4.85 -14.00
C LEU A 98 -19.23 -3.72 -14.54
N ARG A 99 -19.43 -3.72 -15.85
CA ARG A 99 -20.13 -2.59 -16.46
C ARG A 99 -21.65 -2.74 -16.38
N LEU A 100 -22.13 -3.98 -16.47
CA LEU A 100 -23.57 -4.22 -16.44
C LEU A 100 -24.13 -4.26 -15.00
N GLN A 101 -23.65 -5.18 -14.17
CA GLN A 101 -24.16 -5.24 -12.79
C GLN A 101 -23.59 -4.15 -11.87
N VAL A 102 -22.27 -4.02 -11.79
CA VAL A 102 -21.68 -3.06 -10.85
C VAL A 102 -21.96 -1.59 -11.22
N ASP A 103 -21.73 -1.24 -12.47
CA ASP A 103 -21.90 0.13 -12.93
C ASP A 103 -23.37 0.47 -13.17
N ARG A 104 -23.99 -0.25 -14.10
CA ARG A 104 -25.36 0.08 -14.47
C ARG A 104 -26.38 -0.06 -13.33
N GLN A 105 -26.11 -0.95 -12.37
CA GLN A 105 -27.06 -1.17 -11.28
C GLN A 105 -26.57 -0.67 -9.90
N MET A 106 -25.39 -1.11 -9.47
CA MET A 106 -24.95 -0.86 -8.09
C MET A 106 -24.59 0.59 -7.79
N TYR A 107 -23.80 1.18 -8.67
CA TYR A 107 -23.36 2.57 -8.54
C TYR A 107 -24.55 3.50 -8.23
N GLY A 108 -25.47 3.61 -9.17
CA GLY A 108 -26.69 4.38 -8.97
C GLY A 108 -27.48 3.98 -7.73
N LEU A 109 -27.68 2.68 -7.54
CA LEU A 109 -28.37 2.12 -6.38
C LEU A 109 -27.78 2.57 -5.05
N LEU A 110 -26.46 2.73 -5.00
CA LEU A 110 -25.82 3.11 -3.74
C LEU A 110 -26.06 4.60 -3.44
N ASP A 111 -26.63 5.33 -4.38
CA ASP A 111 -27.09 6.69 -4.08
C ASP A 111 -28.15 6.69 -2.99
N GLN A 112 -28.67 5.50 -2.69
CA GLN A 112 -29.70 5.30 -1.68
C GLN A 112 -29.18 5.16 -0.26
N ILE A 113 -27.88 4.87 -0.06
CA ILE A 113 -27.46 4.50 1.29
C ILE A 113 -27.70 5.56 2.34
N GLU A 114 -27.58 6.83 1.99
CA GLU A 114 -27.79 7.86 3.00
C GLU A 114 -29.14 7.59 3.68
N ASP A 115 -30.16 7.32 2.89
CA ASP A 115 -31.46 6.96 3.45
C ASP A 115 -31.45 5.52 4.04
N ALA A 116 -30.89 4.57 3.30
CA ALA A 116 -30.86 3.16 3.73
C ALA A 116 -30.21 2.91 5.10
N ILE A 117 -28.98 3.34 5.35
CA ILE A 117 -28.39 3.03 6.66
C ILE A 117 -29.20 3.65 7.78
N ALA A 118 -30.27 4.34 7.43
CA ALA A 118 -31.13 4.96 8.42
C ALA A 118 -32.51 4.29 8.45
N ASN A 119 -32.71 3.31 7.58
CA ASN A 119 -34.02 2.69 7.40
C ASN A 119 -35.04 3.79 7.14
N ASN A 120 -34.64 4.74 6.31
CA ASN A 120 -35.43 5.92 5.99
C ASN A 120 -35.76 5.92 4.52
N LEU A 121 -35.72 4.77 3.87
CA LEU A 121 -35.95 4.75 2.44
C LEU A 121 -37.33 5.29 2.11
N PRO A 122 -37.44 6.04 1.00
CA PRO A 122 -38.77 6.36 0.48
C PRO A 122 -39.38 5.10 -0.15
N ASP A 123 -40.66 5.14 -0.50
CA ASP A 123 -41.33 3.96 -1.04
C ASP A 123 -40.92 3.71 -2.50
N ASP A 124 -40.54 4.79 -3.18
CA ASP A 124 -40.16 4.74 -4.59
C ASP A 124 -38.70 4.32 -4.77
N ALA A 125 -38.09 3.83 -3.69
CA ALA A 125 -36.77 3.23 -3.77
C ALA A 125 -36.91 1.72 -3.76
N THR A 126 -35.97 1.06 -4.44
CA THR A 126 -35.78 -0.36 -4.34
C THR A 126 -35.40 -0.74 -2.90
N SER A 127 -36.28 -1.46 -2.23
CA SER A 127 -36.09 -1.73 -0.80
C SER A 127 -35.76 -3.18 -0.49
N SER A 128 -35.77 -4.03 -1.51
CA SER A 128 -35.46 -5.44 -1.34
C SER A 128 -35.10 -6.10 -2.65
N TYR A 129 -34.57 -7.31 -2.57
CA TYR A 129 -34.38 -8.11 -3.76
C TYR A 129 -35.71 -8.40 -4.45
N ALA A 130 -36.71 -8.73 -3.64
CA ALA A 130 -38.05 -9.03 -4.14
C ALA A 130 -38.60 -7.85 -4.93
N ASP A 131 -38.63 -6.69 -4.29
CA ASP A 131 -39.11 -5.47 -4.93
C ASP A 131 -38.35 -5.22 -6.22
N TRP A 132 -37.03 -5.24 -6.12
CA TRP A 132 -36.14 -5.04 -7.25
C TRP A 132 -36.47 -6.00 -8.39
N PHE A 133 -36.59 -7.29 -8.08
CA PHE A 133 -36.75 -8.30 -9.14
C PHE A 133 -38.17 -8.38 -9.73
N SER A 134 -39.12 -7.68 -9.11
CA SER A 134 -40.45 -7.48 -9.68
C SER A 134 -40.35 -6.98 -11.11
N ASP A 135 -39.23 -6.32 -11.42
CA ASP A 135 -38.94 -5.85 -12.75
C ASP A 135 -38.13 -6.91 -13.50
N PRO A 136 -38.79 -7.73 -14.33
CA PRO A 136 -38.16 -8.90 -14.96
C PRO A 136 -36.85 -8.58 -15.67
N GLU A 137 -36.77 -7.44 -16.34
CA GLU A 137 -35.59 -7.10 -17.12
C GLU A 137 -34.40 -6.67 -16.25
N GLN A 138 -34.70 -6.20 -15.02
CA GLN A 138 -33.68 -6.00 -13.98
C GLN A 138 -33.25 -7.36 -13.43
N ALA A 139 -34.24 -8.17 -13.07
CA ALA A 139 -33.97 -9.51 -12.57
C ALA A 139 -32.99 -10.22 -13.50
N LYS A 140 -33.27 -10.16 -14.79
CA LYS A 140 -32.40 -10.74 -15.83
C LYS A 140 -31.04 -10.03 -15.99
N LEU A 141 -31.03 -8.71 -15.81
CA LEU A 141 -29.80 -7.94 -15.89
C LEU A 141 -28.87 -8.30 -14.75
N TYR A 142 -29.42 -8.35 -13.53
CA TYR A 142 -28.61 -8.69 -12.36
C TYR A 142 -28.14 -10.14 -12.41
N SER A 143 -29.07 -11.04 -12.70
CA SER A 143 -28.77 -12.48 -12.69
C SER A 143 -27.72 -12.87 -13.71
N ASN A 144 -27.92 -12.41 -14.94
CA ASN A 144 -27.06 -12.80 -16.03
C ASN A 144 -25.57 -12.53 -15.73
N SER A 145 -25.26 -11.42 -15.08
CA SER A 145 -23.88 -11.13 -14.70
C SER A 145 -23.50 -11.81 -13.40
N GLN A 146 -24.47 -11.92 -12.49
CA GLN A 146 -24.25 -12.62 -11.22
C GLN A 146 -23.83 -14.06 -11.50
N HIS A 147 -24.58 -14.70 -12.42
CA HIS A 147 -24.32 -16.07 -12.86
C HIS A 147 -22.90 -16.18 -13.38
N ALA A 148 -22.60 -15.38 -14.41
CA ALA A 148 -21.28 -15.31 -14.99
C ALA A 148 -20.19 -15.19 -13.94
N GLY A 149 -20.44 -14.36 -12.92
CA GLY A 149 -19.47 -14.09 -11.88
C GLY A 149 -19.25 -15.20 -10.86
N SER A 150 -20.27 -16.05 -10.71
CA SER A 150 -20.27 -17.12 -9.70
C SER A 150 -19.67 -18.44 -10.20
N LEU A 151 -19.59 -18.61 -11.53
CA LEU A 151 -19.07 -19.84 -12.11
C LEU A 151 -17.68 -20.18 -11.61
N GLY A 152 -16.79 -19.20 -11.59
CA GLY A 152 -15.44 -19.41 -11.11
C GLY A 152 -15.40 -19.90 -9.68
N PRO A 153 -16.06 -19.16 -8.77
CA PRO A 153 -16.09 -19.51 -7.35
C PRO A 153 -16.72 -20.89 -7.12
N ALA A 154 -17.67 -21.27 -7.97
CA ALA A 154 -18.34 -22.56 -7.88
C ALA A 154 -17.37 -23.70 -8.14
N ARG A 155 -16.50 -23.51 -9.14
CA ARG A 155 -15.46 -24.48 -9.44
C ARG A 155 -14.54 -24.64 -8.25
N GLY A 156 -13.97 -23.54 -7.79
CA GLY A 156 -13.17 -23.56 -6.58
C GLY A 156 -13.90 -24.30 -5.46
N LEU A 157 -15.22 -24.14 -5.42
CA LEU A 157 -16.02 -24.74 -4.37
C LEU A 157 -16.06 -26.25 -4.54
N ALA A 158 -16.31 -26.70 -5.76
CA ALA A 158 -16.39 -28.13 -6.04
C ALA A 158 -15.10 -28.91 -5.68
N LYS A 159 -14.01 -28.18 -5.47
CA LYS A 159 -12.71 -28.80 -5.20
C LYS A 159 -12.51 -29.08 -3.72
N LEU A 160 -13.35 -28.48 -2.88
CA LEU A 160 -13.20 -28.59 -1.44
C LEU A 160 -14.17 -29.60 -0.85
N ILE A 161 -15.40 -29.53 -1.33
CA ILE A 161 -16.47 -30.37 -0.80
C ILE A 161 -16.64 -31.66 -1.61
N ASP A 162 -17.17 -32.68 -0.94
CA ASP A 162 -17.46 -33.95 -1.59
C ASP A 162 -18.96 -34.21 -1.59
N LEU A 163 -19.58 -34.14 -2.75
CA LEU A 163 -20.99 -34.47 -2.87
C LEU A 163 -21.21 -35.78 -3.61
N SER A 164 -20.16 -36.60 -3.69
CA SER A 164 -20.26 -37.89 -4.37
C SER A 164 -21.15 -38.85 -3.59
N GLY A 165 -21.99 -39.59 -4.31
CA GLY A 165 -22.82 -40.62 -3.70
C GLY A 165 -24.32 -40.36 -3.80
N GLY A 166 -24.77 -39.95 -4.97
CA GLY A 166 -26.18 -39.67 -5.19
C GLY A 166 -26.79 -38.88 -4.06
N LYS A 167 -26.36 -37.63 -3.91
CA LYS A 167 -26.84 -36.77 -2.83
C LYS A 167 -27.90 -35.76 -3.27
N LYS A 168 -28.36 -34.97 -2.31
CA LYS A 168 -29.38 -33.96 -2.57
C LYS A 168 -28.94 -32.58 -2.11
N LEU A 169 -28.93 -31.62 -3.03
CA LEU A 169 -28.50 -30.26 -2.70
C LEU A 169 -29.64 -29.23 -2.74
N LEU A 170 -29.71 -28.42 -1.69
CA LEU A 170 -30.64 -27.31 -1.64
C LEU A 170 -29.85 -25.98 -1.65
N ASP A 171 -30.09 -25.15 -2.66
CA ASP A 171 -29.39 -23.87 -2.77
C ASP A 171 -30.45 -22.80 -2.52
N VAL A 172 -30.48 -22.28 -1.31
CA VAL A 172 -31.44 -21.22 -0.97
C VAL A 172 -30.95 -19.85 -1.47
N GLY A 173 -31.70 -19.26 -2.40
CA GLY A 173 -31.30 -18.05 -3.07
C GLY A 173 -30.20 -18.26 -4.10
N GLY A 174 -30.23 -19.42 -4.76
CA GLY A 174 -29.18 -19.78 -5.68
C GLY A 174 -29.35 -19.17 -7.05
N GLY A 175 -30.26 -18.20 -7.15
CA GLY A 175 -30.44 -17.44 -8.37
C GLY A 175 -30.72 -18.27 -9.62
N THR A 176 -29.89 -18.09 -10.64
CA THR A 176 -30.07 -18.77 -11.90
C THR A 176 -29.28 -20.08 -11.99
N GLY A 177 -28.61 -20.44 -10.88
CA GLY A 177 -28.03 -21.76 -10.72
C GLY A 177 -26.57 -21.97 -11.09
N ALA A 178 -25.76 -20.92 -11.07
CA ALA A 178 -24.35 -21.08 -11.41
C ALA A 178 -23.62 -22.06 -10.47
N PHE A 179 -24.04 -22.11 -9.20
CA PHE A 179 -23.40 -23.03 -8.25
C PHE A 179 -23.92 -24.45 -8.36
N ALA A 180 -25.25 -24.61 -8.46
CA ALA A 180 -25.84 -25.93 -8.59
C ALA A 180 -25.46 -26.57 -9.92
N ILE A 181 -25.69 -25.85 -11.01
CA ILE A 181 -25.28 -26.31 -12.34
C ILE A 181 -23.83 -26.81 -12.35
N THR A 182 -22.93 -26.08 -11.69
CA THR A 182 -21.52 -26.43 -11.62
C THR A 182 -21.30 -27.67 -10.77
N LEU A 183 -21.89 -27.69 -9.59
CA LEU A 183 -21.71 -28.81 -8.67
C LEU A 183 -22.35 -30.10 -9.20
N CYS A 184 -23.37 -29.96 -10.05
CA CYS A 184 -24.05 -31.12 -10.63
C CYS A 184 -23.24 -31.74 -11.76
N LYS A 185 -22.80 -30.90 -12.70
CA LYS A 185 -21.89 -31.34 -13.75
C LYS A 185 -20.67 -32.03 -13.15
N ALA A 186 -20.23 -31.53 -12.00
CA ALA A 186 -19.05 -32.02 -11.30
C ALA A 186 -19.26 -33.31 -10.49
N PHE A 187 -20.47 -33.50 -9.97
CA PHE A 187 -20.69 -34.62 -9.07
C PHE A 187 -21.69 -35.64 -9.59
N ALA A 188 -21.32 -36.90 -9.49
CA ALA A 188 -22.12 -38.00 -10.02
C ALA A 188 -23.42 -38.23 -9.26
N ASP A 189 -24.53 -38.16 -9.99
CA ASP A 189 -25.87 -38.47 -9.47
C ASP A 189 -26.40 -37.44 -8.46
N LEU A 190 -25.71 -36.31 -8.33
CA LEU A 190 -26.17 -35.25 -7.44
C LEU A 190 -27.38 -34.51 -8.00
N ALA A 191 -28.45 -34.43 -7.20
CA ALA A 191 -29.65 -33.69 -7.59
C ALA A 191 -29.76 -32.45 -6.74
N ALA A 192 -30.35 -31.39 -7.30
CA ALA A 192 -30.40 -30.10 -6.60
C ALA A 192 -31.73 -29.35 -6.68
N THR A 193 -32.08 -28.66 -5.59
CA THR A 193 -33.22 -27.75 -5.58
C THR A 193 -32.72 -26.32 -5.34
N ILE A 194 -33.37 -25.36 -6.00
CA ILE A 194 -33.06 -23.96 -5.85
C ILE A 194 -34.30 -23.21 -5.40
N VAL A 195 -34.20 -22.43 -4.32
CA VAL A 195 -35.28 -21.56 -3.90
C VAL A 195 -34.99 -20.12 -4.28
N ASP A 196 -35.80 -19.55 -5.16
CA ASP A 196 -35.59 -18.20 -5.60
C ASP A 196 -36.85 -17.61 -6.23
N PHE A 197 -36.90 -16.27 -6.34
CA PHE A 197 -38.11 -15.59 -6.78
C PHE A 197 -38.51 -15.91 -8.22
N PRO A 198 -39.82 -15.87 -8.49
CA PRO A 198 -40.38 -16.22 -9.80
C PRO A 198 -39.53 -15.72 -10.96
N ASN A 199 -39.43 -14.41 -11.12
CA ASN A 199 -38.70 -13.84 -12.24
C ASN A 199 -37.29 -14.36 -12.40
N VAL A 200 -36.62 -14.62 -11.27
CA VAL A 200 -35.28 -15.19 -11.25
C VAL A 200 -35.32 -16.67 -11.61
N ALA A 201 -36.28 -17.36 -11.01
CA ALA A 201 -36.49 -18.80 -11.21
C ALA A 201 -36.77 -19.12 -12.67
N ALA A 202 -37.59 -18.30 -13.30
CA ALA A 202 -37.89 -18.45 -14.72
C ALA A 202 -36.62 -18.27 -15.60
N LEU A 203 -35.66 -17.51 -15.08
CA LEU A 203 -34.41 -17.29 -15.80
C LEU A 203 -33.43 -18.44 -15.57
N GLY A 204 -33.42 -18.96 -14.34
CA GLY A 204 -32.63 -20.12 -14.05
C GLY A 204 -33.06 -21.32 -14.86
N LYS A 205 -34.38 -21.47 -15.02
CA LYS A 205 -34.91 -22.61 -15.78
C LYS A 205 -34.34 -22.61 -17.19
N GLY A 206 -33.99 -21.42 -17.68
CA GLY A 206 -33.33 -21.32 -18.97
C GLY A 206 -31.92 -21.84 -18.86
N TYR A 207 -31.17 -21.37 -17.87
CA TYR A 207 -29.78 -21.76 -17.71
C TYR A 207 -29.66 -23.26 -17.45
N VAL A 208 -30.69 -23.84 -16.86
CA VAL A 208 -30.65 -25.23 -16.42
C VAL A 208 -31.03 -26.19 -17.53
N GLU A 209 -32.03 -25.80 -18.31
CA GLU A 209 -32.44 -26.56 -19.49
C GLU A 209 -31.35 -26.50 -20.52
N LYS A 210 -30.61 -25.40 -20.51
CA LYS A 210 -29.56 -25.16 -21.49
C LYS A 210 -28.41 -26.09 -21.17
N ALA A 211 -28.17 -26.28 -19.89
CA ALA A 211 -27.13 -27.20 -19.43
C ALA A 211 -27.59 -28.65 -19.58
N GLY A 212 -28.86 -28.83 -19.96
CA GLY A 212 -29.48 -30.14 -20.07
C GLY A 212 -29.47 -30.85 -18.73
N LEU A 213 -30.11 -30.23 -17.74
CA LEU A 213 -30.11 -30.73 -16.38
C LEU A 213 -31.44 -30.50 -15.70
N SER A 214 -32.51 -30.39 -16.49
CA SER A 214 -33.83 -30.17 -15.93
C SER A 214 -34.38 -31.44 -15.26
N ASP A 215 -33.64 -32.53 -15.38
CA ASP A 215 -33.97 -33.76 -14.66
C ASP A 215 -33.43 -33.73 -13.22
N ARG A 216 -32.28 -33.08 -13.02
CA ARG A 216 -31.60 -33.10 -11.74
C ARG A 216 -31.77 -31.83 -10.87
N ILE A 217 -32.39 -30.79 -11.44
CA ILE A 217 -32.42 -29.45 -10.82
C ILE A 217 -33.77 -28.75 -10.91
N GLU A 218 -34.45 -28.59 -9.78
CA GLU A 218 -35.79 -28.02 -9.76
C GLU A 218 -35.84 -26.76 -8.93
N TYR A 219 -36.69 -25.82 -9.33
CA TYR A 219 -36.90 -24.61 -8.55
C TYR A 219 -38.12 -24.71 -7.65
N VAL A 220 -37.93 -24.46 -6.37
CA VAL A 220 -39.05 -24.14 -5.50
C VAL A 220 -39.15 -22.61 -5.49
N ILE A 221 -40.20 -22.10 -6.14
CA ILE A 221 -40.30 -20.68 -6.41
C ILE A 221 -41.04 -19.90 -5.33
N GLY A 222 -40.46 -18.78 -4.93
CA GLY A 222 -41.02 -17.97 -3.87
C GLY A 222 -39.98 -17.37 -2.94
N ASP A 223 -40.47 -16.74 -1.89
CA ASP A 223 -39.63 -16.09 -0.90
C ASP A 223 -39.18 -17.14 0.11
N ALA A 224 -37.88 -17.44 0.11
CA ALA A 224 -37.33 -18.50 0.95
C ALA A 224 -37.87 -18.44 2.37
N LEU A 225 -38.09 -17.23 2.88
CA LEU A 225 -38.52 -17.06 4.25
C LEU A 225 -39.98 -17.43 4.46
N ARG A 226 -40.75 -17.38 3.37
CA ARG A 226 -42.16 -17.77 3.39
C ARG A 226 -42.45 -18.86 2.34
N THR A 227 -41.62 -19.88 2.33
CA THR A 227 -41.78 -20.99 1.40
C THR A 227 -41.14 -22.24 1.97
N GLU A 228 -41.88 -23.34 1.96
CA GLU A 228 -41.40 -24.56 2.58
C GLU A 228 -40.20 -25.08 1.80
N TRP A 229 -39.16 -25.50 2.51
CA TRP A 229 -38.03 -26.15 1.84
C TRP A 229 -38.22 -27.66 1.88
N PRO A 230 -37.62 -28.36 0.90
CA PRO A 230 -37.49 -29.82 0.96
C PRO A 230 -36.58 -30.26 2.11
N ARG A 231 -37.02 -31.24 2.89
CA ARG A 231 -36.27 -31.71 4.05
C ARG A 231 -35.36 -32.90 3.72
N GLU A 232 -34.63 -33.38 4.73
CA GLU A 232 -33.66 -34.46 4.53
C GLU A 232 -32.77 -34.22 3.32
N GLN A 233 -31.95 -33.18 3.37
CA GLN A 233 -30.97 -32.88 2.33
C GLN A 233 -29.57 -33.15 2.84
N ASP A 234 -28.68 -33.53 1.93
CA ASP A 234 -27.30 -33.81 2.30
C ASP A 234 -26.50 -32.52 2.41
N ALA A 235 -26.85 -31.54 1.58
CA ALA A 235 -26.14 -30.27 1.61
C ALA A 235 -27.01 -29.05 1.27
N ILE A 236 -26.82 -28.01 2.07
CA ILE A 236 -27.49 -26.76 1.86
C ILE A 236 -26.43 -25.71 1.54
N LEU A 237 -26.69 -24.95 0.49
CA LEU A 237 -25.85 -23.83 0.09
C LEU A 237 -26.60 -22.52 0.26
N MET A 238 -25.97 -21.61 0.99
CA MET A 238 -26.47 -20.26 1.11
C MET A 238 -25.36 -19.32 0.66
N SER A 239 -25.46 -18.89 -0.60
CA SER A 239 -24.45 -18.01 -1.19
C SER A 239 -24.96 -16.58 -1.48
N TYR A 240 -24.44 -15.61 -0.73
CA TYR A 240 -24.92 -14.22 -0.76
C TYR A 240 -26.39 -14.13 -0.37
N LEU A 241 -26.82 -15.02 0.51
CA LEU A 241 -28.19 -14.99 0.98
C LEU A 241 -28.28 -14.12 2.23
N PHE A 242 -27.42 -14.40 3.20
CA PHE A 242 -27.43 -13.62 4.44
C PHE A 242 -27.30 -12.12 4.19
N SER A 243 -26.44 -11.75 3.24
CA SER A 243 -26.17 -10.34 2.90
C SER A 243 -27.40 -9.56 2.45
N GLY A 244 -28.32 -10.22 1.75
CA GLY A 244 -29.46 -9.56 1.15
C GLY A 244 -30.76 -9.79 1.90
N VAL A 245 -30.62 -10.28 3.12
CA VAL A 245 -31.73 -10.68 3.97
C VAL A 245 -31.63 -9.89 5.29
N ALA A 246 -32.78 -9.50 5.83
CA ALA A 246 -32.81 -8.80 7.12
C ALA A 246 -32.06 -9.60 8.19
N GLY A 247 -31.41 -8.88 9.09
CA GLY A 247 -30.59 -9.53 10.09
C GLY A 247 -31.32 -10.29 11.17
N ASP A 248 -32.62 -10.08 11.29
CA ASP A 248 -33.40 -10.79 12.30
C ASP A 248 -33.77 -12.21 11.85
N GLU A 249 -33.61 -12.47 10.55
CA GLU A 249 -33.86 -13.79 10.01
C GLU A 249 -32.66 -14.71 10.23
N HIS A 250 -31.53 -14.13 10.61
CA HIS A 250 -30.28 -14.89 10.59
C HIS A 250 -30.24 -16.16 11.46
N ASP A 251 -30.80 -16.07 12.67
CA ASP A 251 -30.79 -17.22 13.56
C ASP A 251 -31.70 -18.33 13.01
N SER A 252 -32.96 -17.99 12.74
CA SER A 252 -33.92 -18.93 12.21
C SER A 252 -33.55 -19.42 10.81
N LEU A 253 -32.60 -18.75 10.17
CA LEU A 253 -32.07 -19.21 8.90
C LEU A 253 -31.14 -20.38 9.14
N LEU A 254 -30.32 -20.26 10.18
CA LEU A 254 -29.44 -21.35 10.56
C LEU A 254 -30.22 -22.55 11.11
N LYS A 255 -31.14 -22.34 12.05
CA LYS A 255 -32.00 -23.42 12.55
C LYS A 255 -32.66 -24.21 11.41
N ARG A 256 -33.25 -23.49 10.46
CA ARG A 256 -33.89 -24.15 9.33
C ARG A 256 -32.92 -25.01 8.52
N ALA A 257 -31.75 -24.47 8.22
CA ALA A 257 -30.73 -25.21 7.48
C ALA A 257 -30.39 -26.50 8.22
N TYR A 258 -30.13 -26.38 9.52
CA TYR A 258 -29.87 -27.52 10.37
C TYR A 258 -31.02 -28.54 10.32
N ASP A 259 -32.25 -28.05 10.48
CA ASP A 259 -33.42 -28.93 10.51
C ASP A 259 -33.69 -29.65 9.20
N HIS A 260 -33.33 -29.01 8.09
CA HIS A 260 -33.56 -29.58 6.77
C HIS A 260 -32.39 -30.45 6.28
N LEU A 261 -31.40 -30.63 7.14
CA LEU A 261 -30.23 -31.46 6.82
C LEU A 261 -30.46 -32.92 7.24
N VAL A 262 -29.74 -33.86 6.63
CA VAL A 262 -29.64 -35.19 7.17
C VAL A 262 -28.44 -35.22 8.11
N PRO A 263 -28.48 -36.11 9.12
CA PRO A 263 -27.32 -36.22 10.00
C PRO A 263 -26.05 -36.39 9.17
N GLY A 264 -25.02 -35.61 9.49
CA GLY A 264 -23.80 -35.63 8.69
C GLY A 264 -23.88 -34.68 7.51
N GLY A 265 -25.06 -34.13 7.27
CA GLY A 265 -25.28 -33.16 6.22
C GLY A 265 -24.48 -31.88 6.41
N ARG A 266 -24.01 -31.29 5.32
CA ARG A 266 -23.22 -30.08 5.39
C ARG A 266 -23.99 -28.81 4.98
N LEU A 267 -23.74 -27.75 5.73
CA LEU A 267 -24.29 -26.43 5.44
C LEU A 267 -23.15 -25.56 4.90
N LEU A 268 -23.41 -24.89 3.79
CA LEU A 268 -22.37 -24.11 3.12
C LEU A 268 -22.79 -22.65 2.95
N ILE A 269 -22.07 -21.75 3.61
CA ILE A 269 -22.42 -20.34 3.59
C ILE A 269 -21.30 -19.53 2.96
N HIS A 270 -21.62 -18.90 1.84
CA HIS A 270 -20.63 -18.10 1.13
C HIS A 270 -21.12 -16.66 1.08
N ASP A 271 -20.29 -15.74 1.55
CA ASP A 271 -20.71 -14.38 1.67
C ASP A 271 -19.58 -13.42 2.04
N PHE A 272 -19.89 -12.12 1.96
CA PHE A 272 -19.04 -11.08 2.51
C PHE A 272 -19.01 -11.24 4.01
N VAL A 273 -17.83 -11.55 4.54
CA VAL A 273 -17.68 -11.74 5.97
C VAL A 273 -16.45 -10.97 6.38
N VAL A 274 -16.54 -10.22 7.48
CA VAL A 274 -15.39 -9.48 7.99
C VAL A 274 -14.71 -10.27 9.09
N THR A 275 -13.43 -9.99 9.33
CA THR A 275 -12.74 -10.56 10.48
C THR A 275 -13.44 -10.01 11.74
N ALA A 276 -13.15 -10.58 12.90
CA ALA A 276 -13.82 -10.14 14.12
C ALA A 276 -13.29 -8.80 14.63
N ASP A 277 -12.01 -8.52 14.37
CA ASP A 277 -11.44 -7.24 14.76
C ASP A 277 -12.11 -6.11 13.98
N ARG A 278 -12.82 -6.50 12.91
CA ARG A 278 -13.61 -5.57 12.11
C ARG A 278 -12.79 -4.43 11.51
N THR A 279 -11.67 -4.80 10.92
CA THR A 279 -10.86 -3.87 10.18
C THR A 279 -10.69 -4.37 8.77
N GLY A 280 -11.44 -5.41 8.43
CA GLY A 280 -11.44 -5.89 7.06
C GLY A 280 -12.10 -7.25 6.94
N PRO A 281 -11.94 -7.89 5.77
CA PRO A 281 -11.22 -7.30 4.64
C PRO A 281 -12.07 -6.24 3.93
N LYS A 282 -11.42 -5.12 3.61
CA LYS A 282 -12.06 -3.93 3.05
C LYS A 282 -13.10 -4.19 1.96
N LEU A 283 -12.79 -5.03 0.97
CA LEU A 283 -13.75 -5.33 -0.07
C LEU A 283 -15.04 -5.95 0.46
N ALA A 284 -14.94 -6.85 1.43
CA ALA A 284 -16.15 -7.47 2.00
C ALA A 284 -17.01 -6.48 2.80
N ALA A 285 -16.35 -5.64 3.59
CA ALA A 285 -17.03 -4.62 4.37
C ALA A 285 -17.79 -3.68 3.44
N LEU A 286 -17.13 -3.27 2.36
CA LEU A 286 -17.70 -2.36 1.38
C LEU A 286 -18.93 -2.97 0.70
N TRP A 287 -18.84 -4.27 0.40
CA TRP A 287 -19.95 -4.96 -0.24
C TRP A 287 -21.12 -5.21 0.72
N GLN A 288 -20.83 -5.33 2.02
CA GLN A 288 -21.90 -5.42 3.03
C GLN A 288 -22.70 -4.12 2.98
N LEU A 289 -21.97 -3.00 2.94
CA LEU A 289 -22.60 -1.69 2.79
C LEU A 289 -23.42 -1.60 1.51
N GLN A 290 -22.85 -2.01 0.39
CA GLN A 290 -23.58 -1.98 -0.88
C GLN A 290 -24.92 -2.71 -0.77
N HIS A 291 -24.89 -3.93 -0.21
CA HIS A 291 -26.12 -4.69 -0.08
C HIS A 291 -27.12 -3.97 0.82
N THR A 292 -26.60 -3.27 1.83
CA THR A 292 -27.47 -2.53 2.75
C THR A 292 -28.30 -1.47 2.02
N ALA A 293 -27.80 -1.01 0.87
CA ALA A 293 -28.50 0.02 0.09
C ALA A 293 -29.88 -0.43 -0.33
N PHE A 294 -30.04 -1.73 -0.57
CA PHE A 294 -31.32 -2.26 -1.03
C PHE A 294 -31.81 -3.37 -0.09
N THR A 295 -31.28 -3.33 1.12
CA THR A 295 -31.56 -4.28 2.19
C THR A 295 -31.30 -3.52 3.47
N PRO A 296 -32.17 -2.56 3.76
CA PRO A 296 -31.92 -1.62 4.88
C PRO A 296 -31.83 -2.30 6.25
N GLU A 297 -32.29 -3.55 6.36
CA GLU A 297 -32.30 -4.27 7.63
C GLU A 297 -31.13 -5.24 7.80
N ALA A 298 -30.26 -5.28 6.80
CA ALA A 298 -29.11 -6.17 6.84
C ALA A 298 -28.26 -5.94 8.09
N ARG A 299 -27.45 -6.94 8.43
CA ARG A 299 -26.48 -6.80 9.50
C ARG A 299 -25.12 -7.26 9.02
N SER A 300 -24.09 -7.06 9.84
CA SER A 300 -22.74 -7.38 9.43
C SER A 300 -22.24 -8.74 9.92
N LEU A 301 -22.06 -9.67 8.99
CA LEU A 301 -21.48 -10.99 9.29
C LEU A 301 -19.98 -10.97 9.54
N ASP A 302 -19.53 -11.28 10.75
CA ASP A 302 -18.11 -11.55 10.95
C ASP A 302 -17.86 -13.05 11.18
N ASP A 303 -16.64 -13.50 11.00
CA ASP A 303 -16.32 -14.93 11.08
C ASP A 303 -16.54 -15.51 12.47
N GLU A 304 -16.18 -14.76 13.50
CA GLU A 304 -16.42 -15.20 14.88
C GLU A 304 -17.90 -15.43 15.16
N TRP A 305 -18.72 -14.40 15.01
CA TRP A 305 -20.15 -14.56 15.21
C TRP A 305 -20.69 -15.75 14.43
N LEU A 306 -20.24 -15.92 13.20
CA LEU A 306 -20.79 -16.97 12.35
C LEU A 306 -20.42 -18.32 12.95
N ALA A 307 -19.17 -18.43 13.40
CA ALA A 307 -18.67 -19.65 14.04
C ALA A 307 -19.54 -19.99 15.23
N GLU A 308 -19.64 -19.04 16.16
CA GLU A 308 -20.34 -19.28 17.40
C GLU A 308 -21.80 -19.65 17.23
N GLN A 309 -22.52 -18.94 16.34
CA GLN A 309 -23.92 -19.25 16.13
C GLN A 309 -24.13 -20.57 15.39
N LEU A 310 -23.15 -20.95 14.58
CA LEU A 310 -23.17 -22.25 13.92
C LEU A 310 -23.10 -23.35 14.98
N LYS A 311 -22.29 -23.12 16.01
CA LYS A 311 -22.12 -24.10 17.04
C LYS A 311 -23.33 -24.14 17.97
N LYS A 312 -23.85 -22.97 18.32
CA LYS A 312 -25.01 -22.91 19.20
C LYS A 312 -26.30 -23.32 18.48
N THR A 313 -26.19 -23.58 17.19
CA THR A 313 -27.33 -24.11 16.43
C THR A 313 -27.29 -25.64 16.46
N GLY A 314 -26.11 -26.16 16.80
CA GLY A 314 -25.91 -27.59 16.94
C GLY A 314 -24.86 -28.14 15.99
N PHE A 315 -24.28 -27.27 15.17
CA PHE A 315 -23.33 -27.71 14.15
C PHE A 315 -21.99 -28.04 14.76
N THR A 316 -21.27 -28.96 14.11
CA THR A 316 -19.92 -29.28 14.51
C THR A 316 -18.98 -29.33 13.31
N ASP A 317 -17.68 -29.35 13.57
CA ASP A 317 -16.67 -29.26 12.51
C ASP A 317 -16.72 -27.91 11.79
N VAL A 318 -17.28 -26.91 12.47
CA VAL A 318 -17.36 -25.54 12.00
C VAL A 318 -16.00 -24.95 11.58
N LYS A 319 -15.86 -24.66 10.29
CA LYS A 319 -14.66 -23.98 9.80
C LYS A 319 -15.00 -22.77 8.93
N VAL A 320 -14.18 -21.72 9.04
CA VAL A 320 -14.35 -20.51 8.27
C VAL A 320 -13.04 -20.19 7.55
N GLY A 321 -13.13 -19.99 6.24
CA GLY A 321 -11.96 -19.63 5.47
C GLY A 321 -12.29 -18.71 4.30
N PRO A 322 -11.25 -18.16 3.67
CA PRO A 322 -11.41 -17.26 2.54
C PRO A 322 -11.84 -17.98 1.28
N MET A 323 -12.64 -17.31 0.46
CA MET A 323 -13.03 -17.86 -0.83
C MET A 323 -12.52 -16.94 -1.93
N ILE A 324 -13.34 -15.97 -2.31
CA ILE A 324 -12.91 -14.95 -3.24
C ILE A 324 -11.98 -14.02 -2.48
N PRO A 325 -10.71 -14.04 -2.85
CA PRO A 325 -9.65 -13.33 -2.13
C PRO A 325 -10.00 -11.88 -1.81
N GLY A 326 -9.88 -11.53 -0.53
CA GLY A 326 -10.07 -10.17 -0.05
C GLY A 326 -11.53 -9.78 -0.06
N MET A 327 -12.41 -10.69 -0.48
CA MET A 327 -13.82 -10.37 -0.71
C MET A 327 -14.84 -11.24 0.04
N THR A 328 -14.83 -12.54 -0.19
CA THR A 328 -15.79 -13.41 0.46
C THR A 328 -15.11 -14.46 1.33
N MET A 329 -15.91 -15.09 2.16
CA MET A 329 -15.50 -16.25 2.95
C MET A 329 -16.42 -17.45 2.71
N LEU A 330 -15.94 -18.61 3.16
CA LEU A 330 -16.72 -19.84 3.12
C LEU A 330 -16.77 -20.46 4.52
N ALA A 331 -17.98 -20.61 5.05
CA ALA A 331 -18.19 -21.28 6.31
C ALA A 331 -18.77 -22.65 6.06
N GLU A 332 -18.11 -23.67 6.62
CA GLU A 332 -18.58 -25.05 6.52
C GLU A 332 -19.08 -25.56 7.88
N ALA A 333 -20.18 -26.29 7.86
CA ALA A 333 -20.78 -26.82 9.08
C ALA A 333 -21.29 -28.25 8.84
N VAL A 334 -21.25 -29.06 9.90
CA VAL A 334 -21.79 -30.41 9.81
C VAL A 334 -22.86 -30.67 10.86
N ARG A 335 -24.06 -31.04 10.40
CA ARG A 335 -25.03 -31.64 11.30
C ARG A 335 -24.42 -32.97 11.72
N PRO A 336 -24.37 -33.25 13.04
CA PRO A 336 -23.64 -34.45 13.49
C PRO A 336 -24.24 -35.76 12.98
N GLU A 337 -23.39 -36.71 12.62
CA GLU A 337 -23.81 -38.06 12.24
C GLU A 337 -24.69 -38.68 13.32
N THR B 2 -0.24 7.28 6.84
CA THR B 2 -1.16 6.56 7.71
C THR B 2 -0.47 5.95 8.93
N LEU B 3 -1.27 5.42 9.84
CA LEU B 3 -0.77 4.57 10.91
C LEU B 3 -1.09 3.12 10.51
N LEU B 4 -0.36 2.15 11.09
CA LEU B 4 -0.59 0.74 10.78
C LEU B 4 -1.69 0.16 11.66
N THR B 5 -2.44 -0.78 11.11
CA THR B 5 -3.50 -1.41 11.87
C THR B 5 -3.42 -2.95 11.86
N ASN B 6 -3.30 -3.57 10.69
CA ASN B 6 -3.40 -5.03 10.62
C ASN B 6 -2.05 -5.76 10.73
N ALA B 7 -2.11 -7.04 11.02
CA ALA B 7 -0.90 -7.82 11.21
C ALA B 7 -0.02 -7.88 9.94
N GLU B 8 -0.65 -7.94 8.76
CA GLU B 8 0.08 -8.06 7.50
C GLU B 8 0.85 -6.78 7.16
N GLU B 9 0.40 -5.65 7.69
CA GLU B 9 1.08 -4.38 7.47
C GLU B 9 2.39 -4.35 8.22
N ILE B 10 2.39 -4.86 9.45
CA ILE B 10 3.62 -5.02 10.20
C ILE B 10 4.55 -6.00 9.49
N SER B 11 3.98 -7.10 8.98
CA SER B 11 4.79 -8.06 8.25
C SER B 11 5.44 -7.40 7.04
N ASP B 12 4.68 -6.61 6.30
CA ASP B 12 5.25 -5.99 5.12
C ASP B 12 6.52 -5.23 5.51
N ILE B 13 6.51 -4.64 6.69
CA ILE B 13 7.68 -3.93 7.17
C ILE B 13 8.73 -4.88 7.74
N ALA B 14 8.27 -5.86 8.51
CA ALA B 14 9.16 -6.75 9.25
C ALA B 14 10.08 -7.51 8.30
N PHE B 15 9.55 -7.97 7.20
CA PHE B 15 10.33 -8.77 6.29
C PHE B 15 10.83 -8.03 5.08
N GLY B 16 10.79 -6.70 5.17
CA GLY B 16 11.28 -5.86 4.09
C GLY B 16 12.73 -6.09 3.74
N PHE B 17 13.53 -6.46 4.75
CA PHE B 17 14.94 -6.74 4.51
C PHE B 17 15.10 -7.91 3.52
N MET B 18 14.19 -8.87 3.58
CA MET B 18 14.25 -9.97 2.64
C MET B 18 14.06 -9.50 1.21
N GLY B 19 13.13 -8.56 1.02
CA GLY B 19 12.88 -8.00 -0.30
C GLY B 19 14.08 -7.22 -0.81
N SER B 20 14.62 -6.34 0.03
CA SER B 20 15.89 -5.67 -0.26
C SER B 20 16.96 -6.65 -0.72
N LYS B 21 17.19 -7.71 0.05
CA LYS B 21 18.21 -8.69 -0.30
C LYS B 21 17.92 -9.42 -1.60
N ALA B 22 16.64 -9.74 -1.80
CA ALA B 22 16.20 -10.33 -3.06
C ALA B 22 16.66 -9.51 -4.25
N LEU B 23 16.51 -8.19 -4.13
CA LEU B 23 16.84 -7.26 -5.20
C LEU B 23 18.35 -7.22 -5.41
N PHE B 24 19.09 -6.98 -4.34
CA PHE B 24 20.55 -6.86 -4.40
C PHE B 24 21.21 -8.13 -4.97
N ALA B 25 20.77 -9.28 -4.51
CA ALA B 25 21.32 -10.55 -4.98
C ALA B 25 21.18 -10.63 -6.48
N ALA B 26 19.97 -10.38 -6.98
CA ALA B 26 19.74 -10.38 -8.42
C ALA B 26 20.63 -9.35 -9.12
N LEU B 27 20.76 -8.17 -8.52
CA LEU B 27 21.69 -7.18 -9.02
C LEU B 27 23.09 -7.75 -9.16
N HIS B 28 23.64 -8.25 -8.05
CA HIS B 28 24.98 -8.88 -8.01
C HIS B 28 25.21 -9.97 -9.05
N HIS B 29 24.13 -10.57 -9.57
CA HIS B 29 24.27 -11.64 -10.56
C HIS B 29 23.66 -11.25 -11.91
N GLY B 30 23.62 -9.95 -12.16
CA GLY B 30 23.09 -9.38 -13.39
C GLY B 30 21.83 -10.06 -13.86
N VAL B 31 20.88 -10.22 -12.95
CA VAL B 31 19.63 -10.88 -13.29
C VAL B 31 18.83 -10.08 -14.32
N PHE B 32 18.57 -8.81 -14.02
CA PHE B 32 17.72 -7.97 -14.83
C PHE B 32 18.35 -7.72 -16.17
N THR B 33 19.67 -7.52 -16.15
CA THR B 33 20.41 -7.32 -17.37
C THR B 33 20.26 -8.52 -18.31
N CYS B 34 20.21 -9.73 -17.76
CA CYS B 34 19.93 -10.91 -18.59
C CYS B 34 18.56 -10.92 -19.25
N LEU B 35 17.56 -10.46 -18.52
CA LEU B 35 16.19 -10.44 -19.02
C LEU B 35 15.93 -9.32 -20.04
N ALA B 36 16.93 -8.47 -20.27
CA ALA B 36 16.71 -7.27 -21.08
C ALA B 36 16.55 -7.56 -22.57
N ASP B 37 16.66 -8.82 -22.96
CA ASP B 37 16.49 -9.20 -24.36
C ASP B 37 15.26 -10.08 -24.53
N GLY B 38 14.31 -9.94 -23.61
CA GLY B 38 13.10 -10.71 -23.67
C GLY B 38 13.05 -11.65 -22.50
N PRO B 39 11.90 -12.28 -22.27
CA PRO B 39 11.65 -13.19 -21.15
C PRO B 39 12.42 -14.50 -21.26
N LEU B 40 13.03 -14.97 -20.17
CA LEU B 40 13.73 -16.25 -20.16
C LEU B 40 13.06 -17.22 -19.20
N SER B 41 13.17 -18.52 -19.49
CA SER B 41 12.72 -19.54 -18.54
C SER B 41 13.76 -19.67 -17.44
N VAL B 42 13.46 -20.48 -16.43
CA VAL B 42 14.39 -20.74 -15.34
C VAL B 42 15.71 -21.34 -15.84
N GLU B 43 15.63 -22.32 -16.74
CA GLU B 43 16.81 -23.00 -17.27
C GLU B 43 17.63 -22.08 -18.17
N GLU B 44 16.96 -21.13 -18.81
CA GLU B 44 17.66 -20.20 -19.67
C GLU B 44 18.42 -19.19 -18.85
N MET B 45 17.88 -18.86 -17.68
CA MET B 45 18.56 -17.95 -16.77
C MET B 45 19.73 -18.64 -16.09
N ALA B 46 19.56 -19.91 -15.76
CA ALA B 46 20.65 -20.68 -15.18
C ALA B 46 21.87 -20.64 -16.10
N ALA B 47 21.66 -21.06 -17.35
CA ALA B 47 22.71 -21.08 -18.36
C ALA B 47 23.31 -19.70 -18.63
N ALA B 48 22.54 -18.65 -18.40
CA ALA B 48 22.99 -17.29 -18.66
C ALA B 48 23.89 -16.74 -17.56
N THR B 49 23.48 -16.97 -16.31
CA THR B 49 24.08 -16.30 -15.14
C THR B 49 25.15 -17.10 -14.40
N GLY B 50 25.03 -18.43 -14.42
CA GLY B 50 25.93 -19.25 -13.66
C GLY B 50 25.25 -19.89 -12.47
N LEU B 51 24.03 -19.44 -12.18
CA LEU B 51 23.29 -19.97 -11.04
C LEU B 51 22.58 -21.29 -11.34
N HIS B 52 22.58 -22.18 -10.36
CA HIS B 52 21.85 -23.44 -10.44
C HIS B 52 20.37 -23.17 -10.61
N PRO B 53 19.70 -23.90 -11.52
CA PRO B 53 18.27 -23.76 -11.81
C PRO B 53 17.40 -23.63 -10.56
N ASP B 54 17.64 -24.45 -9.54
CA ASP B 54 16.87 -24.35 -8.32
C ASP B 54 17.03 -23.01 -7.63
N ARG B 55 18.24 -22.47 -7.64
CA ARG B 55 18.47 -21.20 -6.98
C ARG B 55 17.93 -20.03 -7.77
N VAL B 56 18.00 -20.07 -9.11
CA VAL B 56 17.47 -18.97 -9.91
C VAL B 56 15.97 -18.96 -9.70
N GLN B 57 15.38 -20.14 -9.76
CA GLN B 57 13.97 -20.29 -9.53
C GLN B 57 13.54 -19.56 -8.25
N THR B 58 14.10 -19.97 -7.11
CA THR B 58 13.79 -19.37 -5.83
C THR B 58 13.94 -17.87 -5.81
N LEU B 59 15.00 -17.38 -6.44
CA LEU B 59 15.25 -15.95 -6.46
C LEU B 59 14.20 -15.22 -7.32
N LEU B 60 13.88 -15.78 -8.47
CA LEU B 60 12.98 -15.14 -9.44
C LEU B 60 11.55 -15.14 -8.91
N THR B 61 11.20 -16.21 -8.22
CA THR B 61 9.91 -16.30 -7.56
C THR B 61 9.75 -15.16 -6.54
N ALA B 62 10.80 -14.91 -5.79
CA ALA B 62 10.76 -13.88 -4.75
C ALA B 62 10.73 -12.49 -5.40
N LEU B 63 11.40 -12.35 -6.52
CA LEU B 63 11.37 -11.11 -7.28
C LEU B 63 10.02 -10.91 -7.97
N ALA B 64 9.33 -12.02 -8.24
CA ALA B 64 8.04 -11.93 -8.92
C ALA B 64 6.96 -11.52 -7.92
N SER B 65 7.08 -12.00 -6.68
CA SER B 65 6.09 -11.69 -5.67
C SER B 65 6.21 -10.24 -5.16
N LEU B 66 7.31 -9.58 -5.52
CA LEU B 66 7.46 -8.16 -5.20
C LEU B 66 7.17 -7.38 -6.47
N GLY B 67 6.80 -8.10 -7.51
CA GLY B 67 6.51 -7.46 -8.78
C GLY B 67 7.67 -6.77 -9.46
N VAL B 68 8.91 -7.12 -9.09
CA VAL B 68 10.07 -6.57 -9.79
C VAL B 68 10.26 -7.25 -11.14
N VAL B 69 9.74 -8.47 -11.28
CA VAL B 69 9.69 -9.15 -12.57
C VAL B 69 8.32 -9.73 -12.72
N SER B 70 8.00 -10.13 -13.94
CA SER B 70 6.75 -10.82 -14.20
C SER B 70 7.01 -12.30 -14.36
N ALA B 71 6.00 -13.12 -14.09
CA ALA B 71 6.07 -14.56 -14.24
C ALA B 71 4.86 -15.07 -15.00
N VAL B 72 5.07 -15.36 -16.27
CA VAL B 72 4.01 -15.78 -17.15
C VAL B 72 4.39 -17.06 -17.89
N GLU B 73 3.72 -18.15 -17.51
CA GLU B 73 3.98 -19.48 -18.09
C GLU B 73 5.45 -19.88 -18.01
N GLY B 74 5.95 -19.93 -16.79
CA GLY B 74 7.31 -20.35 -16.54
C GLY B 74 8.34 -19.46 -17.18
N ARG B 75 7.94 -18.26 -17.59
CA ARG B 75 8.90 -17.29 -18.12
C ARG B 75 8.93 -16.02 -17.30
N PHE B 76 10.09 -15.39 -17.25
CA PHE B 76 10.29 -14.23 -16.39
C PHE B 76 10.78 -13.06 -17.23
N ALA B 77 10.21 -11.88 -16.99
CA ALA B 77 10.59 -10.70 -17.74
C ALA B 77 10.80 -9.55 -16.76
N ASN B 78 11.51 -8.52 -17.19
CA ASN B 78 11.64 -7.33 -16.36
C ASN B 78 10.33 -6.60 -16.22
N SER B 79 10.10 -6.09 -15.02
CA SER B 79 9.04 -5.12 -14.83
C SER B 79 9.50 -3.92 -15.65
N PRO B 80 8.59 -3.01 -15.98
CA PRO B 80 9.13 -1.81 -16.61
C PRO B 80 10.16 -1.14 -15.71
N ALA B 81 9.92 -1.17 -14.40
CA ALA B 81 10.87 -0.61 -13.44
C ALA B 81 12.26 -1.23 -13.54
N ALA B 82 12.31 -2.56 -13.65
CA ALA B 82 13.58 -3.26 -13.78
C ALA B 82 14.28 -2.88 -15.10
N GLU B 83 13.53 -2.89 -16.19
N GLU B 83 13.55 -2.90 -16.20
CA GLU B 83 14.03 -2.47 -17.50
CA GLU B 83 14.11 -2.47 -17.49
C GLU B 83 14.67 -1.09 -17.42
C GLU B 83 14.71 -1.07 -17.39
N SER B 84 13.94 -0.14 -16.84
CA SER B 84 14.37 1.25 -16.76
C SER B 84 15.54 1.52 -15.81
N PHE B 85 15.61 0.80 -14.70
CA PHE B 85 16.49 1.21 -13.61
C PHE B 85 17.53 0.19 -13.10
N LEU B 86 17.41 -1.07 -13.52
CA LEU B 86 18.29 -2.09 -12.97
C LEU B 86 19.04 -2.83 -14.05
N VAL B 87 19.01 -2.30 -15.27
CA VAL B 87 19.78 -2.86 -16.36
C VAL B 87 21.00 -2.00 -16.60
N LYS B 88 22.16 -2.64 -16.73
CA LYS B 88 23.42 -1.91 -16.92
C LYS B 88 23.38 -1.22 -18.27
N GLY B 89 23.82 0.04 -18.30
CA GLY B 89 23.87 0.80 -19.52
C GLY B 89 22.57 1.49 -19.87
N ALA B 90 21.53 1.31 -19.04
CA ALA B 90 20.27 2.03 -19.21
C ALA B 90 20.47 3.49 -18.81
N LYS B 91 19.64 4.38 -19.35
CA LYS B 91 19.82 5.81 -19.13
C LYS B 91 19.75 6.17 -17.65
N TYR B 92 18.95 5.40 -16.91
CA TYR B 92 18.74 5.67 -15.48
C TYR B 92 19.03 4.44 -14.62
N ASP B 93 19.96 3.62 -15.07
CA ASP B 93 20.41 2.48 -14.30
C ASP B 93 21.08 2.98 -13.03
N PHE B 94 20.85 2.30 -11.92
CA PHE B 94 21.49 2.65 -10.67
C PHE B 94 21.58 1.42 -9.77
N GLY B 95 21.69 0.25 -10.39
CA GLY B 95 21.82 -0.99 -9.67
C GLY B 95 23.12 -1.03 -8.88
N ASP B 96 24.21 -0.73 -9.55
CA ASP B 96 25.52 -0.72 -8.91
C ASP B 96 25.52 0.11 -7.64
N TYR B 97 24.86 1.26 -7.64
CA TYR B 97 24.80 2.02 -6.41
C TYR B 97 24.09 1.23 -5.32
N LEU B 98 23.06 0.49 -5.70
CA LEU B 98 22.33 -0.34 -4.76
C LEU B 98 23.18 -1.50 -4.26
N ARG B 99 23.83 -2.21 -5.17
CA ARG B 99 24.54 -3.43 -4.80
C ARG B 99 25.85 -3.13 -4.06
N LEU B 100 26.55 -2.07 -4.46
CA LEU B 100 27.89 -1.79 -3.93
C LEU B 100 27.89 -0.97 -2.64
N GLN B 101 27.15 0.14 -2.60
CA GLN B 101 27.10 0.89 -1.35
C GLN B 101 26.00 0.36 -0.43
N VAL B 102 24.77 0.36 -0.93
CA VAL B 102 23.63 0.04 -0.07
C VAL B 102 23.72 -1.38 0.49
N ASP B 103 24.02 -2.35 -0.37
CA ASP B 103 24.04 -3.77 0.01
C ASP B 103 25.31 -4.18 0.74
N ARG B 104 26.46 -4.14 0.05
CA ARG B 104 27.75 -4.54 0.64
C ARG B 104 28.21 -3.70 1.81
N GLN B 105 27.64 -2.52 2.01
CA GLN B 105 28.11 -1.68 3.12
C GLN B 105 27.03 -1.31 4.12
N MET B 106 25.98 -0.67 3.65
CA MET B 106 25.00 -0.15 4.57
C MET B 106 24.21 -1.30 5.18
N TYR B 107 23.96 -2.35 4.41
CA TYR B 107 23.12 -3.43 4.90
C TYR B 107 23.77 -4.10 6.09
N GLY B 108 25.06 -4.42 5.97
CA GLY B 108 25.77 -5.05 7.05
C GLY B 108 26.02 -4.11 8.19
N LEU B 109 26.14 -2.82 7.89
CA LEU B 109 26.42 -1.81 8.91
C LEU B 109 25.28 -1.64 9.88
N LEU B 110 24.05 -1.68 9.38
CA LEU B 110 22.87 -1.44 10.21
C LEU B 110 22.60 -2.59 11.20
N ASP B 111 23.41 -3.62 11.14
CA ASP B 111 23.30 -4.67 12.13
C ASP B 111 23.72 -4.13 13.47
N GLN B 112 24.30 -2.93 13.48
CA GLN B 112 24.72 -2.27 14.71
C GLN B 112 23.69 -1.37 15.43
N ILE B 113 22.52 -1.08 14.83
CA ILE B 113 21.61 -0.12 15.47
C ILE B 113 21.07 -0.53 16.82
N GLU B 114 20.80 -1.82 17.03
CA GLU B 114 20.36 -2.23 18.35
C GLU B 114 21.36 -1.63 19.32
N ASP B 115 22.63 -1.87 19.06
CA ASP B 115 23.66 -1.39 19.96
C ASP B 115 23.90 0.10 19.76
N ALA B 116 23.88 0.55 18.52
CA ALA B 116 24.07 1.97 18.22
C ALA B 116 23.08 2.94 18.85
N ILE B 117 21.76 2.69 18.74
CA ILE B 117 20.80 3.66 19.33
C ILE B 117 20.79 3.61 20.84
N ALA B 118 21.53 2.67 21.40
CA ALA B 118 21.52 2.48 22.83
C ALA B 118 22.84 3.00 23.33
N ASN B 119 23.58 3.59 22.40
CA ASN B 119 24.89 4.14 22.71
C ASN B 119 25.77 3.13 23.40
N ASN B 120 25.73 1.89 22.90
CA ASN B 120 26.48 0.81 23.52
C ASN B 120 27.17 -0.07 22.49
N LEU B 121 27.86 0.54 21.54
CA LEU B 121 28.59 -0.24 20.55
C LEU B 121 29.74 -1.01 21.22
N PRO B 122 29.85 -2.32 20.92
CA PRO B 122 31.06 -3.08 21.29
C PRO B 122 32.28 -2.55 20.54
N ASP B 123 33.45 -2.61 21.16
CA ASP B 123 34.65 -1.97 20.61
C ASP B 123 34.92 -2.37 19.16
N ASP B 124 34.67 -3.63 18.82
CA ASP B 124 34.92 -4.13 17.48
C ASP B 124 34.06 -3.46 16.42
N ALA B 125 32.97 -2.83 16.84
CA ALA B 125 32.05 -2.20 15.90
C ALA B 125 32.68 -0.96 15.23
N THR B 126 32.17 -0.63 14.05
CA THR B 126 32.58 0.57 13.34
C THR B 126 31.90 1.76 13.99
N SER B 127 32.67 2.57 14.70
CA SER B 127 32.10 3.59 15.57
C SER B 127 32.12 4.99 14.98
N SER B 128 32.75 5.14 13.81
CA SER B 128 32.74 6.44 13.12
C SER B 128 33.20 6.31 11.68
N TYR B 129 32.93 7.36 10.90
CA TYR B 129 33.47 7.49 9.55
C TYR B 129 34.98 7.25 9.56
N ALA B 130 35.67 7.87 10.51
CA ALA B 130 37.12 7.78 10.63
C ALA B 130 37.57 6.33 10.87
N ASP B 131 36.99 5.70 11.89
CA ASP B 131 37.26 4.30 12.14
C ASP B 131 36.78 3.42 11.00
N TRP B 132 35.72 3.82 10.32
CA TRP B 132 35.23 3.07 9.16
C TRP B 132 36.24 3.12 8.02
N PHE B 133 36.62 4.34 7.62
CA PHE B 133 37.57 4.55 6.53
C PHE B 133 39.02 4.34 6.96
N SER B 134 39.23 3.87 8.19
CA SER B 134 40.55 3.46 8.62
C SER B 134 40.96 2.32 7.71
N ASP B 135 40.00 1.47 7.39
CA ASP B 135 40.16 0.44 6.36
C ASP B 135 40.07 1.12 5.00
N PRO B 136 41.12 0.97 4.17
CA PRO B 136 41.20 1.62 2.85
C PRO B 136 40.11 1.16 1.88
N GLU B 137 39.88 -0.15 1.81
CA GLU B 137 38.89 -0.70 0.88
C GLU B 137 37.52 -0.07 1.11
N GLN B 138 37.16 0.10 2.38
CA GLN B 138 35.88 0.67 2.77
C GLN B 138 35.83 2.13 2.37
N ALA B 139 36.90 2.85 2.68
CA ALA B 139 36.98 4.26 2.35
C ALA B 139 36.59 4.44 0.89
N LYS B 140 37.18 3.61 0.03
CA LYS B 140 37.07 3.73 -1.42
C LYS B 140 35.74 3.22 -1.97
N LEU B 141 35.21 2.18 -1.34
CA LEU B 141 33.92 1.63 -1.74
C LEU B 141 32.82 2.66 -1.53
N TYR B 142 32.81 3.28 -0.35
CA TYR B 142 31.81 4.28 -0.04
C TYR B 142 31.99 5.48 -0.96
N SER B 143 33.20 6.02 -1.00
CA SER B 143 33.45 7.27 -1.69
C SER B 143 33.12 7.19 -3.18
N ASN B 144 33.48 6.09 -3.81
CA ASN B 144 33.15 5.94 -5.22
C ASN B 144 31.66 6.18 -5.47
N SER B 145 30.85 5.38 -4.78
CA SER B 145 29.39 5.43 -4.90
C SER B 145 28.84 6.75 -4.39
N GLN B 146 29.36 7.21 -3.27
CA GLN B 146 29.01 8.53 -2.74
C GLN B 146 29.28 9.64 -3.75
N HIS B 147 30.44 9.59 -4.40
CA HIS B 147 30.86 10.62 -5.36
C HIS B 147 29.91 10.69 -6.55
N ALA B 148 29.55 9.53 -7.10
CA ALA B 148 28.73 9.48 -8.31
C ALA B 148 27.27 9.88 -8.05
N GLY B 149 26.75 9.53 -6.88
CA GLY B 149 25.42 9.95 -6.48
C GLY B 149 25.30 11.42 -6.16
N SER B 150 26.40 12.04 -5.73
CA SER B 150 26.37 13.45 -5.37
C SER B 150 26.44 14.39 -6.59
N LEU B 151 26.87 13.86 -7.73
CA LEU B 151 26.96 14.64 -8.96
C LEU B 151 25.61 15.28 -9.35
N GLY B 152 24.53 14.49 -9.32
CA GLY B 152 23.20 15.03 -9.54
C GLY B 152 22.84 16.21 -8.65
N PRO B 153 22.96 16.03 -7.32
CA PRO B 153 22.66 17.12 -6.39
C PRO B 153 23.60 18.31 -6.59
N ALA B 154 24.81 18.03 -7.06
CA ALA B 154 25.80 19.08 -7.28
C ALA B 154 25.42 19.91 -8.50
N ARG B 155 25.03 19.23 -9.58
CA ARG B 155 24.68 19.90 -10.81
C ARG B 155 23.50 20.83 -10.62
N GLY B 156 22.63 20.49 -9.68
CA GLY B 156 21.47 21.32 -9.38
C GLY B 156 21.91 22.48 -8.52
N LEU B 157 22.84 22.17 -7.60
CA LEU B 157 23.38 23.21 -6.74
C LEU B 157 24.04 24.35 -7.53
N ALA B 158 24.89 24.00 -8.49
CA ALA B 158 25.56 25.01 -9.33
C ALA B 158 24.57 25.85 -10.14
N LYS B 159 23.42 25.26 -10.46
CA LYS B 159 22.39 25.95 -11.23
C LYS B 159 21.64 27.03 -10.44
N LEU B 160 21.66 26.95 -9.10
CA LEU B 160 20.91 27.93 -8.32
C LEU B 160 21.74 28.90 -7.48
N ILE B 161 22.99 28.57 -7.18
CA ILE B 161 23.81 29.55 -6.48
C ILE B 161 24.72 30.33 -7.43
N ASP B 162 25.27 31.45 -6.94
CA ASP B 162 26.24 32.19 -7.72
C ASP B 162 27.50 32.45 -6.90
N LEU B 163 28.60 31.84 -7.31
CA LEU B 163 29.90 32.06 -6.67
C LEU B 163 30.92 32.67 -7.66
N SER B 164 30.42 33.32 -8.70
CA SER B 164 31.27 33.93 -9.72
C SER B 164 32.04 35.12 -9.18
N GLY B 165 33.14 35.45 -9.87
CA GLY B 165 33.90 36.66 -9.59
C GLY B 165 35.13 36.48 -8.73
N GLY B 166 35.67 35.27 -8.70
CA GLY B 166 36.90 34.99 -7.99
C GLY B 166 36.73 34.81 -6.49
N LYS B 167 36.19 33.66 -6.09
CA LYS B 167 35.87 33.45 -4.69
C LYS B 167 36.53 32.20 -4.09
N LYS B 168 36.29 32.03 -2.79
CA LYS B 168 36.87 30.92 -2.04
C LYS B 168 35.76 30.00 -1.50
N LEU B 169 35.97 28.69 -1.60
CA LEU B 169 35.00 27.71 -1.14
C LEU B 169 35.60 26.73 -0.14
N LEU B 170 35.00 26.64 1.04
CA LEU B 170 35.36 25.62 2.03
C LEU B 170 34.32 24.49 2.05
N ASP B 171 34.75 23.28 1.72
CA ASP B 171 33.87 22.13 1.61
C ASP B 171 34.18 21.18 2.75
N VAL B 172 33.47 21.32 3.87
CA VAL B 172 33.83 20.55 5.06
C VAL B 172 33.23 19.14 4.99
N GLY B 173 34.10 18.13 5.09
CA GLY B 173 33.68 16.76 4.87
C GLY B 173 33.35 16.56 3.41
N GLY B 174 34.07 17.25 2.54
CA GLY B 174 33.74 17.29 1.13
C GLY B 174 33.87 15.97 0.40
N GLY B 175 34.40 14.96 1.09
CA GLY B 175 34.53 13.65 0.47
C GLY B 175 35.56 13.66 -0.64
N THR B 176 35.22 13.05 -1.76
CA THR B 176 36.17 12.94 -2.88
C THR B 176 35.96 14.05 -3.92
N GLY B 177 35.11 15.02 -3.59
CA GLY B 177 35.03 16.26 -4.35
C GLY B 177 33.92 16.45 -5.38
N ALA B 178 32.84 15.68 -5.30
CA ALA B 178 31.81 15.79 -6.33
C ALA B 178 31.22 17.19 -6.43
N PHE B 179 30.80 17.74 -5.29
CA PHE B 179 30.20 19.07 -5.27
C PHE B 179 31.24 20.14 -5.63
N ALA B 180 32.39 20.07 -4.96
CA ALA B 180 33.45 21.06 -5.11
C ALA B 180 34.05 21.11 -6.52
N ILE B 181 34.18 19.96 -7.17
CA ILE B 181 34.64 19.87 -8.55
C ILE B 181 33.57 20.46 -9.43
N THR B 182 32.31 20.18 -9.09
CA THR B 182 31.19 20.62 -9.90
C THR B 182 31.06 22.16 -9.88
N LEU B 183 31.23 22.75 -8.70
CA LEU B 183 31.18 24.20 -8.55
C LEU B 183 32.36 24.89 -9.26
N CYS B 184 33.56 24.35 -9.06
CA CYS B 184 34.73 24.88 -9.76
C CYS B 184 34.54 24.79 -11.26
N LYS B 185 33.91 23.72 -11.72
CA LYS B 185 33.61 23.58 -13.13
C LYS B 185 32.70 24.70 -13.62
N ALA B 186 31.72 25.07 -12.80
CA ALA B 186 30.77 26.11 -13.17
C ALA B 186 31.25 27.52 -12.88
N PHE B 187 32.30 27.68 -12.07
CA PHE B 187 32.86 29.01 -11.77
C PHE B 187 34.37 29.08 -12.02
N ALA B 188 34.73 29.55 -13.20
CA ALA B 188 36.13 29.51 -13.66
C ALA B 188 37.11 30.14 -12.67
N ASP B 189 36.63 31.07 -11.85
CA ASP B 189 37.52 31.80 -10.94
C ASP B 189 37.53 31.21 -9.54
N LEU B 190 36.63 30.27 -9.28
CA LEU B 190 36.44 29.75 -7.94
C LEU B 190 37.69 29.04 -7.45
N ALA B 191 37.99 29.15 -6.16
CA ALA B 191 39.01 28.30 -5.52
C ALA B 191 38.39 27.49 -4.39
N ALA B 192 38.76 26.22 -4.29
CA ALA B 192 38.11 25.32 -3.34
C ALA B 192 39.07 24.64 -2.38
N THR B 193 38.63 24.54 -1.14
CA THR B 193 39.34 23.76 -0.14
C THR B 193 38.42 22.72 0.45
N ILE B 194 38.80 21.46 0.29
CA ILE B 194 38.09 20.35 0.90
C ILE B 194 38.83 19.89 2.15
N VAL B 195 38.10 19.70 3.25
CA VAL B 195 38.62 19.10 4.47
C VAL B 195 38.05 17.68 4.65
N ASP B 196 38.92 16.69 4.72
CA ASP B 196 38.47 15.34 4.95
C ASP B 196 39.57 14.50 5.59
N PHE B 197 39.38 13.19 5.61
CA PHE B 197 40.32 12.29 6.24
C PHE B 197 41.43 11.88 5.28
N PRO B 198 42.58 11.47 5.83
CA PRO B 198 43.74 11.10 5.01
C PRO B 198 43.40 10.09 3.90
N ASN B 199 42.42 9.22 4.15
CA ASN B 199 42.05 8.21 3.17
C ASN B 199 41.11 8.70 2.09
N VAL B 200 40.20 9.60 2.45
CA VAL B 200 39.30 10.20 1.47
C VAL B 200 40.06 11.21 0.62
N ALA B 201 40.90 12.02 1.27
CA ALA B 201 41.71 13.01 0.56
C ALA B 201 42.57 12.32 -0.49
N ALA B 202 43.13 11.16 -0.13
CA ALA B 202 43.93 10.38 -1.07
C ALA B 202 43.13 10.09 -2.34
N LEU B 203 41.92 9.60 -2.16
CA LEU B 203 41.07 9.20 -3.26
C LEU B 203 40.53 10.43 -4.01
N GLY B 204 40.36 11.52 -3.29
CA GLY B 204 39.82 12.74 -3.86
C GLY B 204 40.79 13.42 -4.79
N LYS B 205 42.08 13.20 -4.54
CA LYS B 205 43.11 13.81 -5.37
C LYS B 205 42.95 13.36 -6.83
N GLY B 206 42.73 12.06 -7.02
CA GLY B 206 42.55 11.53 -8.36
C GLY B 206 41.42 12.24 -9.07
N TYR B 207 40.30 12.38 -8.37
CA TYR B 207 39.13 13.05 -8.94
C TYR B 207 39.48 14.44 -9.42
N VAL B 208 40.07 15.24 -8.53
CA VAL B 208 40.49 16.60 -8.87
C VAL B 208 41.55 16.64 -9.99
N GLU B 209 42.57 15.76 -9.93
CA GLU B 209 43.56 15.67 -10.99
C GLU B 209 42.92 15.34 -12.34
N LYS B 210 41.91 14.46 -12.30
CA LYS B 210 41.24 13.96 -13.49
C LYS B 210 40.34 15.04 -14.08
N ALA B 211 39.93 15.98 -13.25
CA ALA B 211 39.13 17.10 -13.72
C ALA B 211 40.04 18.26 -14.13
N GLY B 212 41.33 18.10 -13.91
CA GLY B 212 42.30 19.13 -14.25
C GLY B 212 42.06 20.38 -13.44
N LEU B 213 41.96 20.20 -12.13
CA LEU B 213 41.62 21.28 -11.22
C LEU B 213 42.52 21.24 -10.00
N SER B 214 43.67 20.60 -10.16
CA SER B 214 44.57 20.37 -9.04
C SER B 214 45.17 21.68 -8.54
N ASP B 215 45.08 22.74 -9.33
N ASP B 215 45.05 22.71 -9.36
CA ASP B 215 45.62 24.02 -8.89
CA ASP B 215 45.60 24.04 -9.06
C ASP B 215 44.53 25.05 -8.58
C ASP B 215 44.56 24.95 -8.37
N ARG B 216 43.30 24.56 -8.45
CA ARG B 216 42.21 25.36 -7.94
C ARG B 216 41.50 24.68 -6.76
N ILE B 217 41.85 23.42 -6.50
CA ILE B 217 41.26 22.67 -5.41
C ILE B 217 42.33 22.02 -4.55
N GLU B 218 42.41 22.45 -3.30
CA GLU B 218 43.35 21.83 -2.35
C GLU B 218 42.63 21.07 -1.23
N TYR B 219 43.34 20.12 -0.65
CA TYR B 219 42.85 19.35 0.50
C TYR B 219 43.57 19.78 1.78
N VAL B 220 42.77 20.08 2.81
CA VAL B 220 43.28 20.15 4.16
C VAL B 220 42.88 18.83 4.80
N ILE B 221 43.87 18.05 5.20
CA ILE B 221 43.65 16.67 5.59
C ILE B 221 43.62 16.47 7.09
N GLY B 222 42.59 15.80 7.57
CA GLY B 222 42.44 15.53 9.00
C GLY B 222 41.01 15.68 9.50
N ASP B 223 40.87 15.53 10.81
CA ASP B 223 39.55 15.57 11.45
C ASP B 223 39.06 17.00 11.48
N ALA B 224 38.01 17.29 10.71
CA ALA B 224 37.50 18.65 10.56
C ALA B 224 37.18 19.32 11.90
N LEU B 225 36.99 18.51 12.94
CA LEU B 225 36.69 19.03 14.26
C LEU B 225 37.95 19.54 14.96
N ARG B 226 39.10 19.00 14.56
CA ARG B 226 40.37 19.28 15.23
C ARG B 226 41.42 19.92 14.33
N THR B 227 41.10 20.03 13.04
CA THR B 227 42.01 20.68 12.09
C THR B 227 41.53 22.10 11.81
N GLU B 228 42.47 23.01 11.53
CA GLU B 228 42.10 24.40 11.27
C GLU B 228 41.68 24.64 9.81
N TRP B 229 40.65 25.47 9.63
CA TRP B 229 40.05 25.71 8.33
C TRP B 229 40.52 27.05 7.77
N PRO B 230 40.55 27.19 6.43
CA PRO B 230 40.88 28.50 5.89
C PRO B 230 39.81 29.53 6.25
N ARG B 231 40.25 30.70 6.70
CA ARG B 231 39.33 31.77 7.05
C ARG B 231 38.98 32.62 5.85
N GLU B 232 38.01 33.51 6.02
CA GLU B 232 37.66 34.47 4.99
C GLU B 232 37.10 33.85 3.71
N GLN B 233 36.29 32.80 3.86
CA GLN B 233 35.67 32.14 2.71
C GLN B 233 34.38 32.81 2.25
N ASP B 234 34.11 32.68 0.97
CA ASP B 234 32.91 33.21 0.35
C ASP B 234 31.72 32.27 0.46
N ALA B 235 32.01 30.99 0.74
CA ALA B 235 30.96 29.98 0.89
C ALA B 235 31.49 28.74 1.58
N ILE B 236 30.69 28.17 2.48
CA ILE B 236 31.03 26.91 3.11
C ILE B 236 29.94 25.88 2.89
N LEU B 237 30.32 24.75 2.31
CA LEU B 237 29.38 23.66 2.10
C LEU B 237 29.64 22.57 3.12
N MET B 238 28.56 22.06 3.69
CA MET B 238 28.60 20.89 4.57
C MET B 238 27.52 19.90 4.13
N SER B 239 27.91 18.89 3.39
CA SER B 239 26.96 17.96 2.79
C SER B 239 27.14 16.54 3.35
N TYR B 240 26.15 16.12 4.13
CA TYR B 240 26.20 14.87 4.90
C TYR B 240 27.24 14.92 6.00
N LEU B 241 27.59 16.13 6.42
CA LEU B 241 28.52 16.24 7.53
C LEU B 241 27.79 16.10 8.86
N PHE B 242 26.70 16.84 9.01
CA PHE B 242 25.94 16.84 10.26
C PHE B 242 25.38 15.46 10.59
N SER B 243 24.97 14.73 9.55
CA SER B 243 24.46 13.37 9.66
C SER B 243 25.42 12.39 10.36
N GLY B 244 26.73 12.62 10.19
CA GLY B 244 27.76 11.67 10.58
C GLY B 244 28.74 12.21 11.59
N VAL B 245 28.21 12.97 12.52
CA VAL B 245 29.00 13.66 13.51
C VAL B 245 28.11 13.76 14.74
N ALA B 246 28.69 13.65 15.93
CA ALA B 246 27.93 13.77 17.17
C ALA B 246 27.03 15.02 17.16
N GLY B 247 25.93 14.97 17.90
CA GLY B 247 25.06 16.13 18.03
C GLY B 247 25.71 17.28 18.79
N ASP B 248 26.65 16.93 19.67
CA ASP B 248 27.36 17.89 20.51
C ASP B 248 28.27 18.86 19.74
N GLU B 249 28.46 18.60 18.44
CA GLU B 249 29.35 19.44 17.64
C GLU B 249 28.52 20.39 16.74
N HIS B 250 27.22 20.14 16.69
CA HIS B 250 26.35 20.88 15.79
C HIS B 250 26.37 22.38 16.03
N ASP B 251 26.35 22.77 17.29
CA ASP B 251 26.29 24.21 17.58
C ASP B 251 27.63 24.88 17.38
N SER B 252 28.72 24.19 17.70
CA SER B 252 30.05 24.73 17.48
C SER B 252 30.48 24.72 15.99
N LEU B 253 29.96 23.78 15.21
CA LEU B 253 30.23 23.75 13.78
C LEU B 253 29.52 24.91 13.08
N LEU B 254 28.33 25.24 13.55
CA LEU B 254 27.57 26.33 12.97
C LEU B 254 28.28 27.65 13.27
N LYS B 255 28.92 27.71 14.42
CA LYS B 255 29.65 28.90 14.84
C LYS B 255 31.02 29.02 14.15
N ARG B 256 31.71 27.90 13.93
CA ARG B 256 32.96 27.95 13.17
C ARG B 256 32.69 28.41 11.74
N ALA B 257 31.60 27.92 11.16
CA ALA B 257 31.24 28.30 9.79
C ALA B 257 30.95 29.80 9.70
N TYR B 258 30.18 30.32 10.65
CA TYR B 258 29.89 31.74 10.71
C TYR B 258 31.19 32.54 10.72
N ASP B 259 32.14 32.04 11.50
CA ASP B 259 33.38 32.72 11.80
C ASP B 259 34.39 32.66 10.65
N HIS B 260 34.33 31.62 9.82
CA HIS B 260 35.25 31.50 8.69
C HIS B 260 34.66 32.01 7.38
N LEU B 261 33.47 32.59 7.45
CA LEU B 261 32.85 33.18 6.29
C LEU B 261 33.17 34.68 6.30
N VAL B 262 33.30 35.28 5.12
CA VAL B 262 33.32 36.74 5.03
C VAL B 262 31.88 37.26 5.04
N PRO B 263 31.68 38.49 5.54
CA PRO B 263 30.39 39.16 5.41
C PRO B 263 29.76 38.94 4.04
N GLY B 264 28.47 38.63 4.02
CA GLY B 264 27.77 38.28 2.80
C GLY B 264 28.02 36.84 2.36
N GLY B 265 28.97 36.16 2.99
CA GLY B 265 29.25 34.77 2.65
C GLY B 265 28.06 33.87 2.96
N ARG B 266 27.99 32.74 2.27
CA ARG B 266 26.87 31.82 2.45
C ARG B 266 27.30 30.47 3.03
N LEU B 267 26.46 29.93 3.90
CA LEU B 267 26.64 28.58 4.40
C LEU B 267 25.62 27.69 3.73
N LEU B 268 26.09 26.57 3.20
CA LEU B 268 25.23 25.56 2.59
C LEU B 268 25.30 24.27 3.41
N ILE B 269 24.14 23.83 3.87
CA ILE B 269 24.04 22.54 4.57
C ILE B 269 23.16 21.64 3.74
N HIS B 270 23.72 20.53 3.31
CA HIS B 270 22.97 19.52 2.59
C HIS B 270 22.98 18.26 3.42
N ASP B 271 21.82 17.68 3.64
CA ASP B 271 21.73 16.52 4.52
C ASP B 271 20.34 15.92 4.60
N PHE B 272 20.26 14.75 5.21
CA PHE B 272 18.97 14.13 5.49
C PHE B 272 18.28 14.99 6.53
N VAL B 273 17.11 15.50 6.20
CA VAL B 273 16.35 16.30 7.16
C VAL B 273 14.86 15.96 7.09
N VAL B 274 14.25 15.71 8.25
CA VAL B 274 12.83 15.44 8.26
C VAL B 274 12.08 16.74 8.48
N THR B 275 10.77 16.74 8.22
CA THR B 275 9.98 17.92 8.55
C THR B 275 9.86 18.10 10.06
N ALA B 276 9.30 19.22 10.46
CA ALA B 276 9.16 19.54 11.87
C ALA B 276 8.15 18.62 12.53
N ASP B 277 7.14 18.21 11.78
CA ASP B 277 6.13 17.30 12.30
C ASP B 277 6.70 15.89 12.42
N ARG B 278 7.99 15.76 12.11
CA ARG B 278 8.71 14.49 12.21
C ARG B 278 7.88 13.30 11.76
N THR B 279 7.33 13.41 10.55
CA THR B 279 6.44 12.40 10.02
C THR B 279 6.97 11.91 8.68
N GLY B 280 8.14 12.43 8.30
CA GLY B 280 8.78 12.11 7.04
C GLY B 280 9.79 13.20 6.68
N PRO B 281 10.30 13.15 5.46
CA PRO B 281 10.05 12.04 4.53
C PRO B 281 10.71 10.71 4.95
N LYS B 282 10.06 9.61 4.58
CA LYS B 282 10.51 8.27 4.93
C LYS B 282 12.02 8.10 4.77
N LEU B 283 12.50 8.33 3.56
CA LEU B 283 13.91 8.13 3.23
C LEU B 283 14.90 8.95 4.06
N ALA B 284 14.57 10.21 4.33
CA ALA B 284 15.44 11.05 5.15
C ALA B 284 15.59 10.47 6.55
N ALA B 285 14.47 10.09 7.14
CA ALA B 285 14.48 9.57 8.50
C ALA B 285 15.19 8.20 8.54
N LEU B 286 14.91 7.36 7.54
CA LEU B 286 15.49 6.04 7.47
C LEU B 286 17.00 6.15 7.36
N TRP B 287 17.47 7.05 6.50
CA TRP B 287 18.90 7.31 6.34
C TRP B 287 19.56 7.86 7.62
N GLN B 288 18.86 8.67 8.40
CA GLN B 288 19.47 9.15 9.64
C GLN B 288 19.59 7.97 10.61
N LEU B 289 18.64 7.06 10.56
CA LEU B 289 18.75 5.88 11.38
C LEU B 289 19.99 5.12 10.90
N GLN B 290 20.06 4.87 9.59
CA GLN B 290 21.23 4.24 8.98
C GLN B 290 22.57 4.84 9.39
N HIS B 291 22.68 6.16 9.44
CA HIS B 291 23.98 6.77 9.76
C HIS B 291 24.25 6.69 11.26
N THR B 292 23.18 6.68 12.06
CA THR B 292 23.34 6.50 13.49
C THR B 292 24.05 5.18 13.83
N ALA B 293 23.89 4.16 12.98
CA ALA B 293 24.48 2.85 13.20
C ALA B 293 25.98 2.95 13.43
N PHE B 294 26.66 3.75 12.62
CA PHE B 294 28.07 4.00 12.81
C PHE B 294 28.37 5.43 13.31
N THR B 295 27.32 6.14 13.72
CA THR B 295 27.44 7.44 14.39
C THR B 295 26.47 7.48 15.57
N PRO B 296 26.82 6.82 16.69
CA PRO B 296 25.89 6.66 17.80
C PRO B 296 25.55 7.94 18.57
N GLU B 297 26.33 9.00 18.42
CA GLU B 297 25.97 10.26 19.06
C GLU B 297 25.28 11.25 18.11
N ALA B 298 24.91 10.79 16.93
CA ALA B 298 24.23 11.64 15.96
C ALA B 298 22.85 12.03 16.49
N ARG B 299 22.38 13.20 16.05
CA ARG B 299 21.01 13.61 16.32
C ARG B 299 20.24 13.79 15.02
N SER B 300 18.94 14.00 15.16
CA SER B 300 18.03 14.05 14.02
C SER B 300 17.70 15.50 13.65
N LEU B 301 18.13 15.91 12.47
CA LEU B 301 17.82 17.25 12.00
C LEU B 301 16.42 17.32 11.48
N ASP B 302 15.65 18.28 11.97
CA ASP B 302 14.38 18.66 11.34
C ASP B 302 14.55 20.08 10.81
N ASP B 303 13.73 20.44 9.81
CA ASP B 303 13.90 21.70 9.08
C ASP B 303 13.72 22.95 9.93
N GLU B 304 12.81 22.90 10.91
CA GLU B 304 12.61 24.03 11.82
C GLU B 304 13.80 24.24 12.76
N TRP B 305 14.27 23.16 13.38
CA TRP B 305 15.40 23.29 14.30
C TRP B 305 16.62 23.87 13.57
N LEU B 306 16.75 23.55 12.30
CA LEU B 306 17.96 23.87 11.56
C LEU B 306 17.95 25.33 11.19
N ALA B 307 16.84 25.79 10.62
CA ALA B 307 16.65 27.20 10.30
C ALA B 307 16.96 28.04 11.53
N GLU B 308 16.37 27.64 12.66
CA GLU B 308 16.51 28.34 13.92
C GLU B 308 17.93 28.44 14.45
N GLN B 309 18.67 27.34 14.43
CA GLN B 309 20.06 27.41 14.91
C GLN B 309 20.93 28.25 13.97
N LEU B 310 20.56 28.29 12.69
CA LEU B 310 21.27 29.15 11.76
C LEU B 310 21.00 30.60 12.16
N LYS B 311 19.72 30.98 12.28
CA LYS B 311 19.37 32.31 12.78
C LYS B 311 20.10 32.64 14.09
N LYS B 312 19.81 31.87 15.14
CA LYS B 312 20.40 32.13 16.44
C LYS B 312 21.91 32.34 16.35
N THR B 313 22.54 31.74 15.35
CA THR B 313 24.00 31.78 15.23
C THR B 313 24.49 33.08 14.58
N GLY B 314 23.55 33.80 13.97
CA GLY B 314 23.86 35.08 13.36
C GLY B 314 23.45 35.19 11.90
N PHE B 315 23.03 34.08 11.31
CA PHE B 315 22.73 34.08 9.88
C PHE B 315 21.42 34.77 9.55
N THR B 316 21.34 35.25 8.31
CA THR B 316 20.13 35.89 7.79
C THR B 316 19.78 35.21 6.47
N ASP B 317 18.59 35.44 5.97
CA ASP B 317 18.22 34.91 4.67
C ASP B 317 18.06 33.40 4.70
N VAL B 318 17.80 32.87 5.89
CA VAL B 318 17.68 31.44 6.11
C VAL B 318 16.55 30.79 5.31
N LYS B 319 16.91 29.97 4.33
CA LYS B 319 15.94 29.14 3.63
C LYS B 319 16.27 27.66 3.84
N VAL B 320 15.22 26.87 4.07
CA VAL B 320 15.36 25.43 4.21
C VAL B 320 14.41 24.82 3.20
N GLY B 321 14.94 24.02 2.28
CA GLY B 321 14.10 23.48 1.23
C GLY B 321 14.54 22.10 0.81
N PRO B 322 13.66 21.37 0.10
CA PRO B 322 14.01 20.04 -0.40
C PRO B 322 15.10 20.19 -1.45
N MET B 323 16.07 19.28 -1.43
CA MET B 323 17.11 19.26 -2.45
C MET B 323 16.92 18.00 -3.29
N ILE B 324 17.41 16.87 -2.80
CA ILE B 324 17.00 15.59 -3.37
C ILE B 324 15.62 15.29 -2.82
N PRO B 325 14.58 15.41 -3.67
CA PRO B 325 13.20 15.33 -3.19
C PRO B 325 12.94 14.05 -2.40
N GLY B 326 12.45 14.21 -1.16
CA GLY B 326 12.08 13.09 -0.34
C GLY B 326 13.19 12.56 0.54
N MET B 327 14.42 12.97 0.26
CA MET B 327 15.57 12.40 0.93
C MET B 327 16.42 13.48 1.63
N THR B 328 16.83 14.50 0.89
CA THR B 328 17.62 15.58 1.47
C THR B 328 16.97 16.95 1.36
N MET B 329 17.43 17.85 2.22
CA MET B 329 17.07 19.27 2.12
C MET B 329 18.34 20.09 1.98
N LEU B 330 18.20 21.31 1.47
CA LEU B 330 19.30 22.26 1.46
C LEU B 330 18.94 23.51 2.26
N ALA B 331 19.86 23.93 3.11
CA ALA B 331 19.60 25.05 3.98
C ALA B 331 20.64 26.12 3.71
N GLU B 332 20.18 27.29 3.28
CA GLU B 332 21.07 28.41 2.97
C GLU B 332 21.01 29.51 4.02
N ALA B 333 22.17 30.04 4.35
CA ALA B 333 22.27 31.15 5.30
C ALA B 333 23.39 32.12 4.91
N VAL B 334 23.17 33.40 5.20
CA VAL B 334 24.07 34.45 4.76
C VAL B 334 24.59 35.19 5.97
N ARG B 335 25.91 35.21 6.17
CA ARG B 335 26.46 36.06 7.22
C ARG B 335 26.03 37.48 6.92
N PRO B 336 25.60 38.21 7.95
CA PRO B 336 25.04 39.54 7.71
C PRO B 336 26.12 40.47 7.17
N GLU B 337 25.76 41.26 6.15
CA GLU B 337 26.65 42.27 5.58
C GLU B 337 26.51 43.58 6.35
N THR C 2 0.96 -6.51 -9.04
CA THR C 2 1.53 -5.38 -9.77
C THR C 2 2.94 -5.65 -10.30
N LEU C 3 3.27 -4.96 -11.39
CA LEU C 3 4.63 -4.78 -11.85
C LEU C 3 5.05 -3.36 -11.44
N LEU C 4 6.34 -3.14 -11.25
CA LEU C 4 6.79 -1.82 -10.84
C LEU C 4 7.18 -1.00 -12.06
N THR C 5 7.00 0.30 -11.94
CA THR C 5 7.25 1.19 -13.06
C THR C 5 8.11 2.36 -12.60
N ASN C 6 7.96 2.74 -11.33
CA ASN C 6 8.63 3.95 -10.80
C ASN C 6 9.98 3.66 -10.20
N ALA C 7 10.82 4.69 -10.15
CA ALA C 7 12.06 4.55 -9.40
C ALA C 7 11.75 4.51 -7.90
N GLU C 8 10.86 5.39 -7.44
CA GLU C 8 10.45 5.36 -6.04
C GLU C 8 10.01 3.95 -5.57
N GLU C 9 9.51 3.13 -6.49
CA GLU C 9 8.97 1.82 -6.14
C GLU C 9 10.08 0.80 -5.93
N ILE C 10 11.07 0.82 -6.82
CA ILE C 10 12.31 0.09 -6.62
C ILE C 10 12.94 0.59 -5.33
N SER C 11 12.94 1.89 -5.15
CA SER C 11 13.52 2.50 -3.96
C SER C 11 12.84 1.99 -2.67
N ASP C 12 11.51 1.91 -2.67
CA ASP C 12 10.82 1.41 -1.48
C ASP C 12 11.23 -0.02 -1.16
N ILE C 13 11.54 -0.78 -2.20
CA ILE C 13 11.99 -2.14 -2.03
C ILE C 13 13.43 -2.15 -1.54
N ALA C 14 14.31 -1.53 -2.31
CA ALA C 14 15.69 -1.41 -1.90
C ALA C 14 15.87 -1.03 -0.41
N PHE C 15 15.03 -0.15 0.13
CA PHE C 15 15.29 0.31 1.48
C PHE C 15 14.37 -0.25 2.55
N GLY C 16 13.73 -1.37 2.23
CA GLY C 16 12.95 -2.10 3.20
C GLY C 16 13.75 -2.54 4.42
N PHE C 17 15.01 -2.87 4.24
CA PHE C 17 15.84 -3.37 5.36
C PHE C 17 15.95 -2.35 6.51
N MET C 18 15.99 -1.08 6.13
CA MET C 18 16.09 0.00 7.10
C MET C 18 14.83 0.05 7.95
N GLY C 19 13.69 -0.08 7.28
CA GLY C 19 12.40 -0.16 7.96
C GLY C 19 12.34 -1.33 8.92
N SER C 20 12.66 -2.53 8.40
CA SER C 20 12.80 -3.73 9.23
C SER C 20 13.61 -3.44 10.47
N LYS C 21 14.73 -2.77 10.28
CA LYS C 21 15.67 -2.56 11.38
C LYS C 21 15.17 -1.50 12.36
N ALA C 22 14.36 -0.57 11.87
CA ALA C 22 13.78 0.43 12.74
C ALA C 22 12.81 -0.25 13.70
N LEU C 23 11.98 -1.13 13.16
CA LEU C 23 11.03 -1.90 13.97
C LEU C 23 11.78 -2.78 14.96
N PHE C 24 12.68 -3.62 14.44
CA PHE C 24 13.40 -4.59 15.27
C PHE C 24 14.13 -3.90 16.42
N ALA C 25 14.87 -2.83 16.09
CA ALA C 25 15.62 -2.09 17.09
C ALA C 25 14.71 -1.55 18.18
N ALA C 26 13.62 -0.92 17.76
CA ALA C 26 12.60 -0.43 18.69
C ALA C 26 12.00 -1.55 19.57
N LEU C 27 11.93 -2.78 19.04
CA LEU C 27 11.42 -3.89 19.84
C LEU C 27 12.41 -4.28 20.93
N HIS C 28 13.70 -4.30 20.60
CA HIS C 28 14.74 -4.65 21.58
C HIS C 28 14.80 -3.68 22.76
N HIS C 29 14.17 -2.52 22.62
CA HIS C 29 14.28 -1.51 23.68
C HIS C 29 12.92 -1.15 24.27
N GLY C 30 11.93 -2.00 24.01
CA GLY C 30 10.61 -1.88 24.62
C GLY C 30 9.83 -0.64 24.19
N VAL C 31 10.19 -0.07 23.04
CA VAL C 31 9.53 1.14 22.60
C VAL C 31 8.01 0.99 22.70
N PHE C 32 7.45 0.03 21.95
CA PHE C 32 6.01 -0.12 21.86
C PHE C 32 5.36 -0.55 23.16
N THR C 33 6.13 -1.17 24.05
CA THR C 33 5.57 -1.53 25.34
C THR C 33 5.47 -0.30 26.22
N CYS C 34 6.46 0.58 26.14
CA CYS C 34 6.46 1.83 26.89
C CYS C 34 5.39 2.81 26.41
N LEU C 35 4.84 2.54 25.23
CA LEU C 35 3.83 3.40 24.65
C LEU C 35 2.43 2.84 24.85
N ALA C 36 2.33 1.80 25.67
CA ALA C 36 1.07 1.09 25.84
C ALA C 36 0.23 1.70 26.94
N ASP C 37 0.89 2.37 27.88
CA ASP C 37 0.20 3.03 28.98
C ASP C 37 -0.39 4.38 28.55
N GLY C 38 0.15 4.93 27.47
CA GLY C 38 -0.33 6.18 26.92
C GLY C 38 0.75 6.93 26.15
N PRO C 39 0.34 7.91 25.32
CA PRO C 39 1.21 8.75 24.48
C PRO C 39 2.26 9.48 25.29
N LEU C 40 3.53 9.32 24.91
CA LEU C 40 4.63 9.97 25.62
C LEU C 40 5.34 11.01 24.75
N SER C 41 6.33 11.68 25.33
CA SER C 41 7.18 12.58 24.58
C SER C 41 8.60 12.02 24.58
N VAL C 42 9.38 12.44 23.59
CA VAL C 42 10.75 12.00 23.44
C VAL C 42 11.50 12.08 24.76
N GLU C 43 11.08 13.01 25.61
CA GLU C 43 11.75 13.20 26.88
C GLU C 43 11.40 12.06 27.81
N GLU C 44 10.13 11.65 27.79
CA GLU C 44 9.63 10.59 28.66
C GLU C 44 10.02 9.19 28.16
N MET C 45 10.03 9.03 26.85
CA MET C 45 10.40 7.77 26.22
C MET C 45 11.76 7.26 26.67
N ALA C 46 12.69 8.20 26.90
CA ALA C 46 14.05 7.83 27.24
C ALA C 46 14.19 7.21 28.62
N ALA C 47 13.28 7.57 29.53
CA ALA C 47 13.33 7.05 30.89
C ALA C 47 13.16 5.54 30.89
N ALA C 48 12.08 5.08 30.28
CA ALA C 48 11.83 3.67 30.15
C ALA C 48 12.84 2.95 29.27
N THR C 49 12.75 3.19 27.97
CA THR C 49 13.66 2.61 26.99
C THR C 49 15.11 2.67 27.42
N GLY C 50 15.45 3.66 28.24
CA GLY C 50 16.82 3.81 28.71
C GLY C 50 17.74 4.46 27.68
N LEU C 51 17.19 4.77 26.51
CA LEU C 51 17.98 5.35 25.42
C LEU C 51 18.17 6.86 25.60
N HIS C 52 19.30 7.38 25.13
CA HIS C 52 19.48 8.82 25.03
C HIS C 52 18.33 9.43 24.24
N PRO C 53 17.88 10.64 24.64
CA PRO C 53 16.73 11.32 24.03
C PRO C 53 16.91 11.64 22.54
N ASP C 54 18.15 11.87 22.10
CA ASP C 54 18.39 12.17 20.69
C ASP C 54 18.31 10.91 19.83
N ARG C 55 18.59 9.76 20.42
CA ARG C 55 18.42 8.49 19.72
C ARG C 55 16.95 8.02 19.68
N VAL C 56 16.19 8.25 20.75
CA VAL C 56 14.77 7.87 20.71
C VAL C 56 14.07 8.74 19.68
N GLN C 57 14.57 9.97 19.51
CA GLN C 57 13.97 10.88 18.55
C GLN C 57 14.20 10.38 17.12
N THR C 58 15.42 9.94 16.82
CA THR C 58 15.71 9.37 15.51
C THR C 58 14.92 8.09 15.30
N LEU C 59 14.98 7.20 16.26
CA LEU C 59 14.24 5.94 16.11
C LEU C 59 12.73 6.18 15.98
N LEU C 60 12.18 7.02 16.83
CA LEU C 60 10.74 7.29 16.77
C LEU C 60 10.28 8.01 15.49
N THR C 61 11.16 8.84 14.92
CA THR C 61 10.87 9.55 13.67
C THR C 61 10.80 8.59 12.48
N ALA C 62 11.70 7.60 12.47
CA ALA C 62 11.65 6.51 11.50
C ALA C 62 10.34 5.73 11.62
N LEU C 63 9.99 5.29 12.82
CA LEU C 63 8.72 4.62 13.06
C LEU C 63 7.55 5.50 12.60
N ALA C 64 7.65 6.79 12.89
CA ALA C 64 6.64 7.74 12.44
C ALA C 64 6.45 7.66 10.93
N SER C 65 7.55 7.83 10.19
CA SER C 65 7.50 7.88 8.72
C SER C 65 7.09 6.56 8.08
N LEU C 66 6.99 5.52 8.90
CA LEU C 66 6.57 4.22 8.42
C LEU C 66 5.15 3.95 8.89
N GLY C 67 4.72 4.71 9.90
CA GLY C 67 3.38 4.61 10.42
C GLY C 67 3.24 3.63 11.57
N VAL C 68 4.35 3.27 12.19
CA VAL C 68 4.27 2.35 13.30
C VAL C 68 3.85 3.11 14.54
N VAL C 69 4.25 4.38 14.60
CA VAL C 69 3.79 5.27 15.65
C VAL C 69 3.28 6.57 15.03
N SER C 70 2.41 7.25 15.77
CA SER C 70 1.94 8.56 15.39
C SER C 70 2.78 9.63 16.09
N ALA C 71 2.98 10.74 15.39
CA ALA C 71 3.66 11.91 15.96
C ALA C 71 2.67 13.07 16.06
N VAL C 72 2.40 13.52 17.29
CA VAL C 72 1.42 14.59 17.49
C VAL C 72 1.83 15.62 18.55
N GLU C 73 2.06 16.85 18.12
CA GLU C 73 2.54 17.91 18.99
C GLU C 73 3.60 17.41 19.99
N GLY C 74 4.71 16.93 19.45
CA GLY C 74 5.86 16.55 20.26
C GLY C 74 5.69 15.28 21.07
N ARG C 75 4.59 14.57 20.82
CA ARG C 75 4.30 13.32 21.53
C ARG C 75 4.06 12.14 20.58
N PHE C 76 4.58 10.98 20.96
CA PHE C 76 4.42 9.77 20.16
C PHE C 76 3.43 8.80 20.81
N ALA C 77 2.81 7.98 19.99
CA ALA C 77 1.85 7.00 20.48
C ALA C 77 1.78 5.81 19.52
N ASN C 78 1.52 4.63 20.08
CA ASN C 78 1.42 3.42 19.29
C ASN C 78 0.34 3.49 18.26
N SER C 79 0.66 3.07 17.04
CA SER C 79 -0.39 2.80 16.07
C SER C 79 -1.22 1.63 16.60
N PRO C 80 -2.47 1.53 16.14
CA PRO C 80 -3.33 0.41 16.53
C PRO C 80 -2.65 -0.94 16.37
N ALA C 81 -1.92 -1.11 15.27
CA ALA C 81 -1.20 -2.36 14.99
C ALA C 81 -0.05 -2.58 15.97
N ALA C 82 0.69 -1.53 16.29
CA ALA C 82 1.70 -1.65 17.34
C ALA C 82 1.04 -2.06 18.66
N GLU C 83 -0.13 -1.49 18.95
N GLU C 83 -0.13 -1.51 18.93
CA GLU C 83 -0.86 -1.81 20.17
CA GLU C 83 -0.84 -1.80 20.18
C GLU C 83 -1.14 -3.30 20.26
C GLU C 83 -1.21 -3.28 20.27
N SER C 84 -1.57 -3.87 19.14
CA SER C 84 -2.00 -5.27 19.11
C SER C 84 -0.88 -6.30 18.99
N PHE C 85 0.22 -5.92 18.35
CA PHE C 85 1.17 -6.91 17.88
C PHE C 85 2.58 -6.71 18.39
N LEU C 86 2.81 -5.67 19.17
CA LEU C 86 4.18 -5.34 19.54
C LEU C 86 4.26 -4.91 20.98
N VAL C 87 3.12 -4.92 21.67
CA VAL C 87 3.08 -4.62 23.09
C VAL C 87 3.21 -5.92 23.86
N LYS C 88 4.26 -6.04 24.67
CA LYS C 88 4.44 -7.24 25.49
C LYS C 88 3.16 -7.51 26.28
N GLY C 89 2.61 -8.70 26.10
CA GLY C 89 1.42 -9.11 26.83
C GLY C 89 0.13 -9.08 26.03
N ALA C 90 0.16 -8.51 24.84
CA ALA C 90 -1.05 -8.45 24.01
C ALA C 90 -1.33 -9.82 23.40
N LYS C 91 -2.60 -10.11 23.18
CA LYS C 91 -3.01 -11.42 22.70
C LYS C 91 -2.32 -11.88 21.41
N TYR C 92 -1.88 -10.93 20.58
CA TYR C 92 -1.23 -11.29 19.31
C TYR C 92 0.19 -10.79 19.23
N ASP C 93 0.72 -10.33 20.36
CA ASP C 93 2.11 -9.90 20.46
C ASP C 93 3.05 -10.93 19.80
N PHE C 94 3.88 -10.46 18.88
CA PHE C 94 4.92 -11.34 18.34
C PHE C 94 6.23 -10.60 18.19
N GLY C 95 6.53 -9.75 19.16
CA GLY C 95 7.68 -8.86 19.07
C GLY C 95 8.99 -9.58 19.32
N ASP C 96 8.95 -10.49 20.29
CA ASP C 96 10.14 -11.22 20.67
C ASP C 96 10.61 -12.09 19.52
N TYR C 97 9.65 -12.78 18.91
CA TYR C 97 9.96 -13.62 17.76
C TYR C 97 10.67 -12.83 16.65
N LEU C 98 10.12 -11.67 16.29
CA LEU C 98 10.72 -10.75 15.31
C LEU C 98 12.12 -10.25 15.73
N ARG C 99 12.27 -9.84 16.99
CA ARG C 99 13.53 -9.27 17.43
C ARG C 99 14.62 -10.32 17.65
N LEU C 100 14.25 -11.50 18.14
CA LEU C 100 15.26 -12.49 18.52
C LEU C 100 15.69 -13.40 17.35
N GLN C 101 14.72 -14.03 16.70
CA GLN C 101 15.02 -14.91 15.57
C GLN C 101 15.12 -14.19 14.23
N VAL C 102 14.17 -13.29 13.93
CA VAL C 102 14.22 -12.62 12.64
C VAL C 102 15.34 -11.59 12.60
N ASP C 103 15.45 -10.77 13.64
CA ASP C 103 16.47 -9.73 13.66
C ASP C 103 17.87 -10.25 14.03
N ARG C 104 18.01 -10.81 15.23
CA ARG C 104 19.33 -11.27 15.69
C ARG C 104 19.89 -12.45 14.91
N GLN C 105 19.08 -13.13 14.11
CA GLN C 105 19.59 -14.28 13.38
C GLN C 105 19.43 -14.14 11.88
N MET C 106 18.19 -14.07 11.42
CA MET C 106 17.93 -14.07 9.98
C MET C 106 18.46 -12.83 9.25
N TYR C 107 18.42 -11.67 9.90
CA TYR C 107 18.92 -10.47 9.25
C TYR C 107 20.39 -10.65 8.90
N GLY C 108 21.22 -10.95 9.89
CA GLY C 108 22.62 -11.21 9.65
C GLY C 108 22.83 -12.34 8.63
N LEU C 109 22.18 -13.48 8.83
CA LEU C 109 22.37 -14.64 7.94
C LEU C 109 22.10 -14.31 6.48
N LEU C 110 21.12 -13.44 6.24
CA LEU C 110 20.76 -13.08 4.88
C LEU C 110 21.86 -12.27 4.18
N ASP C 111 22.82 -11.78 4.95
CA ASP C 111 24.01 -11.17 4.34
C ASP C 111 24.78 -12.18 3.50
N GLN C 112 24.45 -13.46 3.64
CA GLN C 112 25.10 -14.52 2.88
C GLN C 112 24.54 -14.79 1.47
N ILE C 113 23.30 -14.39 1.18
CA ILE C 113 22.67 -14.85 -0.08
C ILE C 113 23.50 -14.60 -1.33
N GLU C 114 24.22 -13.47 -1.42
CA GLU C 114 24.96 -13.24 -2.65
C GLU C 114 25.81 -14.48 -2.97
N ASP C 115 26.57 -14.95 -1.97
CA ASP C 115 27.36 -16.17 -2.11
C ASP C 115 26.49 -17.44 -2.18
N ALA C 116 25.48 -17.54 -1.30
CA ALA C 116 24.65 -18.72 -1.20
C ALA C 116 23.86 -19.06 -2.45
N ILE C 117 23.24 -18.07 -3.10
CA ILE C 117 22.52 -18.37 -4.35
C ILE C 117 23.49 -18.79 -5.43
N ALA C 118 24.77 -18.44 -5.24
CA ALA C 118 25.78 -18.88 -6.20
C ALA C 118 26.39 -20.25 -5.84
N ASN C 119 25.98 -20.79 -4.69
CA ASN C 119 26.58 -22.01 -4.19
C ASN C 119 28.08 -21.84 -3.97
N ASN C 120 28.41 -20.74 -3.32
CA ASN C 120 29.79 -20.35 -3.14
C ASN C 120 29.98 -19.72 -1.77
N LEU C 121 29.32 -20.29 -0.76
CA LEU C 121 29.54 -19.85 0.62
C LEU C 121 31.02 -20.00 0.98
N PRO C 122 31.57 -19.00 1.69
CA PRO C 122 32.93 -19.07 2.24
C PRO C 122 32.96 -19.98 3.48
N ASP C 123 34.16 -20.28 3.98
CA ASP C 123 34.29 -21.29 5.04
C ASP C 123 33.63 -20.85 6.34
N ASP C 124 33.68 -19.54 6.58
CA ASP C 124 33.19 -18.95 7.81
C ASP C 124 31.69 -18.67 7.77
N ALA C 125 31.04 -18.98 6.67
CA ALA C 125 29.58 -18.83 6.60
C ALA C 125 28.89 -20.08 7.17
N THR C 126 27.73 -19.87 7.80
CA THR C 126 26.88 -20.96 8.30
C THR C 126 26.13 -21.63 7.14
N SER C 127 26.43 -22.92 6.89
CA SER C 127 25.96 -23.58 5.69
C SER C 127 24.90 -24.69 5.90
N SER C 128 24.42 -24.83 7.13
CA SER C 128 23.35 -25.78 7.43
C SER C 128 22.86 -25.55 8.83
N TYR C 129 21.61 -25.91 9.08
CA TYR C 129 21.08 -26.00 10.43
C TYR C 129 22.06 -26.76 11.35
N ALA C 130 22.55 -27.91 10.88
CA ALA C 130 23.51 -28.70 11.68
C ALA C 130 24.68 -27.84 12.16
N ASP C 131 25.38 -27.23 11.23
CA ASP C 131 26.50 -26.40 11.59
C ASP C 131 26.01 -25.26 12.50
N TRP C 132 24.95 -24.57 12.10
CA TRP C 132 24.37 -23.50 12.89
C TRP C 132 24.02 -23.91 14.34
N PHE C 133 23.21 -24.95 14.50
CA PHE C 133 22.78 -25.28 15.86
C PHE C 133 23.83 -26.02 16.74
N SER C 134 24.99 -26.35 16.16
CA SER C 134 26.17 -26.78 16.91
C SER C 134 26.46 -25.82 18.03
N ASP C 135 26.03 -24.58 17.85
CA ASP C 135 26.20 -23.53 18.83
C ASP C 135 24.96 -23.57 19.70
N PRO C 136 25.13 -23.77 21.01
CA PRO C 136 23.95 -23.87 21.89
C PRO C 136 23.18 -22.55 21.96
N GLU C 137 23.87 -21.43 22.01
CA GLU C 137 23.20 -20.13 22.07
C GLU C 137 22.37 -19.88 20.81
N GLN C 138 22.93 -20.12 19.64
CA GLN C 138 22.15 -20.00 18.41
C GLN C 138 20.92 -20.91 18.43
N ALA C 139 21.08 -22.14 18.92
CA ALA C 139 19.97 -23.09 18.95
C ALA C 139 18.82 -22.61 19.85
N LYS C 140 19.14 -21.98 20.98
CA LYS C 140 18.11 -21.48 21.89
C LYS C 140 17.40 -20.31 21.24
N LEU C 141 18.19 -19.28 20.94
CA LEU C 141 17.72 -18.04 20.35
C LEU C 141 16.72 -18.29 19.23
N TYR C 142 16.99 -19.32 18.44
CA TYR C 142 16.09 -19.65 17.35
C TYR C 142 14.88 -20.39 17.89
N SER C 143 15.10 -21.32 18.80
CA SER C 143 14.08 -22.34 19.11
C SER C 143 13.00 -21.89 20.06
N ASN C 144 13.33 -20.96 20.95
CA ASN C 144 12.33 -20.48 21.89
C ASN C 144 11.30 -19.64 21.14
N SER C 145 11.77 -18.83 20.20
CA SER C 145 10.91 -18.04 19.31
C SER C 145 10.14 -18.97 18.40
N GLN C 146 10.84 -19.90 17.76
CA GLN C 146 10.20 -20.86 16.88
C GLN C 146 9.08 -21.58 17.59
N HIS C 147 9.35 -22.02 18.82
CA HIS C 147 8.36 -22.74 19.62
C HIS C 147 7.07 -21.93 19.75
N ALA C 148 7.21 -20.66 20.12
CA ALA C 148 6.08 -19.81 20.45
C ALA C 148 5.24 -19.44 19.22
N GLY C 149 5.90 -19.20 18.09
CA GLY C 149 5.20 -18.91 16.86
C GLY C 149 4.50 -20.11 16.24
N SER C 150 4.89 -21.31 16.64
CA SER C 150 4.27 -22.52 16.09
C SER C 150 3.12 -23.03 16.95
N LEU C 151 3.04 -22.55 18.20
CA LEU C 151 1.95 -22.94 19.09
C LEU C 151 0.59 -22.72 18.43
N GLY C 152 0.38 -21.50 17.93
CA GLY C 152 -0.85 -21.14 17.24
C GLY C 152 -1.19 -22.00 16.04
N PRO C 153 -0.30 -22.04 15.04
CA PRO C 153 -0.53 -22.94 13.90
C PRO C 153 -0.76 -24.38 14.34
N ALA C 154 -0.17 -24.79 15.46
CA ALA C 154 -0.30 -26.18 15.91
C ALA C 154 -1.70 -26.48 16.47
N ARG C 155 -2.28 -25.52 17.18
CA ARG C 155 -3.66 -25.68 17.67
C ARG C 155 -4.60 -25.77 16.49
N GLY C 156 -4.27 -25.01 15.45
CA GLY C 156 -4.99 -25.08 14.20
C GLY C 156 -4.90 -26.49 13.66
N LEU C 157 -3.68 -27.02 13.64
CA LEU C 157 -3.45 -28.33 13.06
C LEU C 157 -4.19 -29.42 13.79
N ALA C 158 -4.26 -29.29 15.11
CA ALA C 158 -4.93 -30.27 15.96
C ALA C 158 -6.42 -30.42 15.59
N LYS C 159 -7.02 -29.34 15.08
CA LYS C 159 -8.44 -29.35 14.74
C LYS C 159 -8.70 -29.99 13.39
N LEU C 160 -7.74 -29.89 12.49
CA LEU C 160 -7.94 -30.39 11.12
C LEU C 160 -7.80 -31.91 10.98
N ILE C 161 -7.20 -32.54 11.99
CA ILE C 161 -6.86 -33.97 11.93
C ILE C 161 -7.25 -34.74 13.19
N ASP C 162 -7.42 -36.04 13.05
CA ASP C 162 -7.76 -36.89 14.20
C ASP C 162 -6.72 -38.01 14.44
N LEU C 163 -6.00 -37.91 15.56
CA LEU C 163 -4.97 -38.90 15.91
C LEU C 163 -5.38 -39.72 17.12
N SER C 164 -6.69 -39.86 17.29
CA SER C 164 -7.30 -40.56 18.42
C SER C 164 -7.11 -42.07 18.32
N GLY C 165 -7.47 -42.80 19.38
CA GLY C 165 -7.18 -44.22 19.47
C GLY C 165 -5.78 -44.35 20.05
N GLY C 166 -5.12 -45.48 19.82
CA GLY C 166 -3.76 -45.63 20.28
C GLY C 166 -2.80 -45.38 19.14
N LYS C 167 -2.30 -44.16 19.03
CA LYS C 167 -1.58 -43.80 17.81
C LYS C 167 -0.17 -43.24 17.99
N LYS C 168 0.64 -43.35 16.94
CA LYS C 168 2.06 -43.06 17.04
C LYS C 168 2.52 -41.98 16.05
N LEU C 169 3.09 -40.91 16.59
CA LEU C 169 3.48 -39.75 15.77
C LEU C 169 4.99 -39.50 15.69
N LEU C 170 5.47 -39.39 14.47
CA LEU C 170 6.87 -39.11 14.20
C LEU C 170 6.99 -37.71 13.64
N ASP C 171 7.66 -36.86 14.40
CA ASP C 171 7.80 -35.44 14.07
C ASP C 171 9.26 -35.18 13.68
N VAL C 172 9.54 -35.28 12.39
CA VAL C 172 10.90 -35.14 11.88
C VAL C 172 11.30 -33.67 11.73
N GLY C 173 12.24 -33.21 12.55
CA GLY C 173 12.62 -31.81 12.61
C GLY C 173 11.58 -31.05 13.42
N GLY C 174 11.03 -31.71 14.43
CA GLY C 174 9.96 -31.14 15.22
C GLY C 174 10.45 -30.15 16.23
N GLY C 175 11.74 -29.84 16.19
CA GLY C 175 12.28 -28.78 17.03
C GLY C 175 11.97 -28.97 18.52
N THR C 176 11.57 -27.91 19.21
CA THR C 176 11.31 -28.01 20.64
C THR C 176 9.93 -28.62 20.95
N GLY C 177 9.25 -29.06 19.91
CA GLY C 177 8.00 -29.79 20.08
C GLY C 177 6.72 -28.99 20.21
N ALA C 178 6.66 -27.77 19.66
CA ALA C 178 5.42 -27.00 19.69
C ALA C 178 4.28 -27.89 19.22
N PHE C 179 4.43 -28.42 18.02
CA PHE C 179 3.42 -29.29 17.45
C PHE C 179 3.20 -30.56 18.26
N ALA C 180 4.27 -31.31 18.53
CA ALA C 180 4.11 -32.60 19.20
C ALA C 180 3.38 -32.43 20.52
N ILE C 181 3.74 -31.40 21.29
CA ILE C 181 3.13 -31.17 22.60
C ILE C 181 1.64 -30.88 22.46
N THR C 182 1.31 -30.03 21.49
CA THR C 182 -0.06 -29.60 21.28
C THR C 182 -0.93 -30.77 20.85
N LEU C 183 -0.44 -31.54 19.89
CA LEU C 183 -1.16 -32.70 19.41
C LEU C 183 -1.31 -33.77 20.48
N CYS C 184 -0.33 -33.85 21.37
CA CYS C 184 -0.38 -34.82 22.46
C CYS C 184 -1.37 -34.37 23.53
N LYS C 185 -1.27 -33.10 23.91
CA LYS C 185 -2.26 -32.50 24.80
C LYS C 185 -3.70 -32.75 24.34
N ALA C 186 -3.94 -32.69 23.03
CA ALA C 186 -5.29 -32.91 22.50
C ALA C 186 -5.70 -34.38 22.56
N PHE C 187 -4.84 -35.26 22.04
CA PHE C 187 -5.18 -36.67 21.91
C PHE C 187 -4.52 -37.53 23.00
N ALA C 188 -5.33 -38.20 23.81
CA ALA C 188 -4.89 -38.78 25.08
C ALA C 188 -3.90 -39.94 24.95
N ASP C 189 -4.14 -40.81 23.98
CA ASP C 189 -3.31 -42.01 23.78
C ASP C 189 -2.13 -41.80 22.83
N LEU C 190 -1.98 -40.58 22.31
CA LEU C 190 -0.96 -40.33 21.31
C LEU C 190 0.43 -40.43 21.92
N ALA C 191 1.32 -41.17 21.26
CA ALA C 191 2.74 -41.24 21.62
C ALA C 191 3.56 -40.57 20.53
N ALA C 192 4.55 -39.78 20.94
CA ALA C 192 5.29 -38.98 19.98
C ALA C 192 6.78 -39.30 19.95
N THR C 193 7.38 -39.07 18.80
CA THR C 193 8.83 -39.15 18.64
C THR C 193 9.34 -37.95 17.84
N ILE C 194 10.32 -37.24 18.40
CA ILE C 194 10.88 -36.05 17.73
C ILE C 194 12.31 -36.33 17.31
N VAL C 195 12.60 -36.10 16.04
CA VAL C 195 13.98 -36.14 15.52
C VAL C 195 14.52 -34.73 15.31
N ASP C 196 15.51 -34.34 16.10
CA ASP C 196 16.14 -33.06 15.84
C ASP C 196 17.57 -33.10 16.37
N PHE C 197 18.33 -32.04 16.09
CA PHE C 197 19.72 -31.95 16.52
C PHE C 197 19.82 -31.86 18.05
N PRO C 198 20.96 -32.31 18.62
CA PRO C 198 21.13 -32.43 20.08
C PRO C 198 20.89 -31.14 20.85
N ASN C 199 21.45 -30.02 20.38
CA ASN C 199 21.23 -28.73 21.04
C ASN C 199 19.75 -28.30 21.04
N VAL C 200 19.04 -28.68 19.99
CA VAL C 200 17.61 -28.47 19.91
C VAL C 200 16.88 -29.40 20.88
N ALA C 201 17.18 -30.69 20.79
CA ALA C 201 16.56 -31.71 21.67
C ALA C 201 16.79 -31.44 23.15
N ALA C 202 18.00 -31.05 23.54
CA ALA C 202 18.26 -30.67 24.92
C ALA C 202 17.23 -29.62 25.40
N LEU C 203 16.82 -28.78 24.47
CA LEU C 203 15.91 -27.69 24.76
C LEU C 203 14.47 -28.14 24.86
N GLY C 204 14.02 -28.86 23.84
CA GLY C 204 12.67 -29.40 23.83
C GLY C 204 12.34 -30.28 25.04
N LYS C 205 13.32 -31.05 25.52
CA LYS C 205 13.09 -31.89 26.70
C LYS C 205 12.46 -31.10 27.85
N GLY C 206 12.91 -29.85 28.04
CA GLY C 206 12.37 -29.01 29.08
C GLY C 206 10.94 -28.61 28.78
N TYR C 207 10.68 -28.28 27.52
CA TYR C 207 9.33 -27.94 27.10
C TYR C 207 8.40 -29.13 27.32
N VAL C 208 8.87 -30.30 26.91
CA VAL C 208 8.13 -31.52 27.07
C VAL C 208 7.84 -31.74 28.56
N GLU C 209 8.86 -31.65 29.40
CA GLU C 209 8.67 -31.82 30.85
C GLU C 209 7.70 -30.78 31.42
N LYS C 210 7.86 -29.51 31.00
CA LYS C 210 7.01 -28.43 31.48
C LYS C 210 5.55 -28.72 31.14
N ALA C 211 5.33 -29.45 30.04
CA ALA C 211 3.99 -29.85 29.62
C ALA C 211 3.48 -31.13 30.30
N GLY C 212 4.34 -31.77 31.08
CA GLY C 212 3.98 -33.02 31.74
C GLY C 212 3.83 -34.20 30.81
N LEU C 213 4.67 -34.25 29.78
CA LEU C 213 4.50 -35.22 28.72
C LEU C 213 5.72 -36.08 28.45
N SER C 214 6.72 -36.01 29.32
CA SER C 214 7.98 -36.71 29.05
C SER C 214 7.82 -38.21 28.88
N ASP C 215 6.70 -38.76 29.39
CA ASP C 215 6.47 -40.20 29.28
CA ASP C 215 6.38 -40.18 29.32
C ASP C 215 5.74 -40.57 28.00
N ARG C 216 5.29 -39.57 27.23
CA ARG C 216 4.60 -39.82 25.96
C ARG C 216 5.32 -39.25 24.72
N ILE C 217 6.26 -38.32 24.94
CA ILE C 217 7.06 -37.77 23.86
C ILE C 217 8.55 -38.08 24.03
N GLU C 218 9.11 -38.82 23.08
CA GLU C 218 10.57 -39.08 23.09
C GLU C 218 11.34 -38.43 21.92
N TYR C 219 12.62 -38.16 22.17
CA TYR C 219 13.54 -37.59 21.19
C TYR C 219 14.48 -38.66 20.61
N VAL C 220 14.59 -38.70 19.29
CA VAL C 220 15.65 -39.44 18.63
C VAL C 220 16.61 -38.38 18.08
N ILE C 221 17.79 -38.33 18.67
CA ILE C 221 18.70 -37.19 18.51
C ILE C 221 19.64 -37.34 17.34
N GLY C 222 19.66 -36.34 16.46
CA GLY C 222 20.63 -36.30 15.38
C GLY C 222 20.12 -35.78 14.04
N ASP C 223 20.95 -35.97 13.02
CA ASP C 223 20.60 -35.57 11.69
C ASP C 223 19.57 -36.58 11.15
N ALA C 224 18.36 -36.10 10.91
CA ALA C 224 17.27 -36.95 10.44
C ALA C 224 17.62 -37.69 9.15
N LEU C 225 18.58 -37.16 8.40
CA LEU C 225 19.00 -37.81 7.15
C LEU C 225 19.96 -38.99 7.36
N ARG C 226 20.53 -39.09 8.56
CA ARG C 226 21.53 -40.11 8.89
C ARG C 226 21.13 -40.98 10.08
N THR C 227 19.95 -40.74 10.64
CA THR C 227 19.52 -41.40 11.85
C THR C 227 18.34 -42.31 11.54
N GLU C 228 18.24 -43.43 12.23
CA GLU C 228 17.10 -44.30 12.00
C GLU C 228 15.82 -43.73 12.60
N TRP C 229 14.70 -43.91 11.91
CA TRP C 229 13.41 -43.49 12.46
C TRP C 229 12.62 -44.73 12.89
N PRO C 230 11.81 -44.61 13.94
CA PRO C 230 10.91 -45.71 14.26
C PRO C 230 10.02 -46.06 13.06
N ARG C 231 9.62 -47.32 12.91
CA ARG C 231 8.72 -47.70 11.82
C ARG C 231 7.28 -47.93 12.28
N GLU C 232 6.38 -48.18 11.33
CA GLU C 232 4.97 -48.43 11.63
C GLU C 232 4.31 -47.27 12.38
N GLN C 233 4.55 -46.05 11.92
CA GLN C 233 3.93 -44.87 12.52
C GLN C 233 2.54 -44.63 11.92
N ASP C 234 1.68 -43.95 12.67
CA ASP C 234 0.37 -43.58 12.17
C ASP C 234 0.40 -42.23 11.47
N ALA C 235 1.20 -41.32 12.01
CA ALA C 235 1.32 -39.98 11.45
C ALA C 235 2.77 -39.50 11.43
N ILE C 236 3.23 -39.02 10.29
CA ILE C 236 4.52 -38.35 10.20
C ILE C 236 4.34 -36.88 9.88
N LEU C 237 4.90 -36.03 10.74
CA LEU C 237 4.85 -34.58 10.55
C LEU C 237 6.24 -34.05 10.20
N MET C 238 6.30 -33.25 9.14
CA MET C 238 7.51 -32.56 8.75
C MET C 238 7.17 -31.10 8.53
N SER C 239 7.45 -30.28 9.54
CA SER C 239 7.11 -28.86 9.51
C SER C 239 8.36 -27.97 9.48
N TYR C 240 8.52 -27.27 8.36
CA TYR C 240 9.72 -26.47 8.05
C TYR C 240 10.98 -27.30 7.92
N LEU C 241 10.81 -28.53 7.46
CA LEU C 241 11.93 -29.40 7.19
C LEU C 241 12.46 -29.14 5.78
N PHE C 242 11.63 -29.46 4.80
CA PHE C 242 12.02 -29.40 3.39
C PHE C 242 12.72 -28.11 2.98
N SER C 243 12.26 -26.97 3.49
CA SER C 243 12.83 -25.67 3.12
CA SER C 243 12.82 -25.67 3.13
C SER C 243 14.25 -25.46 3.65
N GLY C 244 14.63 -26.22 4.67
CA GLY C 244 15.99 -26.11 5.20
C GLY C 244 16.90 -27.31 4.94
N VAL C 245 16.55 -28.15 3.97
CA VAL C 245 17.29 -29.38 3.70
C VAL C 245 17.60 -29.36 2.22
N ALA C 246 18.74 -29.91 1.81
CA ALA C 246 19.15 -29.83 0.41
C ALA C 246 18.10 -30.43 -0.53
N GLY C 247 17.83 -29.74 -1.64
CA GLY C 247 16.82 -30.17 -2.59
C GLY C 247 16.91 -31.62 -3.02
N ASP C 248 18.14 -32.13 -3.19
CA ASP C 248 18.38 -33.51 -3.62
C ASP C 248 17.84 -34.54 -2.65
N GLU C 249 17.64 -34.13 -1.40
CA GLU C 249 17.16 -35.05 -0.36
C GLU C 249 15.64 -35.19 -0.36
N HIS C 250 14.95 -34.40 -1.17
CA HIS C 250 13.51 -34.30 -1.08
C HIS C 250 12.79 -35.58 -1.49
N ASP C 251 13.07 -36.06 -2.69
CA ASP C 251 12.36 -37.21 -3.19
C ASP C 251 12.58 -38.34 -2.19
N SER C 252 13.81 -38.45 -1.72
CA SER C 252 14.15 -39.49 -0.75
C SER C 252 13.36 -39.39 0.56
N LEU C 253 13.08 -38.17 1.01
CA LEU C 253 12.40 -37.94 2.29
C LEU C 253 10.93 -38.37 2.29
N LEU C 254 10.33 -38.41 1.09
CA LEU C 254 8.95 -38.81 0.94
C LEU C 254 8.87 -40.34 0.87
N LYS C 255 9.88 -40.96 0.27
CA LYS C 255 9.95 -42.41 0.19
C LYS C 255 10.12 -43.02 1.58
N ARG C 256 11.01 -42.46 2.38
CA ARG C 256 11.16 -42.90 3.77
C ARG C 256 9.88 -42.68 4.55
N ALA C 257 9.33 -41.47 4.48
CA ALA C 257 8.10 -41.20 5.19
C ALA C 257 7.08 -42.31 4.90
N TYR C 258 6.88 -42.58 3.62
CA TYR C 258 5.97 -43.62 3.13
C TYR C 258 6.26 -44.96 3.81
N ASP C 259 7.51 -45.39 3.65
CA ASP C 259 7.99 -46.65 4.17
C ASP C 259 7.88 -46.76 5.69
N HIS C 260 7.87 -45.63 6.39
CA HIS C 260 7.77 -45.65 7.86
C HIS C 260 6.35 -45.46 8.40
N LEU C 261 5.38 -45.40 7.50
CA LEU C 261 3.98 -45.24 7.87
C LEU C 261 3.27 -46.61 7.80
N VAL C 262 2.45 -46.94 8.79
CA VAL C 262 1.56 -48.09 8.65
C VAL C 262 0.60 -47.80 7.49
N PRO C 263 0.10 -48.86 6.81
CA PRO C 263 -0.88 -48.62 5.74
C PRO C 263 -2.05 -47.77 6.25
N GLY C 264 -2.53 -46.85 5.42
CA GLY C 264 -3.56 -45.92 5.84
C GLY C 264 -3.01 -44.85 6.77
N GLY C 265 -1.69 -44.77 6.83
CA GLY C 265 -1.04 -43.77 7.66
C GLY C 265 -1.01 -42.43 6.97
N ARG C 266 -0.90 -41.37 7.77
CA ARG C 266 -0.94 -40.00 7.27
C ARG C 266 0.43 -39.33 7.27
N LEU C 267 0.75 -38.60 6.19
CA LEU C 267 1.92 -37.73 6.16
C LEU C 267 1.48 -36.27 6.06
N LEU C 268 2.01 -35.44 6.96
CA LEU C 268 1.73 -34.00 6.99
C LEU C 268 2.98 -33.20 6.70
N ILE C 269 2.96 -32.42 5.62
CA ILE C 269 4.07 -31.53 5.29
C ILE C 269 3.63 -30.08 5.44
N HIS C 270 4.33 -29.35 6.30
CA HIS C 270 4.02 -27.96 6.58
C HIS C 270 5.22 -27.08 6.26
N ASP C 271 4.99 -25.98 5.55
CA ASP C 271 6.13 -25.22 5.06
C ASP C 271 5.79 -24.00 4.22
N PHE C 272 6.84 -23.27 3.90
CA PHE C 272 6.86 -22.22 2.90
C PHE C 272 6.69 -22.84 1.53
N VAL C 273 5.48 -22.75 0.99
CA VAL C 273 5.21 -23.23 -0.36
C VAL C 273 4.58 -22.12 -1.19
N VAL C 274 5.10 -21.92 -2.41
CA VAL C 274 4.55 -20.92 -3.30
C VAL C 274 3.67 -21.62 -4.31
N THR C 275 2.76 -20.85 -4.92
CA THR C 275 1.88 -21.38 -5.92
C THR C 275 2.65 -21.65 -7.20
N ALA C 276 2.20 -22.63 -7.96
CA ALA C 276 2.80 -22.98 -9.25
C ALA C 276 3.09 -21.79 -10.15
N ASP C 277 2.13 -20.87 -10.26
CA ASP C 277 2.32 -19.67 -11.09
C ASP C 277 3.48 -18.82 -10.60
N ARG C 278 4.03 -19.19 -9.45
CA ARG C 278 5.23 -18.58 -8.89
C ARG C 278 5.15 -17.07 -8.79
N THR C 279 4.00 -16.61 -8.34
CA THR C 279 3.76 -15.19 -8.18
C THR C 279 3.58 -14.84 -6.71
N GLY C 280 3.49 -15.86 -5.85
CA GLY C 280 3.42 -15.69 -4.40
C GLY C 280 3.05 -16.99 -3.69
N PRO C 281 2.58 -16.89 -2.43
CA PRO C 281 2.46 -15.64 -1.66
C PRO C 281 3.83 -15.10 -1.30
N LYS C 282 3.94 -13.78 -1.30
CA LYS C 282 5.18 -13.07 -1.05
C LYS C 282 6.00 -13.62 0.12
N LEU C 283 5.37 -13.87 1.26
CA LEU C 283 6.09 -14.20 2.48
C LEU C 283 6.71 -15.58 2.39
N ALA C 284 5.97 -16.51 1.81
CA ALA C 284 6.49 -17.83 1.51
C ALA C 284 7.72 -17.74 0.59
N ALA C 285 7.65 -16.91 -0.45
CA ALA C 285 8.74 -16.80 -1.42
C ALA C 285 10.01 -16.23 -0.79
N LEU C 286 9.85 -15.24 0.08
CA LEU C 286 10.98 -14.59 0.73
C LEU C 286 11.61 -15.49 1.80
N TRP C 287 10.78 -16.15 2.60
CA TRP C 287 11.29 -17.15 3.54
C TRP C 287 12.07 -18.26 2.82
N GLN C 288 11.54 -18.80 1.73
CA GLN C 288 12.35 -19.72 0.93
C GLN C 288 13.72 -19.11 0.62
N LEU C 289 13.73 -17.85 0.19
CA LEU C 289 15.01 -17.18 -0.03
C LEU C 289 15.81 -17.04 1.28
N GLN C 290 15.17 -16.70 2.38
CA GLN C 290 15.85 -16.62 3.66
C GLN C 290 16.58 -17.91 4.01
N HIS C 291 15.90 -19.04 3.83
CA HIS C 291 16.48 -20.32 4.20
C HIS C 291 17.60 -20.74 3.28
N THR C 292 17.53 -20.29 2.03
CA THR C 292 18.62 -20.53 1.10
C THR C 292 19.95 -19.90 1.55
N ALA C 293 19.89 -18.89 2.40
CA ALA C 293 21.11 -18.23 2.86
C ALA C 293 22.01 -19.20 3.63
N PHE C 294 21.40 -20.10 4.39
CA PHE C 294 22.14 -21.12 5.16
C PHE C 294 21.78 -22.54 4.70
N THR C 295 21.35 -22.67 3.46
CA THR C 295 20.98 -23.92 2.86
C THR C 295 21.12 -23.70 1.37
N PRO C 296 22.36 -23.54 0.90
CA PRO C 296 22.61 -23.19 -0.51
C PRO C 296 22.06 -24.23 -1.51
N GLU C 297 21.77 -25.42 -1.05
CA GLU C 297 21.19 -26.43 -1.92
C GLU C 297 19.67 -26.53 -1.72
N ALA C 298 19.10 -25.56 -1.00
CA ALA C 298 17.63 -25.48 -0.93
C ALA C 298 16.99 -25.32 -2.32
N ARG C 299 15.84 -25.94 -2.47
CA ARG C 299 15.01 -25.68 -3.63
C ARG C 299 13.63 -25.19 -3.20
N SER C 300 12.96 -24.49 -4.09
CA SER C 300 11.66 -23.91 -3.80
C SER C 300 10.51 -24.89 -4.01
N LEU C 301 9.80 -25.17 -2.92
CA LEU C 301 8.57 -25.94 -2.98
C LEU C 301 7.41 -25.18 -3.60
N ASP C 302 6.81 -25.74 -4.64
CA ASP C 302 5.53 -25.20 -5.13
C ASP C 302 4.42 -26.26 -5.01
N ASP C 303 3.18 -25.80 -5.02
CA ASP C 303 2.04 -26.65 -4.64
C ASP C 303 1.78 -27.82 -5.56
N GLU C 304 1.84 -27.56 -6.87
CA GLU C 304 1.63 -28.62 -7.84
C GLU C 304 2.73 -29.68 -7.77
N TRP C 305 3.98 -29.25 -7.64
CA TRP C 305 5.09 -30.18 -7.42
C TRP C 305 4.86 -31.08 -6.22
N LEU C 306 4.44 -30.49 -5.11
CA LEU C 306 4.30 -31.23 -3.87
C LEU C 306 3.30 -32.38 -4.00
N ALA C 307 2.15 -32.10 -4.61
CA ALA C 307 1.13 -33.13 -4.80
C ALA C 307 1.59 -34.12 -5.86
N GLU C 308 2.40 -33.67 -6.82
CA GLU C 308 2.80 -34.55 -7.91
C GLU C 308 3.76 -35.62 -7.39
N GLN C 309 4.73 -35.19 -6.60
CA GLN C 309 5.73 -36.09 -6.05
C GLN C 309 5.15 -36.99 -4.98
N LEU C 310 4.17 -36.48 -4.22
CA LEU C 310 3.52 -37.29 -3.20
C LEU C 310 2.78 -38.48 -3.82
N LYS C 311 2.04 -38.21 -4.88
CA LYS C 311 1.30 -39.25 -5.60
C LYS C 311 2.27 -40.19 -6.31
N LYS C 312 3.37 -39.61 -6.81
CA LYS C 312 4.38 -40.39 -7.51
C LYS C 312 5.07 -41.36 -6.57
N THR C 313 5.16 -40.96 -5.30
CA THR C 313 5.70 -41.82 -4.26
C THR C 313 4.75 -43.00 -4.03
N GLY C 314 3.46 -42.72 -3.91
CA GLY C 314 2.44 -43.74 -3.75
C GLY C 314 1.32 -43.34 -2.81
N PHE C 315 1.24 -42.06 -2.45
CA PHE C 315 0.17 -41.59 -1.56
C PHE C 315 -1.12 -41.33 -2.31
N THR C 316 -2.22 -41.34 -1.56
CA THR C 316 -3.55 -40.94 -2.06
C THR C 316 -4.20 -39.98 -1.06
N ASP C 317 -5.36 -39.43 -1.44
CA ASP C 317 -6.00 -38.38 -0.66
C ASP C 317 -5.03 -37.23 -0.47
N VAL C 318 -4.22 -36.98 -1.50
CA VAL C 318 -3.31 -35.84 -1.49
C VAL C 318 -4.08 -34.54 -1.65
N LYS C 319 -4.01 -33.70 -0.62
CA LYS C 319 -4.66 -32.41 -0.70
C LYS C 319 -3.63 -31.38 -0.29
N VAL C 320 -3.68 -30.20 -0.91
CA VAL C 320 -2.77 -29.11 -0.57
C VAL C 320 -3.50 -27.76 -0.50
N GLY C 321 -3.53 -27.16 0.69
CA GLY C 321 -4.10 -25.83 0.86
C GLY C 321 -3.31 -24.98 1.86
N PRO C 322 -3.86 -23.84 2.25
CA PRO C 322 -3.12 -22.95 3.15
C PRO C 322 -3.13 -23.40 4.60
N MET C 323 -2.15 -22.92 5.36
CA MET C 323 -2.17 -23.06 6.79
C MET C 323 -2.05 -21.67 7.38
N ILE C 324 -0.84 -21.13 7.38
CA ILE C 324 -0.63 -19.75 7.80
C ILE C 324 -0.76 -18.89 6.57
N PRO C 325 -1.86 -18.14 6.50
CA PRO C 325 -2.27 -17.45 5.29
C PRO C 325 -1.20 -16.53 4.73
N GLY C 326 -0.94 -16.66 3.44
CA GLY C 326 0.09 -15.88 2.78
C GLY C 326 1.51 -16.29 3.15
N MET C 327 1.67 -17.37 3.92
CA MET C 327 3.00 -17.80 4.36
C MET C 327 3.29 -19.30 4.28
N THR C 328 2.42 -20.12 4.84
CA THR C 328 2.67 -21.54 4.79
C THR C 328 1.49 -22.34 4.22
N MET C 329 1.79 -23.46 3.59
CA MET C 329 0.76 -24.39 3.15
C MET C 329 0.88 -25.71 3.90
N LEU C 330 -0.20 -26.48 3.93
CA LEU C 330 -0.21 -27.80 4.53
C LEU C 330 -0.56 -28.84 3.49
N ALA C 331 0.40 -29.69 3.15
CA ALA C 331 0.16 -30.79 2.23
C ALA C 331 -0.15 -32.03 3.03
N GLU C 332 -1.18 -32.75 2.61
CA GLU C 332 -1.66 -33.91 3.36
C GLU C 332 -1.79 -35.11 2.45
N ALA C 333 -1.43 -36.28 2.94
CA ALA C 333 -1.44 -37.48 2.13
C ALA C 333 -1.71 -38.71 2.98
N VAL C 334 -2.11 -39.80 2.33
CA VAL C 334 -2.46 -41.03 3.01
C VAL C 334 -1.84 -42.21 2.29
N ARG C 335 -1.02 -42.98 2.98
CA ARG C 335 -0.54 -44.23 2.44
C ARG C 335 -1.73 -45.16 2.28
N PRO C 336 -1.98 -45.67 1.06
CA PRO C 336 -3.17 -46.50 0.87
C PRO C 336 -3.26 -47.61 1.91
N GLU C 337 -4.48 -47.88 2.35
CA GLU C 337 -4.73 -48.92 3.33
C GLU C 337 -4.75 -50.30 2.66
N THR D 2 3.19 1.66 -10.67
CA THR D 2 2.74 0.28 -10.73
C THR D 2 1.85 0.04 -11.93
N LEU D 3 1.70 -1.23 -12.29
CA LEU D 3 0.90 -1.69 -13.41
C LEU D 3 0.21 -2.96 -12.91
N LEU D 4 -1.12 -2.94 -12.81
CA LEU D 4 -1.84 -4.00 -12.10
C LEU D 4 -1.77 -5.38 -12.78
N THR D 5 -1.95 -6.44 -11.99
CA THR D 5 -1.85 -7.78 -12.52
C THR D 5 -2.92 -8.70 -11.95
N ASN D 6 -3.34 -8.43 -10.73
CA ASN D 6 -4.25 -9.35 -10.02
C ASN D 6 -5.68 -8.95 -10.24
N ALA D 7 -6.56 -9.93 -10.26
CA ALA D 7 -7.98 -9.63 -10.33
C ALA D 7 -8.42 -8.80 -9.12
N GLU D 8 -7.77 -8.99 -7.97
CA GLU D 8 -8.13 -8.24 -6.77
C GLU D 8 -7.74 -6.78 -6.89
N GLU D 9 -6.71 -6.48 -7.68
CA GLU D 9 -6.31 -5.10 -7.90
C GLU D 9 -7.33 -4.36 -8.75
N ILE D 10 -7.84 -5.02 -9.79
CA ILE D 10 -8.98 -4.49 -10.54
C ILE D 10 -10.13 -4.23 -9.58
N SER D 11 -10.43 -5.21 -8.73
CA SER D 11 -11.51 -5.10 -7.78
C SER D 11 -11.35 -3.91 -6.85
N ASP D 12 -10.12 -3.68 -6.40
CA ASP D 12 -9.85 -2.51 -5.54
C ASP D 12 -10.38 -1.19 -6.13
N ILE D 13 -10.30 -1.09 -7.45
CA ILE D 13 -10.65 0.12 -8.17
C ILE D 13 -12.13 0.12 -8.49
N ALA D 14 -12.61 -1.01 -9.01
CA ALA D 14 -14.00 -1.19 -9.36
C ALA D 14 -14.94 -0.78 -8.23
N PHE D 15 -14.59 -1.16 -7.00
CA PHE D 15 -15.45 -0.93 -5.85
C PHE D 15 -15.01 0.24 -4.99
N GLY D 16 -14.05 1.01 -5.50
CA GLY D 16 -13.58 2.20 -4.79
C GLY D 16 -14.73 3.13 -4.48
N PHE D 17 -15.72 3.18 -5.38
CA PHE D 17 -16.91 3.99 -5.22
C PHE D 17 -17.73 3.64 -3.98
N MET D 18 -17.69 2.40 -3.53
CA MET D 18 -18.41 2.04 -2.31
C MET D 18 -17.78 2.72 -1.11
N GLY D 19 -16.47 2.89 -1.16
CA GLY D 19 -15.74 3.47 -0.07
C GLY D 19 -15.97 4.97 0.00
N SER D 20 -16.10 5.61 -1.16
CA SER D 20 -16.43 7.04 -1.15
C SER D 20 -17.75 7.17 -0.44
N LYS D 21 -18.68 6.29 -0.79
CA LYS D 21 -20.02 6.37 -0.20
C LYS D 21 -20.06 6.06 1.29
N ALA D 22 -19.09 5.30 1.78
CA ALA D 22 -19.02 4.99 3.22
C ALA D 22 -18.72 6.26 3.98
N LEU D 23 -17.71 6.96 3.49
CA LEU D 23 -17.30 8.23 4.06
C LEU D 23 -18.48 9.21 4.05
N PHE D 24 -19.12 9.37 2.89
CA PHE D 24 -20.22 10.33 2.71
C PHE D 24 -21.42 10.05 3.60
N ALA D 25 -21.88 8.79 3.59
CA ALA D 25 -23.03 8.42 4.41
C ALA D 25 -22.70 8.77 5.85
N ALA D 26 -21.44 8.57 6.21
CA ALA D 26 -21.03 8.81 7.59
C ALA D 26 -21.09 10.30 7.89
N LEU D 27 -20.57 11.13 6.98
CA LEU D 27 -20.69 12.59 7.13
C LEU D 27 -22.14 13.02 7.26
N HIS D 28 -23.01 12.52 6.39
CA HIS D 28 -24.41 12.88 6.42
C HIS D 28 -25.05 12.60 7.78
N HIS D 29 -24.53 11.65 8.54
CA HIS D 29 -25.17 11.28 9.80
C HIS D 29 -24.39 11.72 11.05
N GLY D 30 -23.32 12.47 10.83
CA GLY D 30 -22.58 13.08 11.92
C GLY D 30 -21.69 12.13 12.70
N VAL D 31 -21.27 11.06 12.04
CA VAL D 31 -20.51 9.99 12.69
C VAL D 31 -19.26 10.50 13.42
N PHE D 32 -18.34 11.13 12.69
CA PHE D 32 -17.08 11.57 13.28
C PHE D 32 -17.24 12.67 14.32
N THR D 33 -18.27 13.50 14.14
CA THR D 33 -18.52 14.55 15.11
C THR D 33 -18.95 13.89 16.41
N CYS D 34 -19.67 12.78 16.29
CA CYS D 34 -20.05 11.98 17.45
C CYS D 34 -18.86 11.33 18.16
N LEU D 35 -17.82 10.99 17.40
CA LEU D 35 -16.64 10.36 17.99
C LEU D 35 -15.64 11.38 18.49
N ALA D 36 -16.00 12.65 18.38
CA ALA D 36 -15.06 13.73 18.68
C ALA D 36 -14.54 13.75 20.12
N ASP D 37 -15.40 13.40 21.09
CA ASP D 37 -15.03 13.48 22.51
C ASP D 37 -14.23 12.27 23.00
N GLY D 38 -14.37 11.15 22.30
CA GLY D 38 -13.65 9.92 22.60
C GLY D 38 -14.30 8.70 21.94
N PRO D 39 -13.60 7.55 22.00
CA PRO D 39 -14.04 6.23 21.54
C PRO D 39 -15.48 5.89 21.95
N LEU D 40 -16.18 5.20 21.08
CA LEU D 40 -17.57 4.84 21.32
C LEU D 40 -17.87 3.41 20.89
N SER D 41 -18.97 2.86 21.40
CA SER D 41 -19.39 1.52 21.05
C SER D 41 -20.51 1.62 20.05
N VAL D 42 -21.01 0.47 19.60
CA VAL D 42 -22.02 0.45 18.57
C VAL D 42 -23.36 0.96 19.08
N GLU D 43 -23.73 0.56 20.29
CA GLU D 43 -24.97 1.03 20.88
C GLU D 43 -24.95 2.55 21.09
N GLU D 44 -23.88 3.05 21.70
CA GLU D 44 -23.73 4.49 21.95
C GLU D 44 -23.79 5.29 20.65
N MET D 45 -23.03 4.84 19.65
CA MET D 45 -23.08 5.43 18.33
C MET D 45 -24.47 5.30 17.72
N ALA D 46 -25.15 4.20 18.02
CA ALA D 46 -26.52 4.04 17.52
C ALA D 46 -27.36 5.17 18.08
N ALA D 47 -27.12 5.46 19.35
CA ALA D 47 -27.81 6.52 20.09
C ALA D 47 -27.54 7.94 19.57
N ALA D 48 -26.27 8.28 19.38
CA ALA D 48 -25.90 9.65 19.00
C ALA D 48 -26.23 9.97 17.53
N THR D 49 -26.18 8.97 16.66
CA THR D 49 -26.47 9.17 15.26
C THR D 49 -27.93 8.86 14.89
N GLY D 50 -28.67 8.30 15.84
CA GLY D 50 -30.05 7.93 15.57
C GLY D 50 -30.09 6.92 14.45
N LEU D 51 -29.15 5.96 14.52
CA LEU D 51 -29.09 4.87 13.54
C LEU D 51 -29.24 3.56 14.29
N HIS D 52 -29.73 2.53 13.59
CA HIS D 52 -29.83 1.20 14.18
C HIS D 52 -28.42 0.70 14.52
N PRO D 53 -28.28 0.05 15.68
CA PRO D 53 -26.98 -0.47 16.08
C PRO D 53 -26.39 -1.39 15.02
N ASP D 54 -27.24 -2.01 14.21
CA ASP D 54 -26.71 -2.90 13.20
C ASP D 54 -26.21 -2.15 11.97
N ARG D 55 -26.98 -1.16 11.52
CA ARG D 55 -26.52 -0.30 10.44
C ARG D 55 -25.29 0.53 10.82
N VAL D 56 -25.15 0.93 12.09
CA VAL D 56 -23.92 1.62 12.51
C VAL D 56 -22.71 0.69 12.50
N GLN D 57 -22.93 -0.57 12.87
CA GLN D 57 -21.85 -1.54 12.88
C GLN D 57 -21.36 -1.76 11.46
N THR D 58 -22.26 -1.99 10.52
CA THR D 58 -21.89 -2.13 9.12
C THR D 58 -21.16 -0.89 8.60
N LEU D 59 -21.63 0.29 9.02
CA LEU D 59 -21.08 1.54 8.53
C LEU D 59 -19.68 1.76 9.08
N LEU D 60 -19.55 1.64 10.40
CA LEU D 60 -18.27 1.86 11.07
C LEU D 60 -17.23 0.83 10.65
N THR D 61 -17.68 -0.40 10.38
CA THR D 61 -16.78 -1.47 9.93
C THR D 61 -16.18 -1.15 8.58
N ALA D 62 -17.03 -0.70 7.64
CA ALA D 62 -16.55 -0.22 6.36
C ALA D 62 -15.53 0.90 6.60
N LEU D 63 -15.89 1.86 7.47
CA LEU D 63 -15.01 2.97 7.82
C LEU D 63 -13.65 2.52 8.40
N ALA D 64 -13.67 1.51 9.27
CA ALA D 64 -12.43 1.03 9.87
C ALA D 64 -11.51 0.42 8.82
N SER D 65 -12.05 -0.46 7.99
CA SER D 65 -11.27 -1.08 6.93
C SER D 65 -10.74 -0.06 5.90
N LEU D 66 -11.32 1.14 5.86
CA LEU D 66 -10.85 2.17 4.94
C LEU D 66 -9.78 3.04 5.59
N GLY D 67 -9.72 2.96 6.92
CA GLY D 67 -8.78 3.75 7.69
C GLY D 67 -9.38 4.97 8.37
N VAL D 68 -10.60 5.35 7.99
CA VAL D 68 -11.21 6.56 8.52
C VAL D 68 -11.39 6.52 10.04
N VAL D 69 -11.60 5.33 10.59
CA VAL D 69 -11.62 5.12 12.03
C VAL D 69 -10.78 3.92 12.43
N SER D 70 -10.38 3.89 13.70
CA SER D 70 -9.80 2.68 14.28
C SER D 70 -10.88 1.88 14.99
N ALA D 71 -10.56 0.61 15.21
CA ALA D 71 -11.46 -0.35 15.83
C ALA D 71 -10.71 -1.07 16.95
N VAL D 72 -10.89 -0.62 18.19
CA VAL D 72 -10.12 -1.13 19.32
C VAL D 72 -11.00 -1.68 20.45
N GLU D 73 -10.68 -2.87 20.95
CA GLU D 73 -11.38 -3.45 22.10
C GLU D 73 -12.91 -3.23 22.06
N GLY D 74 -13.50 -3.27 20.86
CA GLY D 74 -14.94 -3.12 20.73
C GLY D 74 -15.42 -1.68 20.59
N ARG D 75 -14.50 -0.74 20.69
CA ARG D 75 -14.85 0.66 20.58
C ARG D 75 -14.20 1.31 19.37
N PHE D 76 -14.99 2.09 18.63
CA PHE D 76 -14.48 2.78 17.46
C PHE D 76 -13.91 4.16 17.82
N ALA D 77 -12.86 4.57 17.11
CA ALA D 77 -12.28 5.90 17.30
C ALA D 77 -12.00 6.61 15.97
N ASN D 78 -12.01 7.94 16.01
CA ASN D 78 -11.64 8.74 14.84
C ASN D 78 -10.17 8.57 14.52
N SER D 79 -9.86 8.34 13.26
CA SER D 79 -8.48 8.47 12.79
C SER D 79 -8.07 9.90 13.01
N PRO D 80 -6.76 10.14 13.13
CA PRO D 80 -6.27 11.51 13.29
C PRO D 80 -6.83 12.43 12.21
N ALA D 81 -6.89 11.93 10.98
CA ALA D 81 -7.42 12.71 9.88
C ALA D 81 -8.88 13.03 10.14
N ALA D 82 -9.62 12.07 10.69
CA ALA D 82 -11.02 12.29 10.99
C ALA D 82 -11.14 13.39 12.04
N GLU D 83 -10.36 13.30 13.12
CA GLU D 83 -10.40 14.31 14.18
C GLU D 83 -10.40 15.70 13.59
N SER D 84 -9.41 15.95 12.73
CA SER D 84 -9.13 17.31 12.29
C SER D 84 -9.83 17.79 11.01
N PHE D 85 -10.34 16.86 10.19
CA PHE D 85 -10.92 17.28 8.92
C PHE D 85 -12.42 17.01 8.76
N LEU D 86 -12.98 16.16 9.61
CA LEU D 86 -14.34 15.68 9.41
C LEU D 86 -15.26 15.96 10.60
N VAL D 87 -14.72 16.58 11.63
CA VAL D 87 -15.51 16.90 12.80
C VAL D 87 -16.04 18.31 12.63
N LYS D 88 -17.35 18.46 12.62
CA LYS D 88 -17.95 19.78 12.43
C LYS D 88 -17.49 20.71 13.55
N GLY D 89 -16.95 21.86 13.17
CA GLY D 89 -16.37 22.77 14.14
C GLY D 89 -14.87 22.57 14.31
N ALA D 90 -14.32 21.55 13.65
CA ALA D 90 -12.87 21.39 13.63
C ALA D 90 -12.33 22.57 12.84
N LYS D 91 -11.16 23.06 13.24
CA LYS D 91 -10.57 24.22 12.59
C LYS D 91 -10.41 23.98 11.08
N TYR D 92 -10.11 22.75 10.68
CA TYR D 92 -9.90 22.43 9.27
C TYR D 92 -11.00 21.54 8.68
N ASP D 93 -12.12 21.44 9.37
CA ASP D 93 -13.22 20.62 8.89
C ASP D 93 -13.60 20.95 7.46
N PHE D 94 -13.64 19.95 6.60
CA PHE D 94 -14.24 20.12 5.27
C PHE D 94 -15.28 19.04 4.96
N GLY D 95 -15.81 18.41 6.00
CA GLY D 95 -16.83 17.38 5.86
C GLY D 95 -18.02 17.78 5.01
N ASP D 96 -18.50 19.01 5.19
CA ASP D 96 -19.67 19.48 4.45
C ASP D 96 -19.37 19.61 2.98
N TYR D 97 -18.14 19.97 2.66
CA TYR D 97 -17.75 20.03 1.27
C TYR D 97 -17.86 18.65 0.60
N LEU D 98 -17.51 17.60 1.33
CA LEU D 98 -17.58 16.23 0.81
C LEU D 98 -19.04 15.74 0.67
N ARG D 99 -19.83 15.88 1.71
CA ARG D 99 -21.16 15.27 1.70
C ARG D 99 -22.12 16.09 0.84
N LEU D 100 -21.92 17.41 0.76
CA LEU D 100 -22.87 18.23 0.03
C LEU D 100 -22.48 18.41 -1.44
N GLN D 101 -21.26 18.88 -1.71
CA GLN D 101 -20.84 19.02 -3.11
C GLN D 101 -20.48 17.69 -3.78
N VAL D 102 -19.62 16.90 -3.14
CA VAL D 102 -19.13 15.69 -3.80
C VAL D 102 -20.18 14.57 -3.82
N ASP D 103 -20.76 14.26 -2.66
CA ASP D 103 -21.75 13.20 -2.58
C ASP D 103 -23.10 13.57 -3.22
N ARG D 104 -23.70 14.68 -2.80
CA ARG D 104 -25.03 15.04 -3.31
C ARG D 104 -25.05 15.50 -4.75
N GLN D 105 -23.92 15.94 -5.29
CA GLN D 105 -23.88 16.42 -6.67
C GLN D 105 -22.93 15.62 -7.57
N MET D 106 -21.65 15.59 -7.22
CA MET D 106 -20.64 14.96 -8.08
C MET D 106 -20.84 13.45 -8.36
N TYR D 107 -21.18 12.71 -7.32
CA TYR D 107 -21.34 11.27 -7.45
C TYR D 107 -22.41 10.94 -8.48
N GLY D 108 -23.56 11.61 -8.39
CA GLY D 108 -24.67 11.39 -9.29
C GLY D 108 -24.35 11.87 -10.69
N LEU D 109 -23.68 13.02 -10.77
CA LEU D 109 -23.24 13.57 -12.04
C LEU D 109 -22.31 12.63 -12.84
N LEU D 110 -21.41 11.95 -12.14
CA LEU D 110 -20.51 11.03 -12.81
C LEU D 110 -21.27 9.88 -13.51
N ASP D 111 -22.51 9.64 -13.12
CA ASP D 111 -23.33 8.68 -13.85
C ASP D 111 -23.45 9.07 -15.32
N GLN D 112 -23.06 10.30 -15.66
CA GLN D 112 -23.10 10.73 -17.04
C GLN D 112 -21.90 10.39 -17.92
N ILE D 113 -20.76 10.00 -17.33
CA ILE D 113 -19.55 9.94 -18.15
C ILE D 113 -19.62 8.96 -19.29
N GLU D 114 -20.31 7.83 -19.11
CA GLU D 114 -20.37 6.87 -20.20
C GLU D 114 -20.84 7.60 -21.45
N ASP D 115 -21.87 8.43 -21.31
CA ASP D 115 -22.34 9.27 -22.43
C ASP D 115 -21.47 10.54 -22.66
N ALA D 116 -21.04 11.18 -21.58
CA ALA D 116 -20.31 12.45 -21.72
C ALA D 116 -18.98 12.26 -22.41
N ILE D 117 -18.25 11.19 -22.07
CA ILE D 117 -16.99 10.90 -22.76
C ILE D 117 -17.21 10.59 -24.23
N ALA D 118 -18.43 10.21 -24.59
CA ALA D 118 -18.74 9.92 -25.99
C ALA D 118 -19.37 11.12 -26.64
N ASN D 119 -19.27 12.27 -26.00
CA ASN D 119 -19.89 13.49 -26.49
C ASN D 119 -21.28 13.22 -27.00
N ASN D 120 -22.08 12.58 -26.15
CA ASN D 120 -23.41 12.14 -26.52
C ASN D 120 -24.34 12.11 -25.32
N LEU D 121 -24.30 13.16 -24.50
CA LEU D 121 -25.20 13.27 -23.37
C LEU D 121 -26.63 13.39 -23.86
N PRO D 122 -27.58 12.95 -23.04
CA PRO D 122 -28.99 13.11 -23.39
C PRO D 122 -29.49 14.53 -23.07
N ASP D 123 -30.56 14.95 -23.74
CA ASP D 123 -31.04 16.33 -23.60
C ASP D 123 -31.21 16.77 -22.16
N ASP D 124 -31.72 15.88 -21.34
CA ASP D 124 -31.93 16.12 -19.92
C ASP D 124 -30.66 16.07 -19.09
N ALA D 125 -29.52 15.84 -19.72
CA ALA D 125 -28.24 15.82 -19.00
C ALA D 125 -27.76 17.24 -18.70
N THR D 126 -27.11 17.43 -17.55
CA THR D 126 -26.49 18.70 -17.21
C THR D 126 -25.18 18.79 -17.97
N SER D 127 -25.06 19.78 -18.85
CA SER D 127 -23.93 19.82 -19.78
C SER D 127 -23.06 21.06 -19.71
N SER D 128 -23.23 21.87 -18.67
CA SER D 128 -22.30 22.97 -18.37
C SER D 128 -22.62 23.62 -17.04
N TYR D 129 -21.63 24.31 -16.49
CA TYR D 129 -21.78 25.12 -15.29
C TYR D 129 -22.93 26.13 -15.41
N ALA D 130 -22.98 26.84 -16.54
CA ALA D 130 -24.08 27.77 -16.82
C ALA D 130 -25.48 27.10 -16.67
N ASP D 131 -25.72 26.05 -17.47
CA ASP D 131 -26.87 25.16 -17.33
C ASP D 131 -27.16 24.83 -15.88
N TRP D 132 -26.16 24.26 -15.24
CA TRP D 132 -26.28 23.66 -13.93
C TRP D 132 -26.61 24.70 -12.83
N PHE D 133 -25.90 25.81 -12.83
CA PHE D 133 -26.02 26.79 -11.74
C PHE D 133 -27.19 27.77 -11.93
N SER D 134 -27.88 27.67 -13.06
CA SER D 134 -29.10 28.44 -13.28
C SER D 134 -30.17 27.89 -12.34
N ASP D 135 -29.88 26.74 -11.74
CA ASP D 135 -30.69 26.19 -10.67
C ASP D 135 -30.12 26.74 -9.39
N PRO D 136 -30.89 27.58 -8.68
CA PRO D 136 -30.28 28.27 -7.54
C PRO D 136 -29.92 27.32 -6.41
N GLU D 137 -30.72 26.27 -6.19
CA GLU D 137 -30.42 25.33 -5.11
C GLU D 137 -29.12 24.57 -5.42
N GLN D 138 -28.91 24.24 -6.69
CA GLN D 138 -27.70 23.56 -7.11
C GLN D 138 -26.50 24.46 -6.93
N ALA D 139 -26.63 25.71 -7.36
CA ALA D 139 -25.58 26.68 -7.19
C ALA D 139 -25.27 26.92 -5.69
N LYS D 140 -26.29 27.01 -4.86
CA LYS D 140 -26.05 27.25 -3.44
C LYS D 140 -25.26 26.11 -2.81
N LEU D 141 -25.73 24.89 -3.07
CA LEU D 141 -25.19 23.67 -2.49
C LEU D 141 -23.74 23.49 -2.91
N TYR D 142 -23.49 23.71 -4.18
CA TYR D 142 -22.17 23.61 -4.73
C TYR D 142 -21.26 24.66 -4.09
N SER D 143 -21.71 25.92 -4.09
CA SER D 143 -20.86 27.07 -3.79
C SER D 143 -20.61 27.33 -2.29
N ASN D 144 -21.53 26.93 -1.43
CA ASN D 144 -21.24 27.01 0.01
C ASN D 144 -20.11 26.06 0.43
N SER D 145 -20.07 24.86 -0.13
CA SER D 145 -18.95 23.93 0.09
C SER D 145 -17.64 24.47 -0.51
N GLN D 146 -17.64 24.64 -1.83
CA GLN D 146 -16.49 25.17 -2.54
C GLN D 146 -15.82 26.34 -1.83
N HIS D 147 -16.64 27.25 -1.31
CA HIS D 147 -16.13 28.40 -0.56
C HIS D 147 -15.32 27.88 0.62
N ALA D 148 -15.87 26.87 1.29
CA ALA D 148 -15.22 26.29 2.46
C ALA D 148 -13.94 25.50 2.13
N GLY D 149 -14.01 24.65 1.10
CA GLY D 149 -12.85 23.88 0.67
C GLY D 149 -11.75 24.72 0.05
N SER D 150 -12.07 25.96 -0.31
CA SER D 150 -11.08 26.83 -0.93
C SER D 150 -10.43 27.86 0.00
N LEU D 151 -10.99 28.05 1.20
CA LEU D 151 -10.43 29.02 2.14
C LEU D 151 -8.99 28.70 2.56
N GLY D 152 -8.73 27.42 2.85
CA GLY D 152 -7.39 27.01 3.22
C GLY D 152 -6.38 27.24 2.12
N PRO D 153 -6.63 26.65 0.93
CA PRO D 153 -5.77 26.90 -0.23
C PRO D 153 -5.64 28.39 -0.56
N ALA D 154 -6.61 29.21 -0.16
CA ALA D 154 -6.53 30.66 -0.42
C ALA D 154 -5.51 31.33 0.48
N ARG D 155 -5.45 30.87 1.73
CA ARG D 155 -4.46 31.36 2.69
C ARG D 155 -3.08 30.95 2.22
N GLY D 156 -3.00 29.74 1.66
CA GLY D 156 -1.74 29.24 1.15
C GLY D 156 -1.24 30.08 -0.01
N LEU D 157 -2.17 30.51 -0.84
CA LEU D 157 -1.79 31.29 -2.01
C LEU D 157 -1.36 32.71 -1.64
N ALA D 158 -2.03 33.31 -0.65
CA ALA D 158 -1.64 34.63 -0.16
C ALA D 158 -0.21 34.64 0.40
N LYS D 159 0.14 33.57 1.09
CA LYS D 159 1.48 33.41 1.64
C LYS D 159 2.54 33.24 0.55
N LEU D 160 2.13 32.90 -0.67
CA LEU D 160 3.08 32.69 -1.77
C LEU D 160 3.30 33.93 -2.64
N ILE D 161 2.36 34.87 -2.56
CA ILE D 161 2.41 36.06 -3.41
C ILE D 161 2.30 37.37 -2.64
N ASP D 162 2.78 38.43 -3.26
CA ASP D 162 2.67 39.75 -2.68
C ASP D 162 1.84 40.65 -3.59
N LEU D 163 0.62 40.96 -3.16
CA LEU D 163 -0.25 41.86 -3.90
C LEU D 163 -0.45 43.20 -3.18
N SER D 164 0.65 43.80 -2.77
CA SER D 164 0.64 45.02 -1.95
C SER D 164 0.74 46.28 -2.80
N GLY D 165 0.51 47.41 -2.15
CA GLY D 165 0.79 48.70 -2.77
C GLY D 165 -0.24 49.26 -3.73
N GLY D 166 -1.49 48.86 -3.58
CA GLY D 166 -2.57 49.39 -4.41
C GLY D 166 -2.80 48.65 -5.72
N LYS D 167 -3.26 47.41 -5.62
CA LYS D 167 -3.39 46.55 -6.78
C LYS D 167 -4.85 46.33 -7.19
N LYS D 168 -5.04 45.89 -8.43
CA LYS D 168 -6.36 45.50 -8.91
C LYS D 168 -6.33 44.03 -9.32
N LEU D 169 -7.18 43.22 -8.68
CA LEU D 169 -7.27 41.78 -8.96
C LEU D 169 -8.56 41.40 -9.69
N LEU D 170 -8.40 40.61 -10.75
CA LEU D 170 -9.52 40.04 -11.48
C LEU D 170 -9.50 38.53 -11.29
N ASP D 171 -10.57 38.00 -10.70
CA ASP D 171 -10.71 36.58 -10.38
C ASP D 171 -11.80 36.04 -11.27
N VAL D 172 -11.42 35.36 -12.35
CA VAL D 172 -12.41 34.91 -13.31
C VAL D 172 -13.00 33.56 -12.93
N GLY D 173 -14.30 33.54 -12.69
CA GLY D 173 -14.96 32.38 -12.11
C GLY D 173 -14.52 32.25 -10.67
N GLY D 174 -14.33 33.39 -10.00
CA GLY D 174 -13.89 33.41 -8.63
C GLY D 174 -14.94 32.94 -7.65
N GLY D 175 -16.10 32.54 -8.17
CA GLY D 175 -17.14 31.95 -7.34
C GLY D 175 -17.68 32.87 -6.27
N THR D 176 -17.90 32.35 -5.07
CA THR D 176 -18.41 33.17 -3.97
C THR D 176 -17.32 34.00 -3.32
N GLY D 177 -16.13 34.00 -3.92
CA GLY D 177 -15.04 34.86 -3.51
C GLY D 177 -14.11 34.42 -2.39
N ALA D 178 -14.00 33.12 -2.12
CA ALA D 178 -13.10 32.63 -1.07
C ALA D 178 -11.69 33.20 -1.20
N PHE D 179 -11.08 32.99 -2.35
CA PHE D 179 -9.78 33.56 -2.64
C PHE D 179 -9.78 35.09 -2.51
N ALA D 180 -10.61 35.76 -3.31
CA ALA D 180 -10.69 37.22 -3.29
C ALA D 180 -10.84 37.77 -1.87
N ILE D 181 -11.74 37.18 -1.09
CA ILE D 181 -11.99 37.66 0.26
C ILE D 181 -10.71 37.55 1.06
N THR D 182 -10.04 36.41 0.90
CA THR D 182 -8.84 36.08 1.66
C THR D 182 -7.62 36.96 1.32
N LEU D 183 -7.51 37.34 0.05
CA LEU D 183 -6.37 38.14 -0.42
C LEU D 183 -6.61 39.62 -0.17
N CYS D 184 -7.88 40.00 -0.13
CA CYS D 184 -8.26 41.33 0.27
C CYS D 184 -8.05 41.48 1.77
N LYS D 185 -8.46 40.49 2.54
CA LYS D 185 -8.19 40.50 3.97
C LYS D 185 -6.71 40.64 4.27
N ALA D 186 -5.86 40.09 3.40
CA ALA D 186 -4.42 40.10 3.62
C ALA D 186 -3.78 41.44 3.20
N PHE D 187 -4.04 41.85 1.97
CA PHE D 187 -3.43 43.05 1.41
C PHE D 187 -4.42 44.21 1.43
N ALA D 188 -4.26 45.10 2.41
CA ALA D 188 -5.31 46.06 2.76
C ALA D 188 -5.70 47.04 1.65
N ASP D 189 -4.82 47.22 0.68
CA ASP D 189 -5.07 48.19 -0.39
C ASP D 189 -5.55 47.55 -1.69
N LEU D 190 -5.77 46.24 -1.66
CA LEU D 190 -6.16 45.48 -2.84
C LEU D 190 -7.63 45.66 -3.15
N ALA D 191 -7.96 45.82 -4.44
CA ALA D 191 -9.34 45.78 -4.90
C ALA D 191 -9.57 44.56 -5.79
N ALA D 192 -10.73 43.94 -5.67
CA ALA D 192 -10.99 42.76 -6.49
C ALA D 192 -12.22 42.86 -7.36
N THR D 193 -12.21 42.08 -8.44
CA THR D 193 -13.38 41.93 -9.28
C THR D 193 -13.57 40.45 -9.59
N ILE D 194 -14.73 39.91 -9.20
CA ILE D 194 -15.07 38.51 -9.45
C ILE D 194 -16.04 38.40 -10.63
N VAL D 195 -15.71 37.55 -11.60
CA VAL D 195 -16.63 37.27 -12.72
C VAL D 195 -17.21 35.86 -12.58
N ASP D 196 -18.52 35.74 -12.33
CA ASP D 196 -19.18 34.44 -12.21
C ASP D 196 -20.70 34.56 -12.50
N PHE D 197 -21.36 33.43 -12.70
CA PHE D 197 -22.79 33.39 -13.02
C PHE D 197 -23.68 34.05 -11.95
N PRO D 198 -24.93 34.44 -12.32
CA PRO D 198 -25.85 35.16 -11.43
C PRO D 198 -26.12 34.48 -10.10
N ASN D 199 -26.60 33.23 -10.13
CA ASN D 199 -26.91 32.50 -8.90
C ASN D 199 -25.70 32.37 -7.96
N VAL D 200 -24.50 32.29 -8.55
CA VAL D 200 -23.25 32.25 -7.80
C VAL D 200 -22.88 33.62 -7.19
N ALA D 201 -22.92 34.66 -8.01
CA ALA D 201 -22.59 36.01 -7.55
C ALA D 201 -23.58 36.46 -6.50
N ALA D 202 -24.86 36.19 -6.73
CA ALA D 202 -25.88 36.42 -5.70
C ALA D 202 -25.47 35.85 -4.33
N LEU D 203 -24.86 34.66 -4.31
CA LEU D 203 -24.32 34.11 -3.06
C LEU D 203 -23.10 34.86 -2.59
N GLY D 204 -22.14 35.03 -3.48
CA GLY D 204 -20.89 35.69 -3.17
C GLY D 204 -21.08 37.00 -2.43
N LYS D 205 -22.03 37.81 -2.91
CA LYS D 205 -22.18 39.14 -2.32
C LYS D 205 -22.41 39.04 -0.82
N GLY D 206 -23.14 38.01 -0.41
CA GLY D 206 -23.40 37.79 1.00
C GLY D 206 -22.12 37.55 1.76
N TYR D 207 -21.29 36.68 1.22
CA TYR D 207 -20.00 36.37 1.81
C TYR D 207 -19.10 37.60 1.83
N VAL D 208 -19.21 38.41 0.78
CA VAL D 208 -18.44 39.63 0.67
C VAL D 208 -18.86 40.71 1.67
N GLU D 209 -20.16 41.02 1.73
CA GLU D 209 -20.64 42.03 2.68
C GLU D 209 -20.33 41.67 4.12
N LYS D 210 -20.59 40.41 4.50
CA LYS D 210 -20.33 39.95 5.86
C LYS D 210 -18.84 39.95 6.18
N ALA D 211 -18.00 40.07 5.17
CA ALA D 211 -16.58 40.20 5.44
C ALA D 211 -16.17 41.67 5.60
N GLY D 212 -17.11 42.58 5.34
CA GLY D 212 -16.84 44.01 5.33
C GLY D 212 -16.02 44.45 4.14
N LEU D 213 -16.24 43.80 3.00
CA LEU D 213 -15.40 44.04 1.81
C LEU D 213 -16.18 44.55 0.61
N SER D 214 -17.44 44.91 0.84
CA SER D 214 -18.30 45.47 -0.19
C SER D 214 -17.68 46.62 -1.00
N ASP D 215 -16.81 47.38 -0.37
CA ASP D 215 -16.29 48.58 -1.03
C ASP D 215 -15.14 48.20 -1.96
N ARG D 216 -14.44 47.12 -1.61
CA ARG D 216 -13.23 46.73 -2.32
C ARG D 216 -13.42 45.53 -3.26
N ILE D 217 -14.56 44.84 -3.15
CA ILE D 217 -14.85 43.71 -4.03
C ILE D 217 -16.17 43.83 -4.78
N GLU D 218 -16.11 43.76 -6.11
CA GLU D 218 -17.28 43.87 -6.97
C GLU D 218 -17.49 42.61 -7.79
N TYR D 219 -18.74 42.36 -8.19
CA TYR D 219 -19.05 41.29 -9.14
C TYR D 219 -19.28 41.81 -10.53
N VAL D 220 -18.94 41.00 -11.52
CA VAL D 220 -19.37 41.23 -12.89
C VAL D 220 -20.11 39.98 -13.26
N ILE D 221 -21.43 40.08 -13.32
CA ILE D 221 -22.28 38.91 -13.40
C ILE D 221 -22.35 38.38 -14.83
N GLY D 222 -21.98 37.13 -15.03
CA GLY D 222 -22.24 36.50 -16.30
C GLY D 222 -21.23 35.47 -16.75
N ASP D 223 -21.56 34.81 -17.85
CA ASP D 223 -20.63 33.93 -18.51
C ASP D 223 -19.37 34.73 -18.84
N ALA D 224 -18.25 34.25 -18.29
CA ALA D 224 -17.00 34.97 -18.41
C ALA D 224 -16.58 35.05 -19.88
N LEU D 225 -16.99 34.07 -20.67
CA LEU D 225 -16.59 33.98 -22.07
C LEU D 225 -17.29 35.03 -22.94
N ARG D 226 -18.44 35.52 -22.47
CA ARG D 226 -19.27 36.43 -23.23
C ARG D 226 -19.38 37.83 -22.60
N THR D 227 -18.68 38.03 -21.49
CA THR D 227 -18.80 39.27 -20.76
C THR D 227 -17.49 40.03 -20.79
N GLU D 228 -17.56 41.34 -20.80
CA GLU D 228 -16.37 42.18 -20.80
C GLU D 228 -15.75 42.20 -19.39
N TRP D 229 -14.43 42.03 -19.32
CA TRP D 229 -13.70 42.13 -18.05
C TRP D 229 -13.06 43.50 -17.95
N PRO D 230 -12.88 44.01 -16.71
CA PRO D 230 -12.12 45.27 -16.56
C PRO D 230 -10.70 45.13 -17.09
N ARG D 231 -10.09 46.22 -17.52
CA ARG D 231 -8.73 46.16 -18.06
C ARG D 231 -7.74 46.73 -17.06
N GLU D 232 -6.46 46.74 -17.46
CA GLU D 232 -5.39 47.24 -16.60
C GLU D 232 -5.41 46.65 -15.18
N GLN D 233 -5.48 45.33 -15.08
CA GLN D 233 -5.44 44.65 -13.81
C GLN D 233 -3.99 44.33 -13.39
N ASP D 234 -3.78 44.13 -12.10
CA ASP D 234 -2.45 43.79 -11.60
C ASP D 234 -2.26 42.27 -11.48
N ALA D 235 -3.30 41.57 -11.05
CA ALA D 235 -3.30 40.11 -11.03
C ALA D 235 -4.60 39.57 -11.61
N ILE D 236 -4.52 38.39 -12.21
CA ILE D 236 -5.67 37.68 -12.74
C ILE D 236 -5.55 36.23 -12.27
N LEU D 237 -6.52 35.84 -11.45
CA LEU D 237 -6.60 34.51 -10.92
C LEU D 237 -7.66 33.70 -11.68
N MET D 238 -7.31 32.52 -12.14
CA MET D 238 -8.27 31.53 -12.63
C MET D 238 -8.08 30.23 -11.85
N SER D 239 -8.99 29.99 -10.92
CA SER D 239 -8.90 28.84 -10.03
C SER D 239 -10.08 27.88 -10.30
N TYR D 240 -9.77 26.75 -10.93
CA TYR D 240 -10.77 25.76 -11.35
C TYR D 240 -11.65 26.25 -12.49
N LEU D 241 -11.10 27.15 -13.30
CA LEU D 241 -11.82 27.69 -14.44
C LEU D 241 -11.60 26.83 -15.69
N PHE D 242 -10.34 26.50 -15.97
CA PHE D 242 -10.01 25.70 -17.15
C PHE D 242 -10.62 24.30 -17.18
N SER D 243 -10.66 23.64 -16.02
CA SER D 243 -11.29 22.32 -15.86
C SER D 243 -12.71 22.22 -16.43
N GLY D 244 -13.54 23.21 -16.12
CA GLY D 244 -14.96 23.15 -16.46
C GLY D 244 -15.35 23.92 -17.71
N VAL D 245 -14.35 24.26 -18.52
CA VAL D 245 -14.56 25.08 -19.70
C VAL D 245 -14.12 24.29 -20.91
N ALA D 246 -14.77 24.53 -22.05
CA ALA D 246 -14.48 23.80 -23.28
C ALA D 246 -13.02 24.05 -23.69
N GLY D 247 -12.34 23.00 -24.14
CA GLY D 247 -10.94 23.11 -24.46
C GLY D 247 -10.71 24.10 -25.58
N ASP D 248 -11.73 24.19 -26.44
CA ASP D 248 -11.90 25.21 -27.48
C ASP D 248 -11.50 26.60 -26.99
N GLU D 249 -11.74 26.89 -25.71
CA GLU D 249 -11.62 28.25 -25.17
C GLU D 249 -10.32 28.53 -24.39
N HIS D 250 -9.47 27.52 -24.22
CA HIS D 250 -8.27 27.64 -23.39
C HIS D 250 -7.24 28.63 -23.93
N ASP D 251 -6.92 28.51 -25.21
CA ASP D 251 -5.98 29.44 -25.82
C ASP D 251 -6.43 30.86 -25.55
N SER D 252 -7.67 31.14 -25.90
CA SER D 252 -8.16 32.51 -25.91
C SER D 252 -8.48 33.09 -24.52
N LEU D 253 -8.53 32.23 -23.51
CA LEU D 253 -8.58 32.72 -22.13
C LEU D 253 -7.22 33.28 -21.70
N LEU D 254 -6.16 32.59 -22.10
CA LEU D 254 -4.81 33.03 -21.78
C LEU D 254 -4.54 34.38 -22.43
N LYS D 255 -4.94 34.53 -23.69
CA LYS D 255 -4.78 35.78 -24.45
C LYS D 255 -5.47 36.95 -23.77
N ARG D 256 -6.72 36.75 -23.37
CA ARG D 256 -7.48 37.81 -22.73
C ARG D 256 -6.84 38.21 -21.43
N ALA D 257 -6.50 37.22 -20.62
CA ALA D 257 -5.78 37.50 -19.38
C ALA D 257 -4.57 38.38 -19.70
N TYR D 258 -3.78 37.99 -20.68
CA TYR D 258 -2.65 38.79 -21.12
C TYR D 258 -3.07 40.24 -21.43
N ASP D 259 -4.10 40.39 -22.26
CA ASP D 259 -4.54 41.71 -22.68
C ASP D 259 -5.16 42.55 -21.57
N HIS D 260 -5.59 41.89 -20.48
CA HIS D 260 -6.23 42.59 -19.38
C HIS D 260 -5.30 42.84 -18.23
N LEU D 261 -4.03 42.59 -18.46
CA LEU D 261 -3.01 42.83 -17.45
C LEU D 261 -2.20 44.08 -17.81
N VAL D 262 -1.84 44.86 -16.81
CA VAL D 262 -0.89 45.94 -17.04
C VAL D 262 0.46 45.27 -17.30
N PRO D 263 1.43 46.01 -17.82
CA PRO D 263 2.75 45.39 -17.98
C PRO D 263 3.32 45.01 -16.61
N GLY D 264 4.00 43.86 -16.53
CA GLY D 264 4.50 43.35 -15.26
C GLY D 264 3.46 42.69 -14.34
N GLY D 265 2.19 42.72 -14.74
CA GLY D 265 1.13 42.08 -13.98
C GLY D 265 1.19 40.56 -14.05
N ARG D 266 0.53 39.90 -13.11
CA ARG D 266 0.65 38.44 -12.99
C ARG D 266 -0.65 37.67 -13.27
N LEU D 267 -0.54 36.61 -14.08
CA LEU D 267 -1.63 35.67 -14.23
C LEU D 267 -1.34 34.46 -13.34
N LEU D 268 -2.38 34.01 -12.64
CA LEU D 268 -2.33 32.89 -11.71
C LEU D 268 -3.36 31.84 -12.14
N ILE D 269 -2.90 30.62 -12.44
CA ILE D 269 -3.80 29.56 -12.80
C ILE D 269 -3.72 28.41 -11.81
N HIS D 270 -4.79 28.22 -11.04
CA HIS D 270 -4.86 27.17 -10.05
C HIS D 270 -5.81 26.11 -10.56
N ASP D 271 -5.30 24.90 -10.74
CA ASP D 271 -6.16 23.86 -11.29
C ASP D 271 -5.65 22.43 -11.22
N PHE D 272 -6.57 21.50 -11.48
CA PHE D 272 -6.26 20.10 -11.62
C PHE D 272 -5.43 19.89 -12.86
N VAL D 273 -4.14 19.65 -12.67
CA VAL D 273 -3.23 19.51 -13.79
C VAL D 273 -2.50 18.20 -13.68
N VAL D 274 -2.46 17.44 -14.78
CA VAL D 274 -1.63 16.24 -14.75
C VAL D 274 -0.27 16.56 -15.35
N THR D 275 0.67 15.64 -15.16
CA THR D 275 2.00 15.82 -15.70
C THR D 275 1.99 15.37 -17.15
N ALA D 276 2.93 15.91 -17.93
CA ALA D 276 3.01 15.60 -19.35
C ALA D 276 3.13 14.11 -19.66
N ASP D 277 3.64 13.31 -18.74
CA ASP D 277 3.80 11.90 -19.03
C ASP D 277 2.49 11.16 -18.79
N ARG D 278 1.52 11.92 -18.26
CA ARG D 278 0.16 11.44 -18.01
C ARG D 278 0.13 10.21 -17.12
N THR D 279 0.84 10.32 -16.00
CA THR D 279 1.01 9.24 -15.06
C THR D 279 0.33 9.62 -13.76
N GLY D 280 -0.13 10.87 -13.67
CA GLY D 280 -0.72 11.39 -12.44
C GLY D 280 -0.57 12.90 -12.39
N PRO D 281 -0.84 13.49 -11.22
CA PRO D 281 -1.26 12.78 -10.00
C PRO D 281 -2.67 12.19 -10.15
N LYS D 282 -2.86 10.97 -9.65
CA LYS D 282 -4.14 10.26 -9.67
C LYS D 282 -5.36 11.15 -9.41
N LEU D 283 -5.31 11.97 -8.37
CA LEU D 283 -6.48 12.76 -8.00
C LEU D 283 -6.80 13.86 -9.01
N ALA D 284 -5.77 14.48 -9.58
CA ALA D 284 -6.00 15.50 -10.58
C ALA D 284 -6.59 14.82 -11.80
N ALA D 285 -6.06 13.64 -12.15
CA ALA D 285 -6.50 12.94 -13.33
C ALA D 285 -7.97 12.58 -13.21
N LEU D 286 -8.41 12.23 -12.00
CA LEU D 286 -9.78 11.79 -11.77
C LEU D 286 -10.77 12.98 -11.71
N TRP D 287 -10.34 14.11 -11.16
CA TRP D 287 -11.17 15.31 -11.15
C TRP D 287 -11.35 15.84 -12.58
N GLN D 288 -10.30 15.68 -13.38
CA GLN D 288 -10.42 15.99 -14.80
C GLN D 288 -11.52 15.16 -15.47
N LEU D 289 -11.55 13.86 -15.16
CA LEU D 289 -12.64 13.03 -15.64
C LEU D 289 -14.02 13.47 -15.08
N GLN D 290 -14.09 13.80 -13.79
CA GLN D 290 -15.32 14.34 -13.18
C GLN D 290 -15.87 15.59 -13.90
N HIS D 291 -15.07 16.65 -14.00
CA HIS D 291 -15.50 17.85 -14.70
C HIS D 291 -16.02 17.54 -16.11
N THR D 292 -15.42 16.55 -16.75
CA THR D 292 -15.81 16.18 -18.11
C THR D 292 -17.23 15.63 -18.16
N ALA D 293 -17.69 15.09 -17.03
CA ALA D 293 -19.04 14.54 -16.98
C ALA D 293 -20.08 15.61 -17.32
N PHE D 294 -19.78 16.87 -16.94
CA PHE D 294 -20.68 17.98 -17.22
C PHE D 294 -20.00 19.12 -18.00
N THR D 295 -18.94 18.77 -18.71
CA THR D 295 -18.22 19.69 -19.56
C THR D 295 -17.65 18.85 -20.68
N PRO D 296 -18.53 18.18 -21.45
CA PRO D 296 -18.11 17.21 -22.47
C PRO D 296 -17.07 17.73 -23.45
N GLU D 297 -16.73 19.02 -23.46
CA GLU D 297 -15.67 19.49 -24.35
C GLU D 297 -14.42 19.89 -23.59
N ALA D 298 -14.37 19.48 -22.32
CA ALA D 298 -13.13 19.55 -21.57
C ALA D 298 -11.99 18.82 -22.27
N ARG D 299 -10.78 19.31 -22.06
CA ARG D 299 -9.57 18.60 -22.48
C ARG D 299 -8.66 18.48 -21.26
N SER D 300 -7.72 17.55 -21.31
CA SER D 300 -6.74 17.37 -20.23
C SER D 300 -5.71 18.52 -20.17
N LEU D 301 -5.71 19.27 -19.06
CA LEU D 301 -4.65 20.24 -18.79
C LEU D 301 -3.44 19.51 -18.29
N ASP D 302 -2.32 19.59 -19.01
CA ASP D 302 -1.08 19.03 -18.48
C ASP D 302 -0.11 20.17 -18.28
N ASP D 303 0.90 19.96 -17.44
CA ASP D 303 1.85 21.01 -17.06
C ASP D 303 2.71 21.54 -18.21
N GLU D 304 3.06 20.69 -19.16
CA GLU D 304 3.92 21.12 -20.26
C GLU D 304 3.15 22.01 -21.23
N TRP D 305 1.99 21.54 -21.68
CA TRP D 305 1.10 22.35 -22.49
C TRP D 305 0.91 23.71 -21.85
N LEU D 306 0.66 23.73 -20.56
CA LEU D 306 0.32 24.96 -19.86
C LEU D 306 1.45 25.97 -19.88
N ALA D 307 2.67 25.52 -19.57
CA ALA D 307 3.82 26.42 -19.57
C ALA D 307 4.12 26.90 -20.99
N GLU D 308 3.99 25.99 -21.95
CA GLU D 308 4.26 26.35 -23.34
C GLU D 308 3.26 27.40 -23.88
N GLN D 309 1.97 27.15 -23.69
CA GLN D 309 0.96 28.08 -24.17
C GLN D 309 1.12 29.45 -23.52
N LEU D 310 1.55 29.45 -22.25
CA LEU D 310 1.78 30.68 -21.55
C LEU D 310 2.92 31.48 -22.19
N LYS D 311 3.99 30.80 -22.60
CA LYS D 311 5.09 31.49 -23.27
C LYS D 311 4.61 31.91 -24.65
N LYS D 312 3.89 31.00 -25.31
CA LYS D 312 3.29 31.28 -26.62
C LYS D 312 2.49 32.58 -26.59
N THR D 313 1.68 32.74 -25.56
CA THR D 313 0.78 33.87 -25.45
C THR D 313 1.54 35.16 -25.14
N GLY D 314 2.79 35.03 -24.68
CA GLY D 314 3.60 36.20 -24.38
C GLY D 314 4.17 36.35 -22.97
N PHE D 315 3.84 35.44 -22.05
CA PHE D 315 4.27 35.59 -20.66
C PHE D 315 5.75 35.21 -20.43
N THR D 316 6.27 35.59 -19.28
CA THR D 316 7.62 35.21 -18.85
C THR D 316 7.63 34.89 -17.36
N ASP D 317 8.74 34.32 -16.89
CA ASP D 317 8.88 33.94 -15.48
C ASP D 317 7.74 32.96 -15.18
N VAL D 318 7.52 32.09 -16.14
CA VAL D 318 6.49 31.08 -16.12
C VAL D 318 6.92 29.86 -15.33
N LYS D 319 6.40 29.71 -14.10
CA LYS D 319 6.63 28.49 -13.36
C LYS D 319 5.33 27.76 -13.07
N VAL D 320 5.44 26.45 -12.93
CA VAL D 320 4.32 25.59 -12.57
C VAL D 320 4.79 24.69 -11.42
N GLY D 321 4.01 24.63 -10.35
CA GLY D 321 4.39 23.82 -9.21
C GLY D 321 3.16 23.30 -8.52
N PRO D 322 3.35 22.42 -7.52
CA PRO D 322 2.23 21.84 -6.81
C PRO D 322 1.51 22.91 -6.02
N MET D 323 0.24 22.69 -5.72
CA MET D 323 -0.50 23.55 -4.82
C MET D 323 -1.21 22.73 -3.76
N ILE D 324 -2.32 22.11 -4.11
CA ILE D 324 -2.97 21.23 -3.17
C ILE D 324 -2.39 19.84 -3.36
N PRO D 325 -1.70 19.33 -2.32
CA PRO D 325 -0.85 18.15 -2.46
C PRO D 325 -1.53 16.98 -3.19
N GLY D 326 -0.97 16.59 -4.33
CA GLY D 326 -1.46 15.46 -5.09
C GLY D 326 -2.71 15.76 -5.90
N MET D 327 -3.15 17.01 -5.91
CA MET D 327 -4.43 17.34 -6.55
C MET D 327 -4.36 18.45 -7.58
N THR D 328 -3.86 19.63 -7.18
CA THR D 328 -3.80 20.78 -8.07
C THR D 328 -2.41 21.40 -8.17
N MET D 329 -2.17 22.09 -9.26
CA MET D 329 -0.95 22.85 -9.44
C MET D 329 -1.27 24.33 -9.49
N LEU D 330 -0.23 25.15 -9.42
CA LEU D 330 -0.34 26.58 -9.59
C LEU D 330 0.69 27.03 -10.62
N ALA D 331 0.20 27.74 -11.62
CA ALA D 331 1.05 28.27 -12.68
C ALA D 331 1.11 29.78 -12.56
N GLU D 332 2.32 30.31 -12.50
CA GLU D 332 2.53 31.74 -12.37
C GLU D 332 3.19 32.27 -13.62
N ALA D 333 2.66 33.38 -14.13
CA ALA D 333 3.25 34.00 -15.29
C ALA D 333 3.26 35.53 -15.17
N VAL D 334 4.26 36.17 -15.76
CA VAL D 334 4.28 37.62 -15.77
C VAL D 334 4.23 38.14 -17.19
N ARG D 335 3.30 39.06 -17.44
CA ARG D 335 3.31 39.88 -18.65
C ARG D 335 4.49 40.82 -18.58
N PRO D 336 5.38 40.78 -19.59
CA PRO D 336 6.64 41.53 -19.59
C PRO D 336 6.49 43.01 -19.23
N GLU D 337 7.45 43.49 -18.43
CA GLU D 337 7.50 44.89 -18.01
C GLU D 337 7.65 45.80 -19.22
N SAH E . -26.59 -17.71 -4.93
CA SAH E . -26.17 -17.17 -6.26
CB SAH E . -26.82 -15.81 -6.52
CG SAH E . -26.41 -14.67 -5.61
SD SAH E . -27.54 -13.25 -5.43
C SAH E . -24.68 -17.11 -6.33
O SAH E . -23.97 -17.31 -5.35
OXT SAH E . -24.15 -16.84 -7.44
C5' SAH E . -28.76 -13.58 -4.14
C4' SAH E . -29.83 -14.40 -4.59
O4' SAH E . -30.71 -14.64 -3.47
C3' SAH E . -30.59 -13.67 -5.58
O3' SAH E . -30.79 -14.47 -6.65
C2' SAH E . -31.85 -13.28 -4.92
O2' SAH E . -32.91 -13.31 -5.83
C1' SAH E . -32.01 -14.32 -3.89
N9 SAH E . -32.77 -13.98 -2.73
C8 SAH E . -32.46 -13.07 -1.79
N7 SAH E . -33.39 -13.12 -0.85
C5 SAH E . -34.31 -14.07 -1.16
C6 SAH E . -35.49 -14.54 -0.55
N6 SAH E . -35.99 -13.98 0.74
N1 SAH E . -36.18 -15.52 -1.17
C2 SAH E . -35.77 -16.03 -2.32
N3 SAH E . -34.63 -15.60 -2.92
C4 SAH E . -33.91 -14.63 -2.37
C01 H9L F . -24.07 -9.15 -5.04
S H9L F . -22.90 -9.38 -6.39
C02 H9L F . -21.48 -10.35 -5.81
C03 H9L F . -21.04 -11.34 -6.89
C04 H9L F . -19.54 -11.20 -7.09
C H9L F . -19.08 -12.07 -8.27
O01 H9L F . -18.86 -11.61 -5.94
O02 H9L F . -17.90 -11.99 -8.66
O H9L F . -19.88 -12.86 -8.83
N SAH G . 30.29 16.06 1.10
CA SAH G . 30.45 14.87 0.19
CB SAH G . 30.64 13.59 1.00
CG SAH G . 29.44 13.02 1.72
SD SAH G . 29.81 11.61 2.82
C SAH G . 29.27 14.78 -0.71
O SAH G . 29.34 14.16 -1.76
OXT SAH G . 28.19 15.35 -0.38
C5' SAH G . 30.64 12.16 4.33
C4' SAH G . 31.98 12.65 4.19
O4' SAH G . 32.29 13.52 5.31
C3' SAH G . 32.93 11.55 4.26
O3' SAH G . 33.87 11.78 3.31
C2' SAH G . 33.50 11.62 5.62
O2' SAH G . 34.81 11.19 5.65
C1' SAH G . 33.46 13.05 5.90
N9 SAH G . 33.56 13.33 7.30
C8 SAH G . 32.67 12.94 8.24
N7 SAH G . 33.10 13.42 9.41
C5 SAH G . 34.26 14.12 9.21
C6 SAH G . 35.13 14.81 10.07
N6 SAH G . 34.85 14.88 11.53
N1 SAH G . 36.22 15.40 9.54
C2 SAH G . 36.46 15.33 8.24
N3 SAH G . 35.64 14.68 7.38
C4 SAH G . 34.54 14.06 7.85
C TRS H . 28.73 -6.49 4.35
C1 TRS H . 28.80 -7.85 4.95
C2 TRS H . 27.56 -6.39 3.41
C3 TRS H . 28.62 -5.49 5.47
N TRS H . 29.95 -6.29 3.62
O1 TRS H . 29.22 -8.90 4.15
O2 TRS H . 26.40 -5.70 3.75
O3 TRS H . 28.99 -4.16 5.35
C01 H9L I . 25.47 9.98 1.89
S H9L I . 24.66 8.42 1.40
C02 H9L I . 23.02 8.79 0.74
C03 H9L I . 23.16 9.68 -0.48
C04 H9L I . 23.55 8.81 -1.68
C H9L I . 23.57 9.64 -2.96
O01 H9L I . 22.62 7.77 -1.79
O02 H9L I . 24.63 10.21 -3.30
O H9L I . 22.54 9.75 -3.67
N SAH J . 8.94 -28.50 13.46
CA SAH J . 9.18 -27.31 14.34
CB SAH J . 10.60 -26.77 14.09
CG SAH J . 10.67 -25.64 13.09
SD SAH J . 12.28 -25.17 12.36
C SAH J . 8.10 -26.30 14.09
O SAH J . 7.30 -26.44 13.18
OXT SAH J . 8.01 -25.28 14.84
C5' SAH J . 12.97 -26.65 11.60
C4' SAH J . 13.48 -27.64 12.51
O4' SAH J . 13.98 -28.72 11.69
C3' SAH J . 14.63 -27.08 13.22
O3' SAH J . 14.47 -27.24 14.55
C2' SAH J . 15.82 -27.79 12.70
O2' SAH J . 16.76 -28.08 13.69
C1' SAH J . 15.25 -29.04 12.14
N9 SAH J . 16.08 -29.65 11.14
C8 SAH J . 16.49 -29.11 9.97
N7 SAH J . 17.21 -30.03 9.33
C5 SAH J . 17.26 -31.16 10.10
C6 SAH J . 17.84 -32.43 9.96
N6 SAH J . 18.64 -32.77 8.75
N1 SAH J . 17.68 -33.36 10.93
C2 SAH J . 16.98 -33.07 12.01
N3 SAH J . 16.41 -31.87 12.17
C4 SAH J . 16.52 -30.91 11.25
C TRS K . 23.00 -10.82 13.70
C1 TRS K . 24.35 -10.22 13.43
C2 TRS K . 23.10 -12.31 13.59
C3 TRS K . 22.61 -10.41 15.09
N TRS K . 21.96 -10.31 12.80
O1 TRS K . 25.15 -10.75 12.42
O2 TRS K . 23.03 -12.92 12.35
O3 TRS K . 23.49 -10.57 16.13
C01 H9L L . 12.16 -20.11 9.85
S H9L L . 10.85 -19.53 10.97
C02 H9L L . 9.23 -20.06 10.34
C03 H9L L . 8.31 -20.45 11.49
C04 H9L L . 7.34 -19.31 11.80
C H9L L . 6.15 -19.85 12.60
O01 H9L L . 6.89 -18.74 10.61
O02 H9L L . 5.88 -19.35 13.73
O H9L L . 5.43 -20.78 12.14
N SAH M . -12.52 30.27 -8.21
CA SAH M . -13.29 29.69 -7.07
CB SAH M . -14.45 28.87 -7.60
CG SAH M . -14.07 27.47 -8.01
SD SAH M . -15.36 26.44 -8.82
C SAH M . -12.38 28.85 -6.25
O SAH M . -11.38 28.34 -6.74
OXT SAH M . -12.67 28.62 -5.05
C5' SAH M . -15.46 27.02 -10.53
C4' SAH M . -16.13 28.29 -10.64
O4' SAH M . -15.91 28.90 -11.95
C3' SAH M . -17.57 28.08 -10.49
O3' SAH M . -17.99 28.97 -9.58
C2' SAH M . -18.14 28.31 -11.83
O2' SAH M . -19.41 28.89 -11.80
C1' SAH M . -17.17 29.25 -12.44
N9 SAH M . -17.28 29.22 -13.86
C8 SAH M . -17.04 28.16 -14.64
N7 SAH M . -17.22 28.52 -15.91
C5 SAH M . -17.58 29.81 -15.92
C6 SAH M . -17.88 30.68 -16.96
N6 SAH M . -17.83 30.17 -18.35
N1 SAH M . -18.21 31.95 -16.66
C2 SAH M . -18.23 32.37 -15.40
N3 SAH M . -17.94 31.55 -14.37
C4 SAH M . -17.61 30.27 -14.61
C TRS N . -27.04 13.17 -6.94
C1 TRS N . -27.76 12.27 -7.88
C2 TRS N . -26.21 12.32 -6.02
C3 TRS N . -26.14 14.08 -7.71
N TRS N . -27.98 13.91 -6.13
O1 TRS N . -28.22 11.06 -7.38
O2 TRS N . -24.84 12.41 -6.15
O3 TRS N . -26.53 14.55 -8.96
C TRS O . -20.11 8.58 -31.30
C1 TRS O . -21.36 8.41 -30.49
C2 TRS O . -20.46 9.40 -32.50
C3 TRS O . -19.02 9.26 -30.50
N TRS O . -19.60 7.31 -31.73
O1 TRS O . -21.37 7.64 -29.33
O2 TRS O . -19.77 10.57 -32.73
O3 TRS O . -19.14 10.61 -30.17
C01 H9L P . -15.02 21.52 -7.56
S H9L P . -13.72 20.93 -6.43
C02 H9L P . -13.20 22.25 -5.30
C03 H9L P . -11.68 22.22 -5.12
C04 H9L P . -11.29 21.24 -4.02
C H9L P . -11.40 21.91 -2.65
O01 H9L P . -9.98 20.82 -4.21
O02 H9L P . -10.36 22.09 -1.95
O H9L P . -12.52 22.27 -2.22
#